data_1C01
#
_entry.id   1C01
#
_cell.length_a   1.000
_cell.length_b   1.000
_cell.length_c   1.000
_cell.angle_alpha   90.00
_cell.angle_beta   90.00
_cell.angle_gamma   90.00
#
_symmetry.space_group_name_H-M   'P 1'
#
_entity_poly.entity_id   1
_entity_poly.type   'polypeptide(L)'
_entity_poly.pdbx_seq_one_letter_code
;SAFTVWSGPGCNNRAERYSKCGCSAIHQKGGYDFSYTGQTAALYNQAGCSGVAHTRFGSSARACNPFGWKSIFIQC
;
_entity_poly.pdbx_strand_id   A
#
# COMPACT_ATOMS: atom_id res chain seq x y z
N SER A 1 9.04 -7.37 -0.51
CA SER A 1 8.67 -5.99 -0.89
C SER A 1 7.94 -5.27 0.24
N ALA A 2 7.99 -3.96 0.18
CA ALA A 2 7.33 -3.12 1.23
C ALA A 2 6.49 -1.99 0.65
N PHE A 3 5.48 -1.67 1.41
CA PHE A 3 4.51 -0.58 1.05
C PHE A 3 4.78 0.54 2.08
N THR A 4 4.52 1.75 1.68
CA THR A 4 4.76 2.92 2.59
C THR A 4 3.59 3.89 2.41
N VAL A 5 3.26 4.59 3.46
CA VAL A 5 2.13 5.56 3.39
C VAL A 5 2.26 6.68 4.43
N TRP A 6 1.64 7.77 4.08
CA TRP A 6 1.60 8.99 4.92
C TRP A 6 0.11 9.32 5.08
N SER A 7 -0.22 9.99 6.15
CA SER A 7 -1.64 10.38 6.44
C SER A 7 -2.23 11.59 5.68
N GLY A 8 -1.43 12.38 5.03
CA GLY A 8 -1.97 13.56 4.27
C GLY A 8 -1.03 14.79 4.28
N PRO A 9 -1.00 15.56 3.21
CA PRO A 9 -1.90 15.46 2.02
C PRO A 9 -1.50 14.27 1.15
N GLY A 10 -0.24 14.28 0.78
CA GLY A 10 0.34 13.20 -0.07
C GLY A 10 1.34 12.48 0.84
N CYS A 11 2.54 12.36 0.32
CA CYS A 11 3.65 11.68 1.07
C CYS A 11 4.47 12.78 1.75
N ASN A 12 3.83 13.57 2.57
CA ASN A 12 4.56 14.68 3.27
C ASN A 12 4.14 14.82 4.74
N ASN A 13 4.19 13.73 5.48
CA ASN A 13 3.80 13.77 6.92
C ASN A 13 4.08 12.43 7.66
N ARG A 14 3.07 11.83 8.24
CA ARG A 14 3.20 10.54 8.98
C ARG A 14 3.97 9.47 8.20
N ALA A 15 4.70 8.66 8.91
CA ALA A 15 5.51 7.57 8.27
C ALA A 15 5.04 6.22 8.84
N GLU A 16 4.47 5.41 7.99
CA GLU A 16 3.97 4.07 8.42
C GLU A 16 4.10 3.14 7.20
N ARG A 17 4.66 1.97 7.42
CA ARG A 17 4.84 0.97 6.35
C ARG A 17 4.11 -0.36 6.58
N TYR A 18 3.99 -1.10 5.52
CA TYR A 18 3.31 -2.43 5.51
C TYR A 18 4.13 -3.34 4.56
N SER A 19 5.03 -4.10 5.13
CA SER A 19 5.90 -5.01 4.32
C SER A 19 5.62 -6.50 4.59
N LYS A 20 5.04 -6.79 5.74
CA LYS A 20 4.70 -8.20 6.11
C LYS A 20 3.92 -8.94 5.02
N CYS A 21 4.16 -10.22 4.94
CA CYS A 21 3.46 -11.07 3.93
C CYS A 21 1.94 -11.01 4.17
N GLY A 22 1.18 -11.35 3.16
CA GLY A 22 -0.30 -11.32 3.32
C GLY A 22 -0.72 -9.86 3.20
N CYS A 23 -1.77 -9.44 3.87
CA CYS A 23 -2.19 -8.01 3.76
C CYS A 23 -2.38 -7.30 5.11
N SER A 24 -2.59 -6.01 5.00
CA SER A 24 -2.80 -5.13 6.19
C SER A 24 -3.69 -3.92 5.82
N ALA A 25 -4.61 -3.61 6.70
CA ALA A 25 -5.54 -2.46 6.47
C ALA A 25 -4.89 -1.12 6.81
N ILE A 26 -4.68 -0.34 5.79
CA ILE A 26 -4.05 1.01 5.92
C ILE A 26 -5.10 2.03 6.39
N HIS A 27 -4.64 2.98 7.16
CA HIS A 27 -5.53 4.07 7.71
C HIS A 27 -4.93 5.42 7.32
N GLN A 28 -3.69 5.41 6.90
CA GLN A 28 -2.98 6.66 6.50
C GLN A 28 -3.58 7.16 5.17
N LYS A 29 -4.44 8.14 5.31
CA LYS A 29 -5.13 8.76 4.14
C LYS A 29 -4.31 9.90 3.50
N GLY A 30 -3.10 9.59 3.09
CA GLY A 30 -2.23 10.64 2.46
C GLY A 30 -1.54 10.19 1.18
N GLY A 31 -0.30 9.77 1.32
CA GLY A 31 0.50 9.30 0.14
C GLY A 31 0.63 7.78 0.16
N TYR A 32 0.99 7.22 -0.97
CA TYR A 32 1.15 5.73 -1.04
C TYR A 32 2.29 5.33 -1.99
N ASP A 33 3.33 4.87 -1.35
CA ASP A 33 4.56 4.42 -2.05
C ASP A 33 4.68 2.88 -1.99
N PHE A 34 5.50 2.37 -2.86
CA PHE A 34 5.73 0.89 -2.90
C PHE A 34 7.18 0.65 -3.37
N SER A 35 7.66 -0.53 -3.04
CA SER A 35 9.05 -0.94 -3.41
C SER A 35 9.08 -2.44 -3.67
N TYR A 36 9.11 -2.76 -4.93
CA TYR A 36 9.13 -4.18 -5.39
C TYR A 36 10.55 -4.75 -5.27
N THR A 37 10.61 -6.04 -5.08
CA THR A 37 11.91 -6.78 -4.94
C THR A 37 11.53 -8.26 -4.86
N GLY A 38 11.15 -8.76 -6.02
CA GLY A 38 10.74 -10.16 -6.18
C GLY A 38 9.28 -10.38 -5.74
N GLN A 39 8.89 -9.69 -4.69
CA GLN A 39 7.50 -9.82 -4.16
C GLN A 39 6.54 -8.82 -4.81
N THR A 40 5.49 -9.36 -5.36
CA THR A 40 4.45 -8.55 -6.03
C THR A 40 3.45 -8.06 -4.97
N ALA A 41 2.67 -7.07 -5.33
CA ALA A 41 1.67 -6.51 -4.37
C ALA A 41 0.47 -5.92 -5.09
N ALA A 42 -0.67 -6.01 -4.45
CA ALA A 42 -1.93 -5.47 -5.03
C ALA A 42 -2.81 -4.90 -3.93
N LEU A 43 -3.56 -3.89 -4.27
CA LEU A 43 -4.47 -3.22 -3.31
C LEU A 43 -5.80 -3.91 -3.27
N TYR A 44 -6.45 -3.65 -2.18
CA TYR A 44 -7.79 -4.23 -1.89
C TYR A 44 -8.66 -3.13 -1.28
N ASN A 45 -9.67 -2.75 -2.02
CA ASN A 45 -10.63 -1.67 -1.59
C ASN A 45 -11.26 -1.95 -0.22
N GLN A 46 -11.13 -3.18 0.22
CA GLN A 46 -11.69 -3.61 1.53
C GLN A 46 -10.57 -4.11 2.45
N ALA A 47 -10.61 -3.60 3.66
CA ALA A 47 -9.61 -3.95 4.71
C ALA A 47 -9.29 -5.45 4.78
N GLY A 48 -8.07 -5.74 5.19
CA GLY A 48 -7.59 -7.14 5.31
C GLY A 48 -7.81 -7.95 4.04
N CYS A 49 -7.70 -7.28 2.91
CA CYS A 49 -7.88 -7.90 1.56
C CYS A 49 -9.04 -8.93 1.54
N SER A 50 -10.12 -8.51 2.15
CA SER A 50 -11.34 -9.38 2.24
C SER A 50 -12.24 -9.23 1.00
N GLY A 51 -11.59 -9.10 -0.13
CA GLY A 51 -12.31 -8.95 -1.43
C GLY A 51 -11.39 -9.28 -2.60
N VAL A 52 -11.59 -8.57 -3.68
CA VAL A 52 -10.77 -8.76 -4.91
C VAL A 52 -9.77 -7.60 -5.01
N ALA A 53 -8.70 -7.82 -5.73
CA ALA A 53 -7.66 -6.75 -5.90
C ALA A 53 -8.15 -5.63 -6.82
N HIS A 54 -7.33 -4.61 -6.95
CA HIS A 54 -7.69 -3.45 -7.82
C HIS A 54 -6.46 -2.90 -8.55
N THR A 55 -5.48 -2.48 -7.79
CA THR A 55 -4.22 -1.91 -8.38
C THR A 55 -2.99 -2.73 -7.98
N ARG A 56 -2.42 -3.40 -8.95
CA ARG A 56 -1.21 -4.24 -8.71
C ARG A 56 0.07 -3.45 -9.03
N PHE A 57 1.18 -3.97 -8.54
CA PHE A 57 2.52 -3.34 -8.77
C PHE A 57 3.59 -4.42 -9.01
N GLY A 58 4.57 -4.03 -9.79
CA GLY A 58 5.70 -4.96 -10.14
C GLY A 58 7.05 -4.22 -9.98
N SER A 59 6.96 -2.95 -9.67
CA SER A 59 8.16 -2.09 -9.48
C SER A 59 7.83 -0.99 -8.46
N SER A 60 8.83 -0.53 -7.74
CA SER A 60 8.62 0.54 -6.72
C SER A 60 7.76 1.69 -7.29
N ALA A 61 6.64 1.90 -6.66
CA ALA A 61 5.69 2.98 -7.10
C ALA A 61 5.48 3.98 -5.96
N ARG A 62 6.30 5.01 -5.98
CA ARG A 62 6.24 6.10 -4.95
C ARG A 62 5.18 7.17 -5.24
N ALA A 63 3.94 6.79 -5.14
CA ALA A 63 2.82 7.77 -5.40
C ALA A 63 2.53 8.57 -4.13
N CYS A 64 1.91 9.71 -4.32
CA CYS A 64 1.56 10.60 -3.17
C CYS A 64 0.16 11.19 -3.38
N ASN A 65 -0.62 10.43 -4.11
CA ASN A 65 -2.02 10.81 -4.44
C ASN A 65 -2.93 10.42 -3.26
N PRO A 66 -4.15 10.92 -3.21
CA PRO A 66 -5.18 10.44 -2.25
C PRO A 66 -5.34 8.91 -2.33
N PHE A 67 -6.01 8.34 -1.37
CA PHE A 67 -6.22 6.86 -1.37
C PHE A 67 -7.16 6.44 -2.51
N GLY A 68 -7.34 5.15 -2.61
CA GLY A 68 -8.21 4.54 -3.64
C GLY A 68 -8.60 3.12 -3.20
N TRP A 69 -8.02 2.68 -2.11
CA TRP A 69 -8.30 1.31 -1.58
C TRP A 69 -8.33 1.36 -0.05
N LYS A 70 -8.18 0.23 0.60
CA LYS A 70 -8.19 0.17 2.09
C LYS A 70 -6.96 -0.58 2.63
N SER A 71 -6.68 -1.71 2.05
CA SER A 71 -5.52 -2.55 2.47
C SER A 71 -4.55 -2.86 1.32
N ILE A 72 -3.40 -3.34 1.72
CA ILE A 72 -2.32 -3.70 0.76
C ILE A 72 -1.86 -5.14 1.01
N PHE A 73 -1.89 -5.91 -0.04
CA PHE A 73 -1.46 -7.34 0.02
C PHE A 73 -0.09 -7.41 -0.68
N ILE A 74 0.76 -8.24 -0.14
CA ILE A 74 2.13 -8.43 -0.70
C ILE A 74 2.45 -9.92 -0.53
N GLN A 75 2.65 -10.58 -1.64
CA GLN A 75 2.98 -12.04 -1.60
C GLN A 75 4.44 -12.26 -1.17
N CYS A 76 4.73 -13.47 -0.75
CA CYS A 76 6.12 -13.80 -0.30
C CYS A 76 6.47 -15.26 -0.64
N SER A 1 9.60 -6.66 -0.49
CA SER A 1 9.02 -5.37 -0.96
C SER A 1 8.16 -4.73 0.14
N ALA A 2 7.79 -3.48 -0.05
CA ALA A 2 6.97 -2.78 0.99
C ALA A 2 6.22 -1.54 0.51
N PHE A 3 5.07 -1.33 1.09
CA PHE A 3 4.18 -0.17 0.76
C PHE A 3 4.39 0.95 1.80
N THR A 4 5.02 2.02 1.37
CA THR A 4 5.29 3.18 2.29
C THR A 4 4.15 4.18 2.14
N VAL A 5 3.61 4.63 3.24
CA VAL A 5 2.49 5.61 3.19
C VAL A 5 2.66 6.74 4.22
N TRP A 6 2.17 7.90 3.88
CA TRP A 6 2.26 9.09 4.77
C TRP A 6 0.83 9.53 5.18
N SER A 7 0.72 10.28 6.25
CA SER A 7 -0.62 10.75 6.72
C SER A 7 -1.30 11.78 5.81
N GLY A 8 -0.57 12.27 4.84
CA GLY A 8 -1.11 13.28 3.88
C GLY A 8 -0.53 14.68 4.14
N PRO A 9 -0.47 15.51 3.12
CA PRO A 9 -1.24 15.38 1.84
C PRO A 9 -0.59 14.36 0.89
N GLY A 10 0.60 14.68 0.47
CA GLY A 10 1.37 13.81 -0.46
C GLY A 10 2.14 12.76 0.35
N CYS A 11 3.24 12.37 -0.22
CA CYS A 11 4.16 11.35 0.38
C CYS A 11 5.24 12.05 1.21
N ASN A 12 4.81 13.05 1.92
CA ASN A 12 5.71 13.87 2.78
C ASN A 12 5.09 13.77 4.17
N ASN A 13 4.86 14.89 4.84
CA ASN A 13 4.25 14.87 6.20
C ASN A 13 4.74 13.71 7.10
N ARG A 14 3.86 13.13 7.89
CA ARG A 14 4.24 11.99 8.78
C ARG A 14 4.49 10.77 7.88
N ALA A 15 5.50 10.00 8.22
CA ALA A 15 5.84 8.77 7.42
C ALA A 15 5.44 7.50 8.16
N GLU A 16 5.08 6.51 7.39
CA GLU A 16 4.67 5.18 7.96
C GLU A 16 4.95 4.12 6.87
N ARG A 17 4.90 2.87 7.27
CA ARG A 17 5.16 1.75 6.31
C ARG A 17 4.21 0.56 6.53
N TYR A 18 4.10 -0.22 5.48
CA TYR A 18 3.24 -1.44 5.45
C TYR A 18 3.97 -2.52 4.66
N SER A 19 4.82 -3.21 5.36
CA SER A 19 5.64 -4.31 4.75
C SER A 19 5.21 -5.66 5.36
N LYS A 20 4.05 -5.67 5.96
CA LYS A 20 3.53 -6.93 6.59
C LYS A 20 3.30 -8.02 5.54
N CYS A 21 3.89 -9.15 5.84
CA CYS A 21 3.79 -10.35 4.95
C CYS A 21 2.40 -10.95 5.06
N GLY A 22 1.71 -11.00 3.94
CA GLY A 22 0.33 -11.56 3.92
C GLY A 22 -0.70 -10.49 3.58
N CYS A 23 -1.35 -9.96 4.59
CA CYS A 23 -2.39 -8.90 4.38
C CYS A 23 -2.36 -7.83 5.49
N SER A 24 -2.68 -6.61 5.12
CA SER A 24 -2.68 -5.47 6.10
C SER A 24 -3.53 -4.27 5.64
N ALA A 25 -4.44 -3.85 6.49
CA ALA A 25 -5.31 -2.68 6.15
C ALA A 25 -4.52 -1.39 6.41
N ILE A 26 -4.47 -0.54 5.40
CA ILE A 26 -3.74 0.75 5.53
C ILE A 26 -4.59 1.76 6.30
N HIS A 27 -3.94 2.45 7.20
CA HIS A 27 -4.59 3.49 8.05
C HIS A 27 -4.31 4.90 7.54
N GLN A 28 -3.06 5.15 7.23
CA GLN A 28 -2.58 6.47 6.71
C GLN A 28 -3.42 6.95 5.52
N LYS A 29 -4.33 7.84 5.80
CA LYS A 29 -5.24 8.41 4.76
C LYS A 29 -4.58 9.67 4.18
N GLY A 30 -3.51 9.43 3.46
CA GLY A 30 -2.76 10.55 2.83
C GLY A 30 -1.96 10.10 1.62
N GLY A 31 -0.67 10.03 1.80
CA GLY A 31 0.24 9.61 0.70
C GLY A 31 0.46 8.10 0.73
N TYR A 32 0.88 7.59 -0.40
CA TYR A 32 1.14 6.12 -0.53
C TYR A 32 2.29 5.90 -1.51
N ASP A 33 2.90 4.75 -1.39
CA ASP A 33 4.04 4.39 -2.27
C ASP A 33 4.35 2.91 -2.07
N PHE A 34 5.02 2.35 -3.04
CA PHE A 34 5.40 0.92 -2.96
C PHE A 34 6.85 0.83 -3.42
N SER A 35 7.48 -0.26 -3.04
CA SER A 35 8.90 -0.48 -3.42
C SER A 35 9.12 -1.97 -3.61
N TYR A 36 8.93 -2.35 -4.84
CA TYR A 36 9.09 -3.76 -5.26
C TYR A 36 10.59 -4.11 -5.20
N THR A 37 10.87 -5.36 -4.94
CA THR A 37 12.30 -5.82 -4.86
C THR A 37 12.38 -7.20 -5.52
N GLY A 38 11.32 -7.92 -5.32
CA GLY A 38 11.13 -9.28 -5.85
C GLY A 38 9.71 -9.75 -5.51
N GLN A 39 9.07 -8.99 -4.65
CA GLN A 39 7.68 -9.32 -4.22
C GLN A 39 6.64 -8.31 -4.69
N THR A 40 5.65 -8.84 -5.34
CA THR A 40 4.54 -7.98 -5.87
C THR A 40 3.58 -7.70 -4.70
N ALA A 41 2.68 -6.78 -4.91
CA ALA A 41 1.71 -6.45 -3.83
C ALA A 41 0.38 -5.95 -4.39
N ALA A 42 -0.63 -6.75 -4.17
CA ALA A 42 -2.00 -6.43 -4.65
C ALA A 42 -2.65 -5.42 -3.70
N LEU A 43 -3.73 -4.82 -4.14
CA LEU A 43 -4.45 -3.81 -3.31
C LEU A 43 -5.93 -4.14 -3.24
N TYR A 44 -6.31 -4.71 -2.12
CA TYR A 44 -7.73 -5.10 -1.89
C TYR A 44 -8.58 -3.95 -1.39
N ASN A 45 -9.73 -3.83 -2.02
CA ASN A 45 -10.71 -2.76 -1.65
C ASN A 45 -11.41 -3.08 -0.32
N GLN A 46 -11.18 -4.27 0.17
CA GLN A 46 -11.79 -4.73 1.47
C GLN A 46 -10.66 -5.08 2.43
N ALA A 47 -10.83 -4.68 3.67
CA ALA A 47 -9.83 -4.94 4.74
C ALA A 47 -9.29 -6.38 4.79
N GLY A 48 -8.03 -6.47 5.15
CA GLY A 48 -7.32 -7.78 5.26
C GLY A 48 -7.53 -8.68 4.04
N CYS A 49 -7.23 -8.13 2.89
CA CYS A 49 -7.36 -8.84 1.57
C CYS A 49 -8.67 -9.65 1.38
N SER A 50 -9.70 -9.28 2.11
CA SER A 50 -11.01 -10.00 2.00
C SER A 50 -11.90 -9.30 0.94
N GLY A 51 -11.28 -9.01 -0.18
CA GLY A 51 -12.00 -8.34 -1.31
C GLY A 51 -11.42 -8.80 -2.65
N VAL A 52 -11.12 -7.83 -3.48
CA VAL A 52 -10.54 -8.12 -4.83
C VAL A 52 -9.39 -7.14 -5.10
N ALA A 53 -8.38 -7.63 -5.78
CA ALA A 53 -7.20 -6.79 -6.12
C ALA A 53 -7.56 -5.82 -7.25
N HIS A 54 -7.76 -4.59 -6.87
CA HIS A 54 -8.13 -3.51 -7.84
C HIS A 54 -6.88 -3.02 -8.57
N THR A 55 -5.81 -2.92 -7.82
CA THR A 55 -4.50 -2.45 -8.37
C THR A 55 -3.38 -3.23 -7.66
N ARG A 56 -2.19 -3.19 -8.21
CA ARG A 56 -1.04 -3.92 -7.59
C ARG A 56 0.27 -3.15 -7.83
N PHE A 57 1.36 -3.78 -7.46
CA PHE A 57 2.71 -3.15 -7.65
C PHE A 57 3.80 -4.15 -8.03
N GLY A 58 4.16 -4.13 -9.28
CA GLY A 58 5.21 -5.05 -9.82
C GLY A 58 6.56 -4.29 -9.80
N SER A 59 6.46 -3.01 -9.59
CA SER A 59 7.65 -2.10 -9.53
C SER A 59 7.30 -0.89 -8.65
N SER A 60 8.26 -0.43 -7.87
CA SER A 60 8.05 0.75 -6.96
C SER A 60 7.24 1.89 -7.63
N ALA A 61 6.28 2.39 -6.90
CA ALA A 61 5.42 3.51 -7.43
C ALA A 61 4.89 4.41 -6.31
N ARG A 62 5.21 5.68 -6.40
CA ARG A 62 4.78 6.70 -5.38
C ARG A 62 3.36 7.26 -5.60
N ALA A 63 2.39 6.64 -4.98
CA ALA A 63 0.98 7.09 -5.10
C ALA A 63 0.68 8.10 -3.96
N CYS A 64 1.42 9.19 -3.97
CA CYS A 64 1.27 10.27 -2.94
C CYS A 64 -0.15 10.86 -2.85
N ASN A 65 -0.93 10.63 -3.88
CA ASN A 65 -2.33 11.14 -3.90
C ASN A 65 -3.22 10.24 -3.01
N PRO A 66 -4.37 10.72 -2.59
CA PRO A 66 -5.40 9.86 -1.91
C PRO A 66 -5.71 8.65 -2.81
N PHE A 67 -5.86 7.49 -2.21
CA PHE A 67 -6.16 6.26 -3.01
C PHE A 67 -7.59 5.72 -2.78
N GLY A 68 -7.77 4.41 -2.82
CA GLY A 68 -9.12 3.84 -2.60
C GLY A 68 -9.14 2.36 -2.19
N TRP A 69 -8.05 1.86 -1.65
CA TRP A 69 -8.00 0.42 -1.21
C TRP A 69 -8.01 0.40 0.32
N LYS A 70 -8.62 -0.61 0.89
CA LYS A 70 -8.68 -0.71 2.37
C LYS A 70 -7.39 -1.38 2.85
N SER A 71 -7.03 -2.46 2.19
CA SER A 71 -5.80 -3.22 2.54
C SER A 71 -4.91 -3.53 1.33
N ILE A 72 -3.78 -4.09 1.67
CA ILE A 72 -2.76 -4.50 0.67
C ILE A 72 -2.20 -5.88 1.02
N PHE A 73 -2.05 -6.70 0.00
CA PHE A 73 -1.51 -8.07 0.19
C PHE A 73 -0.10 -8.04 -0.38
N ILE A 74 0.86 -8.52 0.38
CA ILE A 74 2.28 -8.53 -0.11
C ILE A 74 2.70 -10.00 -0.14
N GLN A 75 3.24 -10.37 -1.28
CA GLN A 75 3.72 -11.76 -1.54
C GLN A 75 4.86 -12.21 -0.61
N CYS A 76 4.43 -12.60 0.56
CA CYS A 76 5.32 -13.09 1.65
C CYS A 76 4.46 -13.65 2.81
N SER A 1 8.56 -6.09 -1.72
CA SER A 1 7.21 -5.47 -1.64
C SER A 1 7.14 -4.63 -0.37
N ALA A 2 7.01 -3.34 -0.55
CA ALA A 2 6.94 -2.40 0.61
C ALA A 2 6.15 -1.14 0.23
N PHE A 3 4.94 -1.10 0.72
CA PHE A 3 4.02 0.04 0.47
C PHE A 3 4.04 1.04 1.63
N THR A 4 4.94 2.00 1.53
CA THR A 4 5.07 3.05 2.59
C THR A 4 3.89 4.01 2.41
N VAL A 5 3.46 4.64 3.47
CA VAL A 5 2.30 5.60 3.36
C VAL A 5 2.41 6.75 4.37
N TRP A 6 1.74 7.83 4.07
CA TRP A 6 1.72 9.05 4.93
C TRP A 6 0.22 9.45 4.99
N SER A 7 -0.21 9.97 6.12
CA SER A 7 -1.65 10.39 6.28
C SER A 7 -2.19 11.48 5.35
N GLY A 8 -1.39 12.48 5.07
CA GLY A 8 -1.85 13.59 4.18
C GLY A 8 -0.90 14.79 4.22
N PRO A 9 -0.78 15.53 3.14
CA PRO A 9 -1.64 15.45 1.92
C PRO A 9 -1.20 14.25 1.07
N GLY A 10 0.07 14.28 0.73
CA GLY A 10 0.68 13.21 -0.09
C GLY A 10 1.63 12.47 0.84
N CYS A 11 2.82 12.27 0.34
CA CYS A 11 3.90 11.56 1.10
C CYS A 11 4.67 12.64 1.88
N ASN A 12 3.94 13.49 2.56
CA ASN A 12 4.59 14.59 3.36
C ASN A 12 3.90 14.82 4.71
N ASN A 13 4.22 13.99 5.66
CA ASN A 13 3.66 14.06 7.05
C ASN A 13 4.11 12.79 7.83
N ARG A 14 3.29 12.28 8.71
CA ARG A 14 3.66 11.05 9.48
C ARG A 14 3.78 9.87 8.51
N ALA A 15 4.27 8.75 8.98
CA ALA A 15 4.41 7.58 8.07
C ALA A 15 4.22 6.22 8.75
N GLU A 16 4.10 5.23 7.90
CA GLU A 16 3.91 3.81 8.32
C GLU A 16 4.29 2.97 7.11
N ARG A 17 5.07 1.93 7.32
CA ARG A 17 5.50 1.05 6.18
C ARG A 17 4.83 -0.32 6.21
N TYR A 18 4.31 -0.70 5.07
CA TYR A 18 3.62 -2.02 4.91
C TYR A 18 4.50 -2.92 4.04
N SER A 19 5.51 -3.46 4.67
CA SER A 19 6.49 -4.37 3.98
C SER A 19 6.42 -5.77 4.59
N LYS A 20 5.68 -5.89 5.67
CA LYS A 20 5.52 -7.20 6.36
C LYS A 20 4.77 -8.20 5.45
N CYS A 21 5.25 -9.42 5.50
CA CYS A 21 4.66 -10.53 4.70
C CYS A 21 3.19 -10.78 5.04
N GLY A 22 2.32 -10.34 4.16
CA GLY A 22 0.84 -10.53 4.39
C GLY A 22 0.03 -9.26 4.08
N CYS A 23 -1.25 -9.40 4.32
CA CYS A 23 -2.22 -8.28 4.09
C CYS A 23 -2.12 -7.25 5.22
N SER A 24 -2.27 -6.00 4.87
CA SER A 24 -2.19 -4.90 5.88
C SER A 24 -3.11 -3.74 5.48
N ALA A 25 -3.96 -3.36 6.41
CA ALA A 25 -4.92 -2.24 6.16
C ALA A 25 -4.23 -0.87 6.31
N ILE A 26 -4.25 -0.14 5.23
CA ILE A 26 -3.64 1.22 5.18
C ILE A 26 -4.59 2.23 5.82
N HIS A 27 -4.15 2.80 6.92
CA HIS A 27 -4.97 3.81 7.66
C HIS A 27 -4.58 5.24 7.23
N GLN A 28 -3.34 5.39 6.84
CA GLN A 28 -2.83 6.73 6.39
C GLN A 28 -3.31 7.02 4.97
N LYS A 29 -4.40 7.74 4.92
CA LYS A 29 -5.04 8.13 3.63
C LYS A 29 -4.42 9.34 2.89
N GLY A 30 -3.12 9.43 2.89
CA GLY A 30 -2.42 10.56 2.20
C GLY A 30 -1.68 10.07 0.96
N GLY A 31 -0.38 9.96 1.09
CA GLY A 31 0.47 9.48 -0.04
C GLY A 31 0.82 8.02 0.18
N TYR A 32 1.30 7.39 -0.86
CA TYR A 32 1.68 5.94 -0.76
C TYR A 32 2.82 5.64 -1.75
N ASP A 33 3.93 5.18 -1.24
CA ASP A 33 5.11 4.86 -2.11
C ASP A 33 5.41 3.35 -2.07
N PHE A 34 5.10 2.67 -3.15
CA PHE A 34 5.37 1.20 -3.19
C PHE A 34 6.84 1.01 -3.55
N SER A 35 7.36 -0.14 -3.19
CA SER A 35 8.78 -0.47 -3.49
C SER A 35 8.91 -1.96 -3.74
N TYR A 36 9.14 -2.26 -4.99
CA TYR A 36 9.30 -3.65 -5.47
C TYR A 36 10.75 -4.14 -5.26
N THR A 37 10.87 -5.43 -5.11
CA THR A 37 12.20 -6.08 -4.90
C THR A 37 11.98 -7.58 -5.07
N GLY A 38 11.39 -7.91 -6.19
CA GLY A 38 11.08 -9.30 -6.56
C GLY A 38 9.66 -9.66 -6.07
N GLN A 39 9.28 -9.05 -4.98
CA GLN A 39 7.94 -9.29 -4.38
C GLN A 39 6.94 -8.23 -4.85
N THR A 40 5.86 -8.74 -5.39
CA THR A 40 4.74 -7.90 -5.93
C THR A 40 3.78 -7.57 -4.78
N ALA A 41 2.65 -7.01 -5.11
CA ALA A 41 1.62 -6.64 -4.09
C ALA A 41 0.26 -6.47 -4.78
N ALA A 42 -0.79 -6.73 -4.04
CA ALA A 42 -2.18 -6.61 -4.59
C ALA A 42 -2.95 -5.65 -3.68
N LEU A 43 -3.94 -4.98 -4.22
CA LEU A 43 -4.75 -4.00 -3.44
C LEU A 43 -6.21 -4.44 -3.35
N TYR A 44 -6.65 -4.56 -2.13
CA TYR A 44 -8.06 -4.97 -1.84
C TYR A 44 -8.76 -3.81 -1.16
N ASN A 45 -9.92 -3.46 -1.67
CA ASN A 45 -10.72 -2.35 -1.11
C ASN A 45 -11.41 -2.74 0.22
N GLN A 46 -10.97 -3.86 0.76
CA GLN A 46 -11.50 -4.38 2.05
C GLN A 46 -10.30 -4.77 2.91
N ALA A 47 -10.29 -4.25 4.11
CA ALA A 47 -9.18 -4.53 5.08
C ALA A 47 -8.74 -6.00 5.13
N GLY A 48 -7.44 -6.19 5.22
CA GLY A 48 -6.84 -7.56 5.28
C GLY A 48 -7.27 -8.48 4.12
N CYS A 49 -7.14 -7.99 2.93
CA CYS A 49 -7.51 -8.77 1.70
C CYS A 49 -8.94 -9.39 1.76
N SER A 50 -9.79 -8.82 2.57
CA SER A 50 -11.19 -9.35 2.70
C SER A 50 -12.13 -8.82 1.60
N GLY A 51 -11.60 -8.75 0.40
CA GLY A 51 -12.36 -8.25 -0.77
C GLY A 51 -11.80 -8.80 -2.08
N VAL A 52 -11.96 -7.99 -3.10
CA VAL A 52 -11.47 -8.36 -4.48
C VAL A 52 -10.36 -7.37 -4.86
N ALA A 53 -9.39 -7.86 -5.58
CA ALA A 53 -8.24 -7.00 -6.02
C ALA A 53 -8.72 -5.83 -6.90
N HIS A 54 -7.84 -4.87 -7.07
CA HIS A 54 -8.16 -3.66 -7.89
C HIS A 54 -6.89 -3.17 -8.59
N THR A 55 -5.84 -3.05 -7.82
CA THR A 55 -4.51 -2.59 -8.33
C THR A 55 -3.44 -3.53 -7.80
N ARG A 56 -2.36 -3.67 -8.53
CA ARG A 56 -1.25 -4.57 -8.09
C ARG A 56 0.08 -3.90 -8.42
N PHE A 57 0.86 -3.64 -7.39
CA PHE A 57 2.19 -3.00 -7.61
C PHE A 57 3.32 -4.04 -7.64
N GLY A 58 4.01 -4.02 -8.75
CA GLY A 58 5.16 -4.95 -8.99
C GLY A 58 6.38 -4.12 -9.42
N SER A 59 6.36 -2.87 -9.02
CA SER A 59 7.47 -1.91 -9.35
C SER A 59 7.33 -0.67 -8.45
N SER A 60 8.40 -0.31 -7.80
CA SER A 60 8.42 0.88 -6.89
C SER A 60 7.65 2.08 -7.49
N ALA A 61 6.53 2.37 -6.88
CA ALA A 61 5.65 3.50 -7.34
C ALA A 61 5.46 4.54 -6.22
N ARG A 62 6.33 5.52 -6.22
CA ARG A 62 6.28 6.62 -5.21
C ARG A 62 5.13 7.62 -5.43
N ALA A 63 3.94 7.25 -5.03
CA ALA A 63 2.76 8.14 -5.21
C ALA A 63 2.59 9.04 -3.97
N CYS A 64 2.15 10.26 -4.18
CA CYS A 64 1.95 11.22 -3.06
C CYS A 64 0.60 11.93 -3.22
N ASN A 65 -0.38 11.11 -3.50
CA ASN A 65 -1.79 11.53 -3.71
C ASN A 65 -2.70 10.47 -3.04
N PRO A 66 -3.91 10.83 -2.65
CA PRO A 66 -4.91 9.87 -2.09
C PRO A 66 -5.18 8.70 -3.07
N PHE A 67 -5.63 7.59 -2.53
CA PHE A 67 -5.91 6.38 -3.38
C PHE A 67 -7.37 5.90 -3.21
N GLY A 68 -7.58 4.60 -3.07
CA GLY A 68 -8.97 4.07 -2.91
C GLY A 68 -9.07 2.67 -2.30
N TRP A 69 -7.97 2.01 -2.03
CA TRP A 69 -8.04 0.64 -1.43
C TRP A 69 -8.02 0.71 0.10
N LYS A 70 -8.35 -0.39 0.73
CA LYS A 70 -8.39 -0.45 2.22
C LYS A 70 -7.10 -1.11 2.75
N SER A 71 -6.68 -2.16 2.08
CA SER A 71 -5.46 -2.92 2.48
C SER A 71 -4.61 -3.31 1.26
N ILE A 72 -3.48 -3.92 1.57
CA ILE A 72 -2.54 -4.37 0.51
C ILE A 72 -1.86 -5.70 0.89
N PHE A 73 -1.95 -6.64 -0.01
CA PHE A 73 -1.34 -7.99 0.18
C PHE A 73 0.14 -7.93 -0.25
N ILE A 74 0.96 -7.69 0.73
CA ILE A 74 2.44 -7.60 0.49
C ILE A 74 3.05 -9.00 0.32
N GLN A 75 3.58 -9.24 -0.87
CA GLN A 75 4.21 -10.57 -1.15
C GLN A 75 5.49 -10.74 -0.32
N CYS A 76 5.63 -11.92 0.22
CA CYS A 76 6.83 -12.25 1.04
C CYS A 76 8.02 -12.68 0.17
N SER A 1 9.32 -5.73 -1.85
CA SER A 1 7.82 -5.72 -1.87
C SER A 1 7.29 -4.84 -0.72
N ALA A 2 8.09 -3.89 -0.30
CA ALA A 2 7.67 -2.99 0.82
C ALA A 2 6.81 -1.79 0.38
N PHE A 3 5.62 -1.71 0.92
CA PHE A 3 4.71 -0.58 0.56
C PHE A 3 4.95 0.53 1.60
N THR A 4 4.32 1.66 1.37
CA THR A 4 4.46 2.83 2.28
C THR A 4 3.26 3.74 2.06
N VAL A 5 2.92 4.46 3.09
CA VAL A 5 1.75 5.41 3.06
C VAL A 5 2.03 6.57 4.02
N TRP A 6 1.37 7.68 3.80
CA TRP A 6 1.52 8.88 4.66
C TRP A 6 0.08 9.34 4.97
N SER A 7 -0.14 9.87 6.15
CA SER A 7 -1.53 10.33 6.54
C SER A 7 -2.20 11.30 5.55
N GLY A 8 -1.42 12.23 5.04
CA GLY A 8 -1.93 13.24 4.07
C GLY A 8 -1.25 14.59 4.29
N PRO A 9 -1.13 15.39 3.26
CA PRO A 9 -1.89 15.30 1.99
C PRO A 9 -1.29 14.26 1.02
N GLY A 10 -0.05 14.50 0.67
CA GLY A 10 0.68 13.60 -0.25
C GLY A 10 1.50 12.59 0.54
N CYS A 11 2.67 12.33 0.02
CA CYS A 11 3.64 11.38 0.63
C CYS A 11 4.63 12.13 1.54
N ASN A 12 4.09 13.01 2.32
CA ASN A 12 4.90 13.84 3.27
C ASN A 12 4.28 13.55 4.63
N ASN A 13 3.94 14.56 5.40
CA ASN A 13 3.33 14.36 6.76
C ASN A 13 3.90 13.16 7.56
N ARG A 14 3.05 12.49 8.31
CA ARG A 14 3.46 11.31 9.13
C ARG A 14 3.65 10.09 8.22
N ALA A 15 4.79 9.46 8.33
CA ALA A 15 5.10 8.25 7.50
C ALA A 15 4.76 6.95 8.22
N GLU A 16 4.51 5.93 7.44
CA GLU A 16 4.16 4.58 7.99
C GLU A 16 4.37 3.56 6.85
N ARG A 17 5.27 2.64 7.08
CA ARG A 17 5.58 1.58 6.07
C ARG A 17 4.63 0.37 6.20
N TYR A 18 4.51 -0.36 5.12
CA TYR A 18 3.63 -1.57 5.04
C TYR A 18 4.41 -2.68 4.30
N SER A 19 5.51 -3.04 4.91
CA SER A 19 6.41 -4.10 4.34
C SER A 19 6.09 -5.49 4.93
N LYS A 20 5.04 -5.54 5.71
CA LYS A 20 4.61 -6.81 6.36
C LYS A 20 4.19 -7.91 5.37
N CYS A 21 4.91 -9.01 5.40
CA CYS A 21 4.64 -10.17 4.50
C CYS A 21 3.21 -10.67 4.78
N GLY A 22 2.32 -10.34 3.88
CA GLY A 22 0.88 -10.74 4.01
C GLY A 22 -0.01 -9.50 3.95
N CYS A 23 -1.25 -9.67 4.36
CA CYS A 23 -2.21 -8.54 4.34
C CYS A 23 -2.03 -7.59 5.54
N SER A 24 -2.37 -6.35 5.30
CA SER A 24 -2.27 -5.28 6.34
C SER A 24 -3.17 -4.09 5.93
N ALA A 25 -3.96 -3.62 6.87
CA ALA A 25 -4.88 -2.47 6.58
C ALA A 25 -4.23 -1.08 6.59
N ILE A 26 -4.26 -0.48 5.43
CA ILE A 26 -3.68 0.89 5.20
C ILE A 26 -4.73 1.95 5.57
N HIS A 27 -4.49 2.58 6.69
CA HIS A 27 -5.39 3.64 7.23
C HIS A 27 -4.94 5.07 6.88
N GLN A 28 -3.69 5.20 6.49
CA GLN A 28 -3.15 6.55 6.13
C GLN A 28 -3.66 6.98 4.74
N LYS A 29 -4.72 7.74 4.79
CA LYS A 29 -5.41 8.27 3.57
C LYS A 29 -4.74 9.56 3.06
N GLY A 30 -3.49 9.45 2.72
CA GLY A 30 -2.72 10.61 2.21
C GLY A 30 -2.03 10.28 0.88
N GLY A 31 -0.84 9.79 0.99
CA GLY A 31 -0.02 9.40 -0.20
C GLY A 31 0.53 8.00 0.02
N TYR A 32 1.08 7.39 -1.00
CA TYR A 32 1.64 6.01 -0.81
C TYR A 32 2.64 5.54 -1.88
N ASP A 33 3.71 4.94 -1.41
CA ASP A 33 4.77 4.41 -2.33
C ASP A 33 4.89 2.89 -2.18
N PHE A 34 5.45 2.27 -3.18
CA PHE A 34 5.66 0.79 -3.20
C PHE A 34 7.12 0.58 -3.59
N SER A 35 7.64 -0.56 -3.22
CA SER A 35 9.07 -0.87 -3.55
C SER A 35 9.23 -2.36 -3.80
N TYR A 36 9.27 -2.68 -5.06
CA TYR A 36 9.43 -4.09 -5.50
C TYR A 36 10.92 -4.45 -5.42
N THR A 37 11.19 -5.69 -5.14
CA THR A 37 12.61 -6.16 -5.04
C THR A 37 12.63 -7.71 -5.00
N GLY A 38 11.50 -8.26 -4.65
CA GLY A 38 11.37 -9.74 -4.56
C GLY A 38 9.94 -10.15 -4.91
N GLN A 39 8.99 -9.42 -4.37
CA GLN A 39 7.55 -9.73 -4.63
C GLN A 39 6.66 -8.52 -4.91
N THR A 40 5.47 -8.84 -5.39
CA THR A 40 4.42 -7.84 -5.74
C THR A 40 3.55 -7.50 -4.53
N ALA A 41 2.53 -6.72 -4.76
CA ALA A 41 1.59 -6.30 -3.67
C ALA A 41 0.23 -5.86 -4.23
N ALA A 42 -0.76 -6.64 -3.91
CA ALA A 42 -2.17 -6.35 -4.37
C ALA A 42 -2.76 -5.26 -3.46
N LEU A 43 -3.75 -4.54 -3.94
CA LEU A 43 -4.35 -3.47 -3.09
C LEU A 43 -5.87 -3.66 -3.00
N TYR A 44 -6.25 -4.34 -1.95
CA TYR A 44 -7.69 -4.64 -1.68
C TYR A 44 -8.47 -3.47 -1.07
N ASN A 45 -9.69 -3.37 -1.54
CA ASN A 45 -10.60 -2.30 -1.06
C ASN A 45 -11.60 -2.95 -0.08
N GLN A 46 -11.18 -4.06 0.49
CA GLN A 46 -12.01 -4.83 1.46
C GLN A 46 -11.14 -5.17 2.68
N ALA A 47 -11.77 -5.09 3.84
CA ALA A 47 -11.08 -5.38 5.13
C ALA A 47 -10.38 -6.74 5.15
N GLY A 48 -9.16 -6.73 5.61
CA GLY A 48 -8.35 -7.99 5.69
C GLY A 48 -8.14 -8.63 4.31
N CYS A 49 -8.13 -7.79 3.30
CA CYS A 49 -7.93 -8.25 1.89
C CYS A 49 -8.94 -9.35 1.48
N SER A 50 -10.10 -9.29 2.10
CA SER A 50 -11.18 -10.29 1.80
C SER A 50 -12.06 -9.90 0.59
N GLY A 51 -11.42 -9.59 -0.51
CA GLY A 51 -12.17 -9.20 -1.74
C GLY A 51 -11.30 -9.36 -2.98
N VAL A 52 -11.14 -8.28 -3.68
CA VAL A 52 -10.31 -8.25 -4.93
C VAL A 52 -9.44 -6.99 -4.92
N ALA A 53 -8.30 -7.10 -5.55
CA ALA A 53 -7.34 -5.94 -5.63
C ALA A 53 -7.91 -4.78 -6.47
N HIS A 54 -7.11 -3.75 -6.54
CA HIS A 54 -7.47 -2.52 -7.30
C HIS A 54 -6.23 -2.01 -8.06
N THR A 55 -5.28 -1.51 -7.30
CA THR A 55 -4.01 -0.98 -7.91
C THR A 55 -2.84 -1.80 -7.39
N ARG A 56 -2.63 -2.92 -8.03
CA ARG A 56 -1.51 -3.83 -7.64
C ARG A 56 -0.20 -3.16 -8.02
N PHE A 57 0.84 -3.66 -7.41
CA PHE A 57 2.21 -3.14 -7.66
C PHE A 57 3.18 -4.29 -7.95
N GLY A 58 4.00 -4.08 -8.95
CA GLY A 58 5.02 -5.10 -9.38
C GLY A 58 6.39 -4.43 -9.56
N SER A 59 6.41 -3.13 -9.37
CA SER A 59 7.66 -2.33 -9.49
C SER A 59 7.53 -1.09 -8.59
N SER A 60 8.60 -0.76 -7.88
CA SER A 60 8.61 0.43 -6.96
C SER A 60 7.83 1.61 -7.57
N ALA A 61 6.73 1.93 -6.95
CA ALA A 61 5.86 3.06 -7.43
C ALA A 61 5.63 4.15 -6.37
N ARG A 62 6.28 5.28 -6.55
CA ARG A 62 6.16 6.44 -5.61
C ARG A 62 4.89 7.30 -5.82
N ALA A 63 3.76 6.79 -5.39
CA ALA A 63 2.49 7.59 -5.56
C ALA A 63 2.26 8.47 -4.32
N CYS A 64 1.38 9.43 -4.42
CA CYS A 64 1.10 10.33 -3.25
C CYS A 64 -0.35 10.84 -3.29
N ASN A 65 -1.11 10.34 -4.22
CA ASN A 65 -2.54 10.75 -4.35
C ASN A 65 -3.37 10.21 -3.16
N PRO A 66 -4.45 10.90 -2.81
CA PRO A 66 -5.41 10.40 -1.77
C PRO A 66 -6.06 9.09 -2.24
N PHE A 67 -6.42 8.26 -1.29
CA PHE A 67 -7.06 6.95 -1.63
C PHE A 67 -7.94 6.45 -0.47
N GLY A 68 -8.43 5.25 -0.61
CA GLY A 68 -9.29 4.65 0.45
C GLY A 68 -9.34 3.12 0.38
N TRP A 69 -8.19 2.50 0.40
CA TRP A 69 -8.13 1.00 0.33
C TRP A 69 -8.22 0.49 1.76
N LYS A 70 -8.78 -0.67 1.90
CA LYS A 70 -8.95 -1.29 3.24
C LYS A 70 -7.71 -2.07 3.66
N SER A 71 -6.92 -2.46 2.68
CA SER A 71 -5.67 -3.23 2.96
C SER A 71 -4.85 -3.51 1.70
N ILE A 72 -3.65 -3.96 1.98
CA ILE A 72 -2.64 -4.30 0.94
C ILE A 72 -2.08 -5.69 1.28
N PHE A 73 -2.07 -6.53 0.28
CA PHE A 73 -1.56 -7.92 0.45
C PHE A 73 -0.16 -8.06 -0.14
N ILE A 74 0.81 -7.85 0.72
CA ILE A 74 2.23 -7.94 0.31
C ILE A 74 2.57 -9.42 0.09
N GLN A 75 2.85 -9.77 -1.13
CA GLN A 75 3.20 -11.18 -1.46
C GLN A 75 4.50 -11.53 -0.73
N CYS A 76 4.39 -12.35 0.28
CA CYS A 76 5.60 -12.77 1.06
C CYS A 76 6.70 -13.33 0.12
N SER A 1 9.70 -6.19 -0.29
CA SER A 1 8.99 -5.00 -0.86
C SER A 1 8.22 -4.27 0.24
N ALA A 2 7.93 -3.00 0.02
CA ALA A 2 7.18 -2.22 1.06
C ALA A 2 6.33 -1.06 0.51
N PHE A 3 5.09 -1.04 0.95
CA PHE A 3 4.11 0.02 0.55
C PHE A 3 4.12 1.15 1.59
N THR A 4 4.94 2.14 1.36
CA THR A 4 5.02 3.30 2.30
C THR A 4 3.76 4.15 2.10
N VAL A 5 3.30 4.80 3.14
CA VAL A 5 2.06 5.65 3.03
C VAL A 5 2.15 6.82 4.02
N TRP A 6 1.79 8.01 3.60
CA TRP A 6 1.83 9.19 4.50
C TRP A 6 0.37 9.62 4.74
N SER A 7 0.12 10.28 5.85
CA SER A 7 -1.27 10.73 6.18
C SER A 7 -1.82 11.81 5.23
N GLY A 8 -1.01 12.77 4.88
CA GLY A 8 -1.47 13.86 3.96
C GLY A 8 -0.50 15.06 3.95
N PRO A 9 -0.49 15.83 2.89
CA PRO A 9 -1.47 15.78 1.74
C PRO A 9 -1.16 14.60 0.81
N GLY A 10 0.09 14.54 0.41
CA GLY A 10 0.57 13.46 -0.49
C GLY A 10 1.55 12.64 0.32
N CYS A 11 2.80 12.73 -0.05
CA CYS A 11 3.90 12.00 0.63
C CYS A 11 4.75 13.07 1.33
N ASN A 12 4.10 13.89 2.13
CA ASN A 12 4.83 14.98 2.84
C ASN A 12 4.38 15.15 4.31
N ASN A 13 4.70 14.18 5.13
CA ASN A 13 4.35 14.19 6.57
C ASN A 13 4.84 12.89 7.25
N ARG A 14 4.10 12.37 8.20
CA ARG A 14 4.52 11.11 8.89
C ARG A 14 4.16 9.89 8.01
N ALA A 15 4.49 8.69 8.43
CA ALA A 15 4.15 7.51 7.55
C ALA A 15 4.16 6.11 8.23
N GLU A 16 3.83 5.14 7.40
CA GLU A 16 3.77 3.70 7.78
C GLU A 16 4.27 2.87 6.59
N ARG A 17 5.29 2.10 6.83
CA ARG A 17 5.89 1.24 5.77
C ARG A 17 5.42 -0.21 5.90
N TYR A 18 4.46 -0.55 5.08
CA TYR A 18 3.90 -1.94 5.11
C TYR A 18 4.84 -2.83 4.29
N SER A 19 5.79 -3.45 4.95
CA SER A 19 6.76 -4.34 4.25
C SER A 19 6.45 -5.83 4.45
N LYS A 20 5.91 -6.15 5.60
CA LYS A 20 5.56 -7.58 5.91
C LYS A 20 4.55 -8.10 4.87
N CYS A 21 4.85 -9.23 4.27
CA CYS A 21 3.93 -9.80 3.25
C CYS A 21 2.65 -10.32 3.88
N GLY A 22 1.55 -9.78 3.41
CA GLY A 22 0.20 -10.18 3.91
C GLY A 22 -0.81 -9.05 3.64
N CYS A 23 -2.04 -9.32 3.99
CA CYS A 23 -3.14 -8.31 3.79
C CYS A 23 -3.15 -7.32 4.96
N SER A 24 -2.19 -6.43 4.94
CA SER A 24 -2.08 -5.40 6.03
C SER A 24 -2.96 -4.19 5.71
N ALA A 25 -3.73 -3.77 6.69
CA ALA A 25 -4.63 -2.60 6.49
C ALA A 25 -3.95 -1.22 6.56
N ILE A 26 -4.41 -0.34 5.71
CA ILE A 26 -3.86 1.06 5.65
C ILE A 26 -4.96 2.02 6.12
N HIS A 27 -4.55 3.10 6.72
CA HIS A 27 -5.53 4.13 7.23
C HIS A 27 -5.00 5.55 7.03
N GLN A 28 -3.99 5.66 6.19
CA GLN A 28 -3.36 6.98 5.89
C GLN A 28 -3.82 7.45 4.50
N LYS A 29 -4.71 8.41 4.51
CA LYS A 29 -5.28 8.98 3.27
C LYS A 29 -4.45 10.17 2.76
N GLY A 30 -3.20 9.94 2.49
CA GLY A 30 -2.30 11.03 1.99
C GLY A 30 -1.65 10.67 0.65
N GLY A 31 -0.65 9.84 0.75
CA GLY A 31 0.10 9.37 -0.45
C GLY A 31 0.74 8.03 -0.12
N TYR A 32 1.36 7.42 -1.11
CA TYR A 32 2.02 6.10 -0.87
C TYR A 32 3.07 5.73 -1.92
N ASP A 33 4.21 5.31 -1.43
CA ASP A 33 5.34 4.92 -2.33
C ASP A 33 5.67 3.43 -2.19
N PHE A 34 5.24 2.66 -3.15
CA PHE A 34 5.53 1.19 -3.11
C PHE A 34 6.98 1.01 -3.55
N SER A 35 7.57 -0.07 -3.10
CA SER A 35 8.99 -0.38 -3.46
C SER A 35 9.11 -1.88 -3.66
N TYR A 36 9.17 -2.27 -4.90
CA TYR A 36 9.29 -3.71 -5.26
C TYR A 36 10.74 -4.16 -5.04
N THR A 37 10.92 -5.03 -4.08
CA THR A 37 12.28 -5.56 -3.77
C THR A 37 12.15 -7.03 -3.31
N GLY A 38 11.11 -7.26 -2.55
CA GLY A 38 10.83 -8.63 -2.01
C GLY A 38 9.90 -9.36 -2.98
N GLN A 39 8.72 -8.82 -3.15
CA GLN A 39 7.73 -9.47 -4.08
C GLN A 39 6.65 -8.47 -4.51
N THR A 40 5.76 -8.94 -5.36
CA THR A 40 4.62 -8.13 -5.89
C THR A 40 3.63 -7.75 -4.79
N ALA A 41 2.65 -6.94 -5.13
CA ALA A 41 1.63 -6.53 -4.12
C ALA A 41 0.33 -5.99 -4.75
N ALA A 42 -0.76 -6.61 -4.37
CA ALA A 42 -2.11 -6.22 -4.89
C ALA A 42 -2.72 -5.24 -3.88
N LEU A 43 -3.80 -4.57 -4.22
CA LEU A 43 -4.40 -3.60 -3.25
C LEU A 43 -5.92 -3.81 -3.08
N TYR A 44 -6.30 -4.38 -1.97
CA TYR A 44 -7.74 -4.66 -1.68
C TYR A 44 -8.54 -3.51 -1.03
N ASN A 45 -9.80 -3.49 -1.39
CA ASN A 45 -10.77 -2.47 -0.88
C ASN A 45 -11.56 -3.03 0.31
N GLN A 46 -11.08 -4.13 0.86
CA GLN A 46 -11.75 -4.77 2.03
C GLN A 46 -10.69 -5.22 3.04
N ALA A 47 -11.02 -5.04 4.30
CA ALA A 47 -10.09 -5.42 5.40
C ALA A 47 -9.57 -6.86 5.25
N GLY A 48 -8.26 -6.97 5.31
CA GLY A 48 -7.58 -8.29 5.19
C GLY A 48 -8.00 -9.06 3.93
N CYS A 49 -7.89 -8.39 2.80
CA CYS A 49 -8.26 -8.99 1.47
C CYS A 49 -9.68 -9.61 1.43
N SER A 50 -10.59 -9.08 2.21
CA SER A 50 -11.99 -9.65 2.21
C SER A 50 -12.84 -9.10 1.05
N GLY A 51 -12.16 -8.89 -0.05
CA GLY A 51 -12.79 -8.36 -1.29
C GLY A 51 -11.89 -8.67 -2.50
N VAL A 52 -11.92 -7.74 -3.41
CA VAL A 52 -11.13 -7.81 -4.67
C VAL A 52 -10.01 -6.76 -4.61
N ALA A 53 -8.94 -7.03 -5.31
CA ALA A 53 -7.79 -6.06 -5.34
C ALA A 53 -8.13 -4.80 -6.15
N HIS A 54 -7.12 -4.01 -6.40
CA HIS A 54 -7.32 -2.76 -7.19
C HIS A 54 -6.02 -2.36 -7.90
N THR A 55 -4.99 -2.15 -7.12
CA THR A 55 -3.66 -1.75 -7.68
C THR A 55 -2.61 -2.84 -7.48
N ARG A 56 -2.10 -3.30 -8.59
CA ARG A 56 -1.05 -4.37 -8.58
C ARG A 56 0.32 -3.69 -8.62
N PHE A 57 1.29 -4.31 -8.02
CA PHE A 57 2.68 -3.75 -7.99
C PHE A 57 3.71 -4.81 -8.40
N GLY A 58 4.75 -4.32 -9.01
CA GLY A 58 5.87 -5.18 -9.48
C GLY A 58 7.16 -4.33 -9.64
N SER A 59 7.00 -3.04 -9.41
CA SER A 59 8.13 -2.05 -9.52
C SER A 59 7.73 -0.85 -8.64
N SER A 60 8.68 -0.36 -7.86
CA SER A 60 8.42 0.81 -6.95
C SER A 60 7.51 1.89 -7.56
N ALA A 61 6.39 2.08 -6.92
CA ALA A 61 5.38 3.09 -7.39
C ALA A 61 5.32 4.23 -6.36
N ARG A 62 6.22 5.18 -6.52
CA ARG A 62 6.31 6.36 -5.61
C ARG A 62 5.18 7.39 -5.82
N ALA A 63 3.98 7.02 -5.41
CA ALA A 63 2.80 7.92 -5.55
C ALA A 63 2.58 8.82 -4.32
N CYS A 64 1.98 9.95 -4.53
CA CYS A 64 1.71 10.91 -3.41
C CYS A 64 0.26 11.42 -3.54
N ASN A 65 -0.59 10.49 -3.89
CA ASN A 65 -2.04 10.75 -4.07
C ASN A 65 -2.84 10.00 -2.99
N PRO A 66 -3.91 10.57 -2.50
CA PRO A 66 -4.83 9.87 -1.55
C PRO A 66 -5.50 8.65 -2.23
N PHE A 67 -6.18 7.88 -1.42
CA PHE A 67 -6.89 6.65 -1.93
C PHE A 67 -7.95 6.20 -0.92
N GLY A 68 -8.49 5.03 -1.15
CA GLY A 68 -9.54 4.47 -0.25
C GLY A 68 -9.47 2.93 -0.20
N TRP A 69 -8.34 2.43 0.18
CA TRP A 69 -8.13 0.95 0.28
C TRP A 69 -8.14 0.53 1.74
N LYS A 70 -8.65 -0.65 1.95
CA LYS A 70 -8.73 -1.22 3.34
C LYS A 70 -7.40 -1.90 3.67
N SER A 71 -6.92 -2.69 2.75
CA SER A 71 -5.63 -3.44 2.95
C SER A 71 -4.93 -3.77 1.64
N ILE A 72 -3.65 -3.95 1.79
CA ILE A 72 -2.71 -4.29 0.68
C ILE A 72 -2.17 -5.70 0.89
N PHE A 73 -2.23 -6.50 -0.14
CA PHE A 73 -1.75 -7.91 -0.07
C PHE A 73 -0.36 -8.05 -0.68
N ILE A 74 0.64 -7.85 0.14
CA ILE A 74 2.04 -7.97 -0.36
C ILE A 74 2.46 -9.44 -0.28
N GLN A 75 3.13 -9.87 -1.32
CA GLN A 75 3.63 -11.28 -1.43
C GLN A 75 5.04 -11.39 -0.82
N CYS A 76 5.52 -12.60 -0.68
CA CYS A 76 6.88 -12.82 -0.10
C CYS A 76 7.81 -13.51 -1.12
N SER A 1 10.77 -5.81 -0.60
CA SER A 1 9.50 -5.17 -1.08
C SER A 1 8.74 -4.66 0.15
N ALA A 2 8.18 -3.48 0.02
CA ALA A 2 7.40 -2.88 1.15
C ALA A 2 6.53 -1.70 0.70
N PHE A 3 5.36 -1.63 1.27
CA PHE A 3 4.41 -0.53 0.94
C PHE A 3 4.66 0.58 1.96
N THR A 4 4.60 1.80 1.52
CA THR A 4 4.84 2.97 2.43
C THR A 4 3.67 3.95 2.25
N VAL A 5 3.38 4.67 3.31
CA VAL A 5 2.27 5.67 3.28
C VAL A 5 2.58 6.86 4.17
N TRP A 6 1.80 7.90 4.00
CA TRP A 6 1.93 9.15 4.78
C TRP A 6 0.46 9.54 5.00
N SER A 7 0.13 9.90 6.23
CA SER A 7 -1.28 10.30 6.59
C SER A 7 -1.99 11.23 5.59
N GLY A 8 -1.22 12.09 4.97
CA GLY A 8 -1.77 13.05 3.97
C GLY A 8 -1.20 14.45 4.20
N PRO A 9 -1.16 15.25 3.15
CA PRO A 9 -1.85 15.03 1.85
C PRO A 9 -1.04 14.08 0.96
N GLY A 10 0.17 14.50 0.68
CA GLY A 10 1.09 13.71 -0.18
C GLY A 10 1.96 12.74 0.64
N CYS A 11 3.16 12.58 0.15
CA CYS A 11 4.18 11.69 0.79
C CYS A 11 5.10 12.45 1.76
N ASN A 12 4.46 13.19 2.64
CA ASN A 12 5.20 14.00 3.66
C ASN A 12 4.45 13.73 4.96
N ASN A 13 4.01 14.74 5.67
CA ASN A 13 3.26 14.51 6.96
C ASN A 13 3.81 13.32 7.80
N ARG A 14 2.92 12.57 8.42
CA ARG A 14 3.36 11.39 9.24
C ARG A 14 3.88 10.32 8.26
N ALA A 15 4.76 9.46 8.71
CA ALA A 15 5.31 8.39 7.81
C ALA A 15 5.16 6.99 8.42
N GLU A 16 4.31 6.20 7.80
CA GLU A 16 4.05 4.80 8.26
C GLU A 16 4.49 3.84 7.13
N ARG A 17 4.58 2.57 7.45
CA ARG A 17 4.99 1.55 6.42
C ARG A 17 4.39 0.18 6.75
N TYR A 18 4.28 -0.64 5.73
CA TYR A 18 3.73 -2.03 5.85
C TYR A 18 4.55 -2.91 4.90
N SER A 19 5.57 -3.52 5.44
CA SER A 19 6.45 -4.40 4.61
C SER A 19 6.12 -5.90 4.78
N LYS A 20 5.31 -6.21 5.76
CA LYS A 20 4.92 -7.61 6.03
C LYS A 20 4.30 -8.28 4.79
N CYS A 21 4.83 -9.43 4.45
CA CYS A 21 4.33 -10.19 3.27
C CYS A 21 2.92 -10.75 3.53
N GLY A 22 2.28 -11.20 2.49
CA GLY A 22 0.90 -11.76 2.61
C GLY A 22 -0.08 -10.62 2.40
N CYS A 23 -0.35 -9.88 3.46
CA CYS A 23 -1.29 -8.73 3.39
C CYS A 23 -1.32 -7.95 4.71
N SER A 24 -1.73 -6.71 4.63
CA SER A 24 -1.80 -5.85 5.85
C SER A 24 -2.73 -4.64 5.60
N ALA A 25 -3.39 -4.22 6.65
CA ALA A 25 -4.34 -3.06 6.56
C ALA A 25 -3.53 -1.74 6.58
N ILE A 26 -4.21 -0.70 6.18
CA ILE A 26 -3.61 0.66 6.12
C ILE A 26 -4.61 1.66 6.72
N HIS A 27 -4.08 2.73 7.26
CA HIS A 27 -4.92 3.79 7.89
C HIS A 27 -4.63 5.17 7.27
N GLN A 28 -3.46 5.31 6.71
CA GLN A 28 -3.04 6.60 6.09
C GLN A 28 -3.59 6.70 4.66
N LYS A 29 -4.70 7.39 4.56
CA LYS A 29 -5.37 7.60 3.25
C LYS A 29 -4.75 8.77 2.45
N GLY A 30 -3.60 9.24 2.89
CA GLY A 30 -2.92 10.35 2.20
C GLY A 30 -2.13 9.90 0.98
N GLY A 31 -0.83 10.03 1.10
CA GLY A 31 0.10 9.62 -0.01
C GLY A 31 0.70 8.24 0.26
N TYR A 32 1.18 7.59 -0.78
CA TYR A 32 1.78 6.23 -0.59
C TYR A 32 2.71 5.69 -1.68
N ASP A 33 3.84 5.19 -1.23
CA ASP A 33 4.87 4.63 -2.14
C ASP A 33 4.81 3.09 -2.02
N PHE A 34 5.59 2.44 -2.84
CA PHE A 34 5.67 0.96 -2.86
C PHE A 34 7.11 0.61 -3.28
N SER A 35 7.51 -0.59 -2.93
CA SER A 35 8.87 -1.08 -3.26
C SER A 35 8.72 -2.55 -3.68
N TYR A 36 9.45 -2.89 -4.69
CA TYR A 36 9.43 -4.28 -5.25
C TYR A 36 10.80 -4.95 -5.26
N THR A 37 10.79 -6.22 -4.90
CA THR A 37 12.04 -7.05 -4.85
C THR A 37 11.58 -8.50 -5.10
N GLY A 38 11.12 -8.73 -6.31
CA GLY A 38 10.65 -10.09 -6.69
C GLY A 38 9.43 -10.47 -5.84
N GLN A 39 8.62 -9.48 -5.56
CA GLN A 39 7.38 -9.69 -4.74
C GLN A 39 6.35 -8.62 -5.13
N THR A 40 5.42 -9.02 -5.97
CA THR A 40 4.35 -8.10 -6.44
C THR A 40 3.34 -7.81 -5.33
N ALA A 41 2.67 -6.69 -5.49
CA ALA A 41 1.64 -6.26 -4.48
C ALA A 41 0.30 -6.04 -5.17
N ALA A 42 -0.71 -5.94 -4.34
CA ALA A 42 -2.11 -5.73 -4.78
C ALA A 42 -2.80 -4.83 -3.77
N LEU A 43 -3.78 -4.09 -4.21
CA LEU A 43 -4.52 -3.18 -3.31
C LEU A 43 -5.95 -3.66 -3.14
N TYR A 44 -6.13 -4.35 -2.04
CA TYR A 44 -7.46 -4.92 -1.67
C TYR A 44 -8.35 -3.78 -1.16
N ASN A 45 -9.39 -3.55 -1.91
CA ASN A 45 -10.37 -2.48 -1.58
C ASN A 45 -10.78 -2.58 -0.11
N GLN A 46 -11.44 -3.67 0.22
CA GLN A 46 -11.90 -3.92 1.61
C GLN A 46 -10.73 -4.13 2.58
N ALA A 47 -11.02 -3.86 3.83
CA ALA A 47 -10.00 -4.01 4.92
C ALA A 47 -9.93 -5.49 5.31
N GLY A 48 -9.07 -5.77 6.25
CA GLY A 48 -8.89 -7.17 6.73
C GLY A 48 -8.53 -8.16 5.61
N CYS A 49 -7.88 -7.64 4.58
CA CYS A 49 -7.47 -8.48 3.41
C CYS A 49 -8.67 -9.15 2.70
N SER A 50 -9.84 -8.55 2.72
CA SER A 50 -11.02 -9.18 2.04
C SER A 50 -11.51 -8.33 0.87
N GLY A 51 -10.55 -7.74 0.21
CA GLY A 51 -10.82 -6.86 -0.96
C GLY A 51 -10.18 -7.43 -2.22
N VAL A 52 -10.72 -7.02 -3.35
CA VAL A 52 -10.18 -7.50 -4.66
C VAL A 52 -9.01 -6.60 -5.07
N ALA A 53 -8.09 -7.17 -5.79
CA ALA A 53 -6.90 -6.40 -6.25
C ALA A 53 -7.33 -5.43 -7.36
N HIS A 54 -7.66 -4.24 -6.94
CA HIS A 54 -8.10 -3.17 -7.88
C HIS A 54 -6.89 -2.52 -8.56
N THR A 55 -5.75 -2.64 -7.92
CA THR A 55 -4.48 -2.05 -8.47
C THR A 55 -3.29 -2.94 -8.07
N ARG A 56 -2.43 -3.17 -9.02
CA ARG A 56 -1.20 -4.02 -8.81
C ARG A 56 0.09 -3.19 -8.95
N PHE A 57 1.08 -3.59 -8.18
CA PHE A 57 2.41 -2.90 -8.20
C PHE A 57 3.51 -3.97 -8.30
N GLY A 58 3.98 -4.17 -9.50
CA GLY A 58 5.06 -5.19 -9.75
C GLY A 58 6.44 -4.50 -9.76
N SER A 59 6.47 -3.27 -9.33
CA SER A 59 7.72 -2.47 -9.27
C SER A 59 7.48 -1.24 -8.37
N SER A 60 8.49 -0.87 -7.60
CA SER A 60 8.40 0.31 -6.69
C SER A 60 7.65 1.48 -7.34
N ALA A 61 6.67 1.99 -6.64
CA ALA A 61 5.86 3.15 -7.17
C ALA A 61 5.66 4.26 -6.13
N ARG A 62 6.26 5.39 -6.40
CA ARG A 62 6.18 6.60 -5.51
C ARG A 62 4.88 7.40 -5.71
N ALA A 63 3.77 6.87 -5.26
CA ALA A 63 2.48 7.62 -5.43
C ALA A 63 2.24 8.49 -4.18
N CYS A 64 1.43 9.52 -4.33
CA CYS A 64 1.14 10.42 -3.16
C CYS A 64 -0.30 10.95 -3.28
N ASN A 65 -1.02 10.39 -4.21
CA ASN A 65 -2.44 10.75 -4.48
C ASN A 65 -3.31 10.15 -3.36
N PRO A 66 -4.56 10.54 -3.24
CA PRO A 66 -5.50 9.92 -2.26
C PRO A 66 -5.60 8.39 -2.43
N PHE A 67 -5.74 7.70 -1.33
CA PHE A 67 -5.86 6.21 -1.34
C PHE A 67 -7.26 5.82 -1.87
N GLY A 68 -7.44 4.57 -2.17
CA GLY A 68 -8.75 4.07 -2.69
C GLY A 68 -9.01 2.62 -2.28
N TRP A 69 -8.27 2.17 -1.31
CA TRP A 69 -8.39 0.76 -0.80
C TRP A 69 -8.29 0.82 0.73
N LYS A 70 -8.12 -0.31 1.37
CA LYS A 70 -8.01 -0.33 2.86
C LYS A 70 -6.76 -1.14 3.23
N SER A 71 -6.50 -2.17 2.46
CA SER A 71 -5.31 -3.04 2.71
C SER A 71 -4.55 -3.33 1.43
N ILE A 72 -3.39 -3.90 1.64
CA ILE A 72 -2.47 -4.27 0.52
C ILE A 72 -1.98 -5.71 0.71
N PHE A 73 -2.27 -6.49 -0.30
CA PHE A 73 -1.87 -7.93 -0.31
C PHE A 73 -0.58 -8.06 -1.12
N ILE A 74 0.47 -8.52 -0.48
CA ILE A 74 1.78 -8.69 -1.16
C ILE A 74 2.15 -10.17 -1.14
N GLN A 75 2.88 -10.61 -2.14
CA GLN A 75 3.30 -12.05 -2.19
C GLN A 75 4.40 -12.24 -1.13
N CYS A 76 4.92 -13.44 -1.01
CA CYS A 76 5.99 -13.68 -0.01
C CYS A 76 7.13 -14.51 -0.66
N SER A 1 9.97 -4.31 -1.74
CA SER A 1 8.72 -5.02 -1.37
C SER A 1 8.14 -4.41 -0.07
N ALA A 2 7.70 -3.18 -0.18
CA ALA A 2 7.12 -2.47 1.00
C ALA A 2 6.25 -1.28 0.59
N PHE A 3 5.00 -1.31 0.99
CA PHE A 3 4.06 -0.21 0.66
C PHE A 3 4.01 0.83 1.80
N THR A 4 4.68 1.93 1.58
CA THR A 4 4.71 3.04 2.59
C THR A 4 3.54 3.99 2.30
N VAL A 5 3.12 4.72 3.32
CA VAL A 5 1.98 5.69 3.18
C VAL A 5 2.15 6.84 4.19
N TRP A 6 1.88 8.06 3.79
CA TRP A 6 2.00 9.23 4.70
C TRP A 6 0.56 9.70 4.98
N SER A 7 0.33 10.27 6.14
CA SER A 7 -1.05 10.76 6.51
C SER A 7 -1.62 11.85 5.57
N GLY A 8 -0.77 12.75 5.15
CA GLY A 8 -1.21 13.85 4.23
C GLY A 8 -0.28 15.07 4.34
N PRO A 9 -0.19 15.86 3.30
CA PRO A 9 -1.04 15.80 2.06
C PRO A 9 -0.54 14.66 1.15
N GLY A 10 0.72 14.75 0.82
CA GLY A 10 1.38 13.74 -0.05
C GLY A 10 2.35 12.98 0.84
N CYS A 11 3.56 12.84 0.36
CA CYS A 11 4.62 12.13 1.13
C CYS A 11 5.43 13.22 1.84
N ASN A 12 4.72 14.03 2.60
CA ASN A 12 5.40 15.14 3.34
C ASN A 12 4.79 15.28 4.74
N ASN A 13 4.98 14.25 5.53
CA ASN A 13 4.44 14.22 6.92
C ASN A 13 4.85 12.89 7.61
N ARG A 14 4.04 12.43 8.53
CA ARG A 14 4.32 11.16 9.27
C ARG A 14 4.10 9.98 8.30
N ALA A 15 4.49 8.79 8.68
CA ALA A 15 4.29 7.62 7.76
C ALA A 15 4.01 6.29 8.46
N GLU A 16 3.72 5.32 7.64
CA GLU A 16 3.41 3.92 8.08
C GLU A 16 3.83 2.99 6.94
N ARG A 17 4.40 1.86 7.31
CA ARG A 17 4.85 0.86 6.29
C ARG A 17 3.99 -0.40 6.32
N TYR A 18 3.95 -1.04 5.18
CA TYR A 18 3.17 -2.30 4.99
C TYR A 18 4.04 -3.22 4.12
N SER A 19 5.05 -3.75 4.77
CA SER A 19 6.03 -4.67 4.11
C SER A 19 5.81 -6.14 4.52
N LYS A 20 5.16 -6.34 5.64
CA LYS A 20 4.89 -7.72 6.12
C LYS A 20 4.01 -8.48 5.12
N CYS A 21 4.40 -9.70 4.87
CA CYS A 21 3.65 -10.57 3.91
C CYS A 21 2.21 -10.79 4.40
N GLY A 22 1.27 -10.20 3.71
CA GLY A 22 -0.17 -10.35 4.12
C GLY A 22 -1.01 -9.13 3.76
N CYS A 23 -2.30 -9.34 3.86
CA CYS A 23 -3.33 -8.30 3.55
C CYS A 23 -3.46 -7.32 4.75
N SER A 24 -2.47 -6.47 4.88
CA SER A 24 -2.43 -5.47 5.99
C SER A 24 -3.32 -4.26 5.66
N ALA A 25 -4.08 -3.82 6.63
CA ALA A 25 -5.00 -2.65 6.42
C ALA A 25 -4.27 -1.29 6.47
N ILE A 26 -4.47 -0.51 5.43
CA ILE A 26 -3.84 0.84 5.33
C ILE A 26 -4.81 1.84 5.99
N HIS A 27 -4.27 2.91 6.50
CA HIS A 27 -5.13 3.96 7.17
C HIS A 27 -4.75 5.38 6.74
N GLN A 28 -3.49 5.57 6.43
CA GLN A 28 -3.00 6.92 6.01
C GLN A 28 -3.38 7.16 4.54
N LYS A 29 -4.39 7.97 4.35
CA LYS A 29 -4.90 8.33 3.00
C LYS A 29 -4.20 9.55 2.37
N GLY A 30 -3.06 9.91 2.89
CA GLY A 30 -2.32 11.11 2.36
C GLY A 30 -1.64 10.78 1.02
N GLY A 31 -0.45 10.27 1.13
CA GLY A 31 0.37 9.88 -0.07
C GLY A 31 0.87 8.45 0.14
N TYR A 32 1.44 7.82 -0.87
CA TYR A 32 1.93 6.42 -0.66
C TYR A 32 2.94 5.88 -1.67
N ASP A 33 3.97 5.31 -1.10
CA ASP A 33 5.07 4.72 -1.90
C ASP A 33 4.98 3.20 -1.83
N PHE A 34 5.73 2.61 -2.72
CA PHE A 34 5.80 1.13 -2.81
C PHE A 34 7.23 0.81 -3.23
N SER A 35 7.67 -0.36 -2.83
CA SER A 35 9.04 -0.83 -3.16
C SER A 35 8.89 -2.26 -3.66
N TYR A 36 9.79 -2.65 -4.51
CA TYR A 36 9.74 -4.03 -5.09
C TYR A 36 11.13 -4.66 -5.08
N THR A 37 11.17 -5.90 -4.64
CA THR A 37 12.45 -6.67 -4.56
C THR A 37 12.04 -8.12 -4.78
N GLY A 38 11.64 -8.38 -6.00
CA GLY A 38 11.20 -9.74 -6.40
C GLY A 38 9.95 -10.14 -5.60
N GLN A 39 9.08 -9.18 -5.40
CA GLN A 39 7.83 -9.46 -4.63
C GLN A 39 6.75 -8.42 -4.97
N THR A 40 5.69 -8.91 -5.57
CA THR A 40 4.55 -8.03 -5.98
C THR A 40 3.59 -7.79 -4.80
N ALA A 41 2.76 -6.81 -5.01
CA ALA A 41 1.73 -6.40 -4.00
C ALA A 41 0.40 -6.20 -4.72
N ALA A 42 -0.66 -6.20 -3.95
CA ALA A 42 -2.03 -6.02 -4.52
C ALA A 42 -2.92 -5.31 -3.51
N LEU A 43 -3.69 -4.37 -3.99
CA LEU A 43 -4.61 -3.61 -3.10
C LEU A 43 -5.95 -4.31 -3.07
N TYR A 44 -6.67 -4.02 -2.03
CA TYR A 44 -8.02 -4.61 -1.83
C TYR A 44 -8.92 -3.62 -1.10
N ASN A 45 -10.01 -3.29 -1.75
CA ASN A 45 -11.00 -2.33 -1.18
C ASN A 45 -11.69 -2.91 0.06
N GLN A 46 -11.42 -4.17 0.33
CA GLN A 46 -12.03 -4.86 1.51
C GLN A 46 -10.93 -5.43 2.42
N ALA A 47 -11.11 -5.18 3.69
CA ALA A 47 -10.17 -5.63 4.77
C ALA A 47 -9.71 -7.09 4.65
N GLY A 48 -8.42 -7.27 4.80
CA GLY A 48 -7.81 -8.63 4.72
C GLY A 48 -8.16 -9.36 3.41
N CYS A 49 -8.05 -8.63 2.31
CA CYS A 49 -8.35 -9.20 0.96
C CYS A 49 -9.74 -9.89 0.90
N SER A 50 -10.69 -9.39 1.66
CA SER A 50 -12.05 -10.01 1.66
C SER A 50 -12.93 -9.51 0.50
N GLY A 51 -12.24 -9.18 -0.55
CA GLY A 51 -12.88 -8.67 -1.80
C GLY A 51 -11.90 -8.83 -2.96
N VAL A 52 -12.29 -8.33 -4.10
CA VAL A 52 -11.42 -8.40 -5.32
C VAL A 52 -10.41 -7.25 -5.24
N ALA A 53 -9.30 -7.42 -5.92
CA ALA A 53 -8.26 -6.34 -5.91
C ALA A 53 -8.73 -5.09 -6.66
N HIS A 54 -8.06 -4.00 -6.39
CA HIS A 54 -8.40 -2.69 -7.04
C HIS A 54 -7.16 -2.12 -7.75
N THR A 55 -6.01 -2.39 -7.19
CA THR A 55 -4.72 -1.89 -7.79
C THR A 55 -3.65 -2.98 -7.65
N ARG A 56 -2.56 -2.79 -8.35
CA ARG A 56 -1.43 -3.78 -8.30
C ARG A 56 -0.10 -3.02 -8.36
N PHE A 57 0.87 -3.51 -7.64
CA PHE A 57 2.23 -2.86 -7.61
C PHE A 57 3.33 -3.95 -7.63
N GLY A 58 3.96 -4.07 -8.78
CA GLY A 58 5.06 -5.08 -8.96
C GLY A 58 6.37 -4.37 -9.33
N SER A 59 6.51 -3.17 -8.81
CA SER A 59 7.72 -2.33 -9.07
C SER A 59 7.59 -1.05 -8.23
N SER A 60 8.60 -0.75 -7.45
CA SER A 60 8.63 0.46 -6.59
C SER A 60 7.83 1.64 -7.18
N ALA A 61 6.74 1.96 -6.52
CA ALA A 61 5.85 3.07 -6.97
C ALA A 61 5.73 4.13 -5.86
N ARG A 62 6.60 5.11 -5.97
CA ARG A 62 6.65 6.23 -4.98
C ARG A 62 5.60 7.33 -5.26
N ALA A 63 4.36 6.97 -5.07
CA ALA A 63 3.25 7.96 -5.31
C ALA A 63 2.98 8.76 -4.03
N CYS A 64 2.19 9.80 -4.16
CA CYS A 64 1.87 10.66 -2.97
C CYS A 64 0.46 11.23 -3.17
N ASN A 65 -0.38 10.36 -3.69
CA ASN A 65 -1.80 10.67 -3.98
C ASN A 65 -2.70 10.10 -2.86
N PRO A 66 -3.94 10.53 -2.80
CA PRO A 66 -5.00 9.84 -2.00
C PRO A 66 -5.42 8.53 -2.71
N PHE A 67 -6.10 7.70 -1.96
CA PHE A 67 -6.59 6.39 -2.49
C PHE A 67 -7.69 5.87 -1.54
N GLY A 68 -8.02 4.60 -1.64
CA GLY A 68 -9.08 4.04 -0.75
C GLY A 68 -9.06 2.51 -0.61
N TRP A 69 -7.89 1.92 -0.46
CA TRP A 69 -7.80 0.44 -0.31
C TRP A 69 -7.88 0.16 1.19
N LYS A 70 -8.70 -0.80 1.56
CA LYS A 70 -8.83 -1.13 3.01
C LYS A 70 -7.52 -1.81 3.41
N SER A 71 -7.12 -2.78 2.62
CA SER A 71 -5.86 -3.54 2.87
C SER A 71 -5.02 -3.74 1.60
N ILE A 72 -3.83 -4.22 1.84
CA ILE A 72 -2.84 -4.48 0.76
C ILE A 72 -2.08 -5.77 1.05
N PHE A 73 -2.24 -6.69 0.14
CA PHE A 73 -1.58 -8.02 0.23
C PHE A 73 -0.15 -7.94 -0.31
N ILE A 74 0.77 -8.27 0.54
CA ILE A 74 2.22 -8.25 0.17
C ILE A 74 2.66 -9.72 0.07
N GLN A 75 3.33 -10.05 -1.00
CA GLN A 75 3.81 -11.45 -1.20
C GLN A 75 5.16 -11.64 -0.51
N CYS A 76 5.69 -12.85 -0.62
CA CYS A 76 7.00 -13.21 -0.02
C CYS A 76 7.47 -14.60 -0.52
N SER A 1 9.10 -6.69 -0.24
CA SER A 1 8.54 -5.42 -0.80
C SER A 1 7.78 -4.67 0.31
N ALA A 2 7.54 -3.40 0.08
CA ALA A 2 6.81 -2.59 1.11
C ALA A 2 6.06 -1.38 0.53
N PHE A 3 4.82 -1.27 0.95
CA PHE A 3 3.92 -0.17 0.53
C PHE A 3 3.96 0.95 1.59
N THR A 4 4.83 1.91 1.37
CA THR A 4 4.96 3.06 2.33
C THR A 4 3.71 3.92 2.15
N VAL A 5 3.34 4.61 3.20
CA VAL A 5 2.13 5.50 3.18
C VAL A 5 2.30 6.69 4.15
N TRP A 6 1.61 7.77 3.87
CA TRP A 6 1.66 8.99 4.72
C TRP A 6 0.24 9.49 4.98
N SER A 7 0.09 10.23 6.04
CA SER A 7 -1.25 10.79 6.43
C SER A 7 -1.84 11.72 5.37
N GLY A 8 -0.98 12.52 4.79
CA GLY A 8 -1.39 13.49 3.73
C GLY A 8 -0.75 14.85 4.04
N PRO A 9 -0.60 15.68 3.03
CA PRO A 9 -1.32 15.65 1.73
C PRO A 9 -0.71 14.63 0.77
N GLY A 10 0.60 14.66 0.69
CA GLY A 10 1.36 13.73 -0.19
C GLY A 10 2.05 12.65 0.64
N CYS A 11 3.27 12.40 0.26
CA CYS A 11 4.16 11.39 0.90
C CYS A 11 5.20 12.16 1.73
N ASN A 12 4.77 13.21 2.38
CA ASN A 12 5.73 14.02 3.20
C ASN A 12 5.17 14.51 4.53
N ASN A 13 4.92 13.60 5.45
CA ASN A 13 4.37 14.02 6.76
C ASN A 13 4.37 12.87 7.78
N ARG A 14 3.34 12.06 7.84
CA ARG A 14 3.32 10.94 8.83
C ARG A 14 3.92 9.67 8.20
N ALA A 15 5.20 9.51 8.40
CA ALA A 15 5.92 8.32 7.84
C ALA A 15 5.43 7.00 8.49
N GLU A 16 4.83 6.18 7.67
CA GLU A 16 4.30 4.85 8.14
C GLU A 16 4.49 3.88 6.95
N ARG A 17 4.59 2.61 7.20
CA ARG A 17 4.79 1.64 6.07
C ARG A 17 4.21 0.24 6.37
N TYR A 18 3.82 -0.42 5.31
CA TYR A 18 3.23 -1.80 5.38
C TYR A 18 4.12 -2.72 4.53
N SER A 19 5.06 -3.35 5.20
CA SER A 19 6.02 -4.28 4.51
C SER A 19 5.73 -5.77 4.77
N LYS A 20 5.13 -6.05 5.91
CA LYS A 20 4.80 -7.44 6.31
C LYS A 20 4.02 -8.21 5.21
N CYS A 21 4.30 -9.49 5.12
CA CYS A 21 3.60 -10.35 4.10
C CYS A 21 2.10 -10.43 4.44
N GLY A 22 1.33 -10.95 3.52
CA GLY A 22 -0.13 -11.07 3.75
C GLY A 22 -0.73 -9.66 3.64
N CYS A 23 -2.01 -9.53 3.85
CA CYS A 23 -2.61 -8.16 3.74
C CYS A 23 -2.75 -7.44 5.07
N SER A 24 -2.50 -6.16 4.99
CA SER A 24 -2.58 -5.24 6.17
C SER A 24 -3.50 -4.07 5.83
N ALA A 25 -4.31 -3.68 6.78
CA ALA A 25 -5.25 -2.54 6.56
C ALA A 25 -4.50 -1.21 6.66
N ILE A 26 -4.58 -0.46 5.59
CA ILE A 26 -3.90 0.86 5.51
C ILE A 26 -4.83 1.91 6.15
N HIS A 27 -4.23 2.92 6.72
CA HIS A 27 -5.02 4.01 7.39
C HIS A 27 -4.46 5.39 6.97
N GLN A 28 -3.30 5.36 6.38
CA GLN A 28 -2.60 6.59 5.90
C GLN A 28 -3.09 6.95 4.50
N LYS A 29 -4.18 7.65 4.54
CA LYS A 29 -4.89 8.14 3.33
C LYS A 29 -4.36 9.53 2.93
N GLY A 30 -3.10 9.54 2.57
CA GLY A 30 -2.42 10.81 2.16
C GLY A 30 -1.56 10.60 0.92
N GLY A 31 -0.64 9.70 1.04
CA GLY A 31 0.29 9.37 -0.10
C GLY A 31 0.90 8.00 0.15
N TYR A 32 1.55 7.45 -0.85
CA TYR A 32 2.17 6.09 -0.65
C TYR A 32 3.26 5.77 -1.67
N ASP A 33 4.36 5.30 -1.14
CA ASP A 33 5.53 4.92 -1.99
C ASP A 33 5.76 3.42 -1.93
N PHE A 34 5.39 2.74 -2.97
CA PHE A 34 5.56 1.26 -3.02
C PHE A 34 7.00 0.98 -3.46
N SER A 35 7.51 -0.16 -3.06
CA SER A 35 8.90 -0.54 -3.43
C SER A 35 8.99 -2.06 -3.63
N TYR A 36 8.97 -2.42 -4.89
CA TYR A 36 9.05 -3.85 -5.29
C TYR A 36 10.47 -4.39 -5.05
N THR A 37 10.53 -5.56 -4.48
CA THR A 37 11.85 -6.22 -4.18
C THR A 37 11.60 -7.73 -4.33
N GLY A 38 11.11 -8.07 -5.49
CA GLY A 38 10.81 -9.49 -5.82
C GLY A 38 9.38 -9.85 -5.38
N GLN A 39 8.88 -9.12 -4.43
CA GLN A 39 7.50 -9.37 -3.91
C GLN A 39 6.49 -8.40 -4.52
N THR A 40 5.46 -8.97 -5.08
CA THR A 40 4.38 -8.17 -5.73
C THR A 40 3.35 -7.77 -4.66
N ALA A 41 2.52 -6.82 -5.01
CA ALA A 41 1.47 -6.32 -4.08
C ALA A 41 0.11 -6.31 -4.78
N ALA A 42 -0.90 -6.06 -4.00
CA ALA A 42 -2.31 -6.00 -4.51
C ALA A 42 -3.15 -5.21 -3.51
N LEU A 43 -3.91 -4.27 -4.00
CA LEU A 43 -4.78 -3.42 -3.13
C LEU A 43 -6.20 -3.97 -3.09
N TYR A 44 -6.58 -4.37 -1.91
CA TYR A 44 -7.93 -4.92 -1.67
C TYR A 44 -8.85 -3.85 -1.08
N ASN A 45 -9.94 -3.61 -1.77
CA ASN A 45 -10.95 -2.60 -1.33
C ASN A 45 -11.76 -3.16 -0.13
N GLN A 46 -11.45 -4.38 0.23
CA GLN A 46 -12.14 -5.07 1.36
C GLN A 46 -11.10 -5.22 2.47
N ALA A 47 -11.54 -5.00 3.69
CA ALA A 47 -10.63 -5.12 4.87
C ALA A 47 -10.01 -6.52 4.94
N GLY A 48 -8.74 -6.53 5.26
CA GLY A 48 -7.99 -7.82 5.38
C GLY A 48 -8.14 -8.68 4.12
N CYS A 49 -8.02 -8.04 2.98
CA CYS A 49 -8.14 -8.71 1.65
C CYS A 49 -9.23 -9.79 1.59
N SER A 50 -10.33 -9.47 2.22
CA SER A 50 -11.50 -10.40 2.25
C SER A 50 -12.42 -10.15 1.04
N GLY A 51 -11.79 -9.95 -0.08
CA GLY A 51 -12.52 -9.68 -1.35
C GLY A 51 -11.63 -9.96 -2.55
N VAL A 52 -11.46 -8.94 -3.37
CA VAL A 52 -10.60 -9.05 -4.60
C VAL A 52 -9.70 -7.80 -4.67
N ALA A 53 -8.57 -7.95 -5.31
CA ALA A 53 -7.62 -6.80 -5.45
C ALA A 53 -8.20 -5.69 -6.33
N HIS A 54 -7.39 -4.70 -6.59
CA HIS A 54 -7.81 -3.54 -7.44
C HIS A 54 -6.61 -2.98 -8.21
N THR A 55 -5.52 -2.83 -7.51
CA THR A 55 -4.27 -2.29 -8.15
C THR A 55 -3.06 -3.07 -7.63
N ARG A 56 -2.42 -3.76 -8.53
CA ARG A 56 -1.22 -4.56 -8.18
C ARG A 56 0.04 -3.74 -8.47
N PHE A 57 1.09 -4.02 -7.74
CA PHE A 57 2.38 -3.29 -7.93
C PHE A 57 3.55 -4.29 -8.04
N GLY A 58 4.14 -4.31 -9.21
CA GLY A 58 5.30 -5.22 -9.47
C GLY A 58 6.58 -4.40 -9.64
N SER A 59 6.49 -3.13 -9.29
CA SER A 59 7.66 -2.20 -9.40
C SER A 59 7.44 -0.96 -8.52
N SER A 60 8.47 -0.57 -7.81
CA SER A 60 8.43 0.61 -6.89
C SER A 60 7.65 1.78 -7.50
N ALA A 61 6.55 2.13 -6.87
CA ALA A 61 5.68 3.26 -7.34
C ALA A 61 5.62 4.34 -6.25
N ARG A 62 6.49 5.30 -6.39
CA ARG A 62 6.56 6.43 -5.41
C ARG A 62 5.40 7.43 -5.58
N ALA A 63 4.23 7.05 -5.14
CA ALA A 63 3.03 7.95 -5.26
C ALA A 63 2.88 8.83 -4.02
N CYS A 64 2.12 9.89 -4.16
CA CYS A 64 1.90 10.84 -3.01
C CYS A 64 0.50 11.46 -3.10
N ASN A 65 -0.48 10.57 -3.08
CA ASN A 65 -1.91 10.96 -3.14
C ASN A 65 -2.74 9.94 -2.33
N PRO A 66 -3.87 10.34 -1.82
CA PRO A 66 -4.81 9.41 -1.10
C PRO A 66 -5.38 8.37 -2.09
N PHE A 67 -6.18 7.47 -1.59
CA PHE A 67 -6.79 6.41 -2.45
C PHE A 67 -8.15 5.92 -1.91
N GLY A 68 -8.53 4.73 -2.29
CA GLY A 68 -9.82 4.15 -1.82
C GLY A 68 -9.73 2.68 -1.38
N TRP A 69 -8.55 2.17 -1.08
CA TRP A 69 -8.43 0.75 -0.66
C TRP A 69 -8.52 0.62 0.88
N LYS A 70 -8.82 -0.57 1.33
CA LYS A 70 -8.95 -0.88 2.78
C LYS A 70 -7.65 -1.51 3.30
N SER A 71 -7.11 -2.39 2.50
CA SER A 71 -5.85 -3.11 2.87
C SER A 71 -4.99 -3.38 1.63
N ILE A 72 -3.87 -4.01 1.88
CA ILE A 72 -2.92 -4.36 0.77
C ILE A 72 -2.18 -5.67 1.04
N PHE A 73 -2.45 -6.59 0.15
CA PHE A 73 -1.83 -7.94 0.21
C PHE A 73 -0.42 -7.86 -0.39
N ILE A 74 0.55 -8.09 0.47
CA ILE A 74 2.00 -8.05 0.07
C ILE A 74 2.52 -9.50 0.07
N GLN A 75 3.32 -9.81 -0.91
CA GLN A 75 3.88 -11.20 -1.01
C GLN A 75 5.08 -11.37 -0.07
N CYS A 76 5.27 -12.59 0.38
CA CYS A 76 6.40 -12.91 1.31
C CYS A 76 7.74 -12.85 0.54
N SER A 1 9.15 -5.61 -1.51
CA SER A 1 7.79 -5.72 -0.89
C SER A 1 7.64 -4.75 0.30
N ALA A 2 7.43 -3.49 -0.02
CA ALA A 2 7.27 -2.47 1.05
C ALA A 2 6.41 -1.28 0.60
N PHE A 3 5.20 -1.31 1.08
CA PHE A 3 4.21 -0.23 0.75
C PHE A 3 4.18 0.82 1.87
N THR A 4 5.01 1.81 1.70
CA THR A 4 5.11 2.92 2.70
C THR A 4 3.90 3.85 2.48
N VAL A 5 3.52 4.55 3.51
CA VAL A 5 2.35 5.49 3.41
C VAL A 5 2.57 6.68 4.36
N TRP A 6 1.78 7.71 4.17
CA TRP A 6 1.85 8.95 4.99
C TRP A 6 0.36 9.35 5.15
N SER A 7 -0.02 9.79 6.33
CA SER A 7 -1.44 10.20 6.60
C SER A 7 -2.05 11.21 5.61
N GLY A 8 -1.28 12.19 5.22
CA GLY A 8 -1.75 13.23 4.26
C GLY A 8 -1.01 14.55 4.52
N PRO A 9 -0.83 15.37 3.49
CA PRO A 9 -1.60 15.35 2.21
C PRO A 9 -1.10 14.24 1.27
N GLY A 10 0.14 14.36 0.90
CA GLY A 10 0.77 13.36 -0.01
C GLY A 10 1.70 12.47 0.82
N CYS A 11 2.90 12.35 0.33
CA CYS A 11 3.96 11.51 0.99
C CYS A 11 4.85 12.36 1.90
N ASN A 12 4.21 13.13 2.72
CA ASN A 12 4.92 14.02 3.68
C ASN A 12 4.37 13.63 5.06
N ASN A 13 3.98 14.58 5.88
CA ASN A 13 3.43 14.28 7.24
C ASN A 13 4.09 13.09 7.99
N ARG A 14 3.32 12.44 8.83
CA ARG A 14 3.84 11.26 9.61
C ARG A 14 3.86 10.03 8.68
N ALA A 15 4.22 8.88 9.20
CA ALA A 15 4.26 7.67 8.30
C ALA A 15 4.05 6.32 9.00
N GLU A 16 3.67 5.40 8.15
CA GLU A 16 3.40 3.98 8.51
C GLU A 16 3.99 3.15 7.36
N ARG A 17 4.19 1.87 7.56
CA ARG A 17 4.76 1.02 6.48
C ARG A 17 4.19 -0.39 6.54
N TYR A 18 3.87 -0.88 5.36
CA TYR A 18 3.29 -2.25 5.21
C TYR A 18 4.25 -3.10 4.38
N SER A 19 5.32 -3.46 5.01
CA SER A 19 6.38 -4.30 4.36
C SER A 19 6.19 -5.78 4.67
N LYS A 20 5.24 -6.05 5.54
CA LYS A 20 4.94 -7.45 5.95
C LYS A 20 4.37 -8.21 4.74
N CYS A 21 5.14 -9.15 4.27
CA CYS A 21 4.73 -9.97 3.09
C CYS A 21 3.50 -10.80 3.48
N GLY A 22 2.38 -10.54 2.84
CA GLY A 22 1.14 -11.31 3.17
C GLY A 22 -0.16 -10.54 2.96
N CYS A 23 -0.64 -9.97 4.04
CA CYS A 23 -1.92 -9.18 4.03
C CYS A 23 -1.94 -8.19 5.21
N SER A 24 -2.29 -6.95 4.94
CA SER A 24 -2.33 -5.91 6.02
C SER A 24 -3.21 -4.71 5.63
N ALA A 25 -4.05 -4.28 6.55
CA ALA A 25 -4.96 -3.12 6.31
C ALA A 25 -4.27 -1.75 6.44
N ILE A 26 -4.42 -0.98 5.38
CA ILE A 26 -3.83 0.40 5.32
C ILE A 26 -4.84 1.35 5.96
N HIS A 27 -4.36 2.41 6.54
CA HIS A 27 -5.26 3.41 7.20
C HIS A 27 -4.83 4.85 6.88
N GLN A 28 -3.79 4.97 6.09
CA GLN A 28 -3.27 6.32 5.68
C GLN A 28 -3.75 6.64 4.26
N LYS A 29 -4.75 7.47 4.21
CA LYS A 29 -5.38 7.92 2.93
C LYS A 29 -4.59 9.04 2.23
N GLY A 30 -3.53 9.49 2.84
CA GLY A 30 -2.70 10.58 2.24
C GLY A 30 -1.95 10.14 0.99
N GLY A 31 -0.68 9.87 1.18
CA GLY A 31 0.19 9.43 0.04
C GLY A 31 0.81 8.08 0.38
N TYR A 32 1.37 7.46 -0.62
CA TYR A 32 2.01 6.12 -0.42
C TYR A 32 2.97 5.75 -1.54
N ASP A 33 4.01 5.06 -1.15
CA ASP A 33 5.05 4.61 -2.11
C ASP A 33 5.18 3.10 -1.93
N PHE A 34 5.59 2.45 -2.99
CA PHE A 34 5.76 0.97 -2.95
C PHE A 34 7.22 0.74 -3.31
N SER A 35 7.72 -0.39 -2.90
CA SER A 35 9.13 -0.75 -3.20
C SER A 35 9.16 -2.25 -3.40
N TYR A 36 9.20 -2.57 -4.66
CA TYR A 36 9.25 -3.98 -5.14
C TYR A 36 10.62 -4.56 -4.80
N THR A 37 10.62 -5.78 -4.33
CA THR A 37 11.89 -6.47 -3.97
C THR A 37 11.69 -7.94 -4.35
N GLY A 38 11.48 -8.14 -5.62
CA GLY A 38 11.26 -9.50 -6.17
C GLY A 38 9.84 -10.00 -5.90
N GLN A 39 9.14 -9.32 -5.01
CA GLN A 39 7.75 -9.68 -4.64
C GLN A 39 6.74 -8.62 -5.09
N THR A 40 5.77 -9.06 -5.84
CA THR A 40 4.71 -8.16 -6.36
C THR A 40 3.68 -7.93 -5.25
N ALA A 41 2.92 -6.88 -5.42
CA ALA A 41 1.87 -6.51 -4.43
C ALA A 41 0.48 -6.54 -5.09
N ALA A 42 -0.50 -6.33 -4.26
CA ALA A 42 -1.94 -6.32 -4.69
C ALA A 42 -2.67 -5.44 -3.67
N LEU A 43 -3.60 -4.66 -4.14
CA LEU A 43 -4.38 -3.75 -3.25
C LEU A 43 -5.84 -4.18 -3.16
N TYR A 44 -6.32 -4.21 -1.96
CA TYR A 44 -7.73 -4.61 -1.67
C TYR A 44 -8.52 -3.47 -1.02
N ASN A 45 -9.70 -3.27 -1.53
CA ASN A 45 -10.64 -2.22 -1.05
C ASN A 45 -11.12 -2.51 0.37
N GLN A 46 -11.31 -3.78 0.62
CA GLN A 46 -11.79 -4.27 1.95
C GLN A 46 -10.61 -4.62 2.86
N ALA A 47 -10.55 -3.93 3.96
CA ALA A 47 -9.48 -4.11 5.00
C ALA A 47 -9.08 -5.57 5.23
N GLY A 48 -7.82 -5.77 5.54
CA GLY A 48 -7.28 -7.13 5.78
C GLY A 48 -7.49 -8.01 4.55
N CYS A 49 -7.29 -7.41 3.40
CA CYS A 49 -7.45 -8.11 2.08
C CYS A 49 -8.71 -8.99 2.04
N SER A 50 -9.74 -8.50 2.69
CA SER A 50 -11.05 -9.24 2.76
C SER A 50 -11.99 -8.86 1.60
N GLY A 51 -11.44 -8.83 0.42
CA GLY A 51 -12.25 -8.46 -0.78
C GLY A 51 -11.59 -8.94 -2.07
N VAL A 52 -11.60 -8.05 -3.03
CA VAL A 52 -10.99 -8.32 -4.37
C VAL A 52 -9.85 -7.32 -4.59
N ALA A 53 -8.90 -7.70 -5.42
CA ALA A 53 -7.74 -6.80 -5.69
C ALA A 53 -8.20 -5.56 -6.47
N HIS A 54 -7.28 -4.67 -6.74
CA HIS A 54 -7.61 -3.42 -7.49
C HIS A 54 -6.36 -2.86 -8.17
N THR A 55 -5.25 -2.89 -7.46
CA THR A 55 -3.97 -2.38 -8.02
C THR A 55 -2.80 -3.26 -7.56
N ARG A 56 -1.99 -3.67 -8.51
CA ARG A 56 -0.80 -4.54 -8.21
C ARG A 56 0.48 -3.76 -8.54
N PHE A 57 1.44 -3.82 -7.65
CA PHE A 57 2.75 -3.11 -7.88
C PHE A 57 3.90 -4.11 -8.02
N GLY A 58 4.46 -4.15 -9.20
CA GLY A 58 5.61 -5.08 -9.50
C GLY A 58 6.91 -4.28 -9.63
N SER A 59 6.86 -3.04 -9.21
CA SER A 59 8.05 -2.13 -9.27
C SER A 59 7.81 -0.91 -8.37
N SER A 60 8.81 -0.53 -7.61
CA SER A 60 8.74 0.64 -6.68
C SER A 60 7.99 1.82 -7.32
N ALA A 61 6.92 2.26 -6.69
CA ALA A 61 6.12 3.41 -7.22
C ALA A 61 5.74 4.45 -6.16
N ARG A 62 6.30 5.63 -6.25
CA ARG A 62 6.02 6.75 -5.28
C ARG A 62 4.68 7.43 -5.59
N ALA A 63 3.62 6.76 -5.23
CA ALA A 63 2.24 7.29 -5.46
C ALA A 63 1.71 8.13 -4.28
N CYS A 64 2.25 9.31 -4.13
CA CYS A 64 1.82 10.24 -3.02
C CYS A 64 0.34 10.67 -3.10
N ASN A 65 -0.32 10.31 -4.18
CA ASN A 65 -1.76 10.68 -4.35
C ASN A 65 -2.61 9.84 -3.36
N PRO A 66 -3.84 10.21 -3.11
CA PRO A 66 -4.80 9.36 -2.31
C PRO A 66 -5.15 8.06 -3.05
N PHE A 67 -5.96 7.23 -2.42
CA PHE A 67 -6.36 5.93 -3.07
C PHE A 67 -7.76 5.47 -2.63
N GLY A 68 -7.93 4.17 -2.60
CA GLY A 68 -9.23 3.56 -2.20
C GLY A 68 -9.03 2.14 -1.68
N TRP A 69 -7.81 1.76 -1.34
CA TRP A 69 -7.57 0.38 -0.84
C TRP A 69 -7.44 0.46 0.69
N LYS A 70 -8.22 -0.33 1.39
CA LYS A 70 -8.16 -0.31 2.87
C LYS A 70 -7.13 -1.36 3.34
N SER A 71 -6.48 -2.00 2.40
CA SER A 71 -5.45 -3.04 2.69
C SER A 71 -4.57 -3.35 1.48
N ILE A 72 -3.58 -4.16 1.75
CA ILE A 72 -2.60 -4.58 0.71
C ILE A 72 -2.04 -5.99 0.97
N PHE A 73 -2.23 -6.81 -0.03
CA PHE A 73 -1.78 -8.23 0.00
C PHE A 73 -0.46 -8.24 -0.80
N ILE A 74 0.58 -8.78 -0.22
CA ILE A 74 1.91 -8.83 -0.95
C ILE A 74 2.53 -10.23 -0.87
N GLN A 75 3.18 -10.59 -1.95
CA GLN A 75 3.86 -11.92 -2.07
C GLN A 75 5.12 -11.93 -1.19
N CYS A 76 5.64 -13.11 -0.94
CA CYS A 76 6.88 -13.22 -0.11
C CYS A 76 8.01 -13.93 -0.89
N SER A 1 8.09 -5.47 -2.62
CA SER A 1 7.14 -5.80 -1.52
C SER A 1 7.26 -4.82 -0.33
N ALA A 2 7.27 -3.54 -0.63
CA ALA A 2 7.37 -2.50 0.46
C ALA A 2 6.56 -1.24 0.11
N PHE A 3 5.36 -1.19 0.65
CA PHE A 3 4.42 -0.05 0.42
C PHE A 3 4.42 1.02 1.54
N THR A 4 5.10 2.11 1.29
CA THR A 4 5.19 3.22 2.30
C THR A 4 3.93 4.12 2.15
N VAL A 5 3.57 4.81 3.21
CA VAL A 5 2.35 5.71 3.18
C VAL A 5 2.50 6.91 4.14
N TRP A 6 1.71 7.94 3.92
CA TRP A 6 1.72 9.16 4.78
C TRP A 6 0.25 9.65 4.81
N SER A 7 -0.19 10.11 5.97
CA SER A 7 -1.61 10.62 6.12
C SER A 7 -1.99 11.74 5.15
N GLY A 8 -1.01 12.41 4.61
CA GLY A 8 -1.25 13.53 3.64
C GLY A 8 -0.58 14.83 4.11
N PRO A 9 -0.43 15.77 3.21
CA PRO A 9 -1.12 15.82 1.88
C PRO A 9 -0.46 14.85 0.88
N GLY A 10 0.83 15.01 0.73
CA GLY A 10 1.61 14.15 -0.20
C GLY A 10 2.27 13.01 0.58
N CYS A 11 3.57 12.95 0.44
CA CYS A 11 4.41 11.92 1.10
C CYS A 11 5.46 12.65 1.98
N ASN A 12 5.07 13.09 3.14
CA ASN A 12 6.04 13.81 4.02
C ASN A 12 5.75 13.55 5.50
N ASN A 13 4.52 13.86 5.81
CA ASN A 13 3.93 13.74 7.18
C ASN A 13 4.12 12.39 7.94
N ARG A 14 3.04 11.72 8.30
CA ARG A 14 3.09 10.42 9.04
C ARG A 14 3.71 9.26 8.24
N ALA A 15 5.03 9.23 8.23
CA ALA A 15 5.77 8.16 7.49
C ALA A 15 5.59 6.78 8.14
N GLU A 16 4.87 5.94 7.43
CA GLU A 16 4.58 4.54 7.88
C GLU A 16 4.89 3.61 6.71
N ARG A 17 4.84 2.33 6.94
CA ARG A 17 5.14 1.36 5.84
C ARG A 17 4.45 0.00 6.03
N TYR A 18 4.32 -0.67 4.92
CA TYR A 18 3.69 -2.02 4.85
C TYR A 18 4.54 -2.92 3.95
N SER A 19 5.59 -3.44 4.51
CA SER A 19 6.52 -4.35 3.75
C SER A 19 6.35 -5.78 4.30
N LYS A 20 5.45 -5.90 5.25
CA LYS A 20 5.14 -7.21 5.89
C LYS A 20 4.61 -8.22 4.87
N CYS A 21 5.33 -9.29 4.71
CA CYS A 21 4.94 -10.37 3.74
C CYS A 21 3.57 -10.95 4.17
N GLY A 22 2.55 -10.53 3.48
CA GLY A 22 1.16 -11.01 3.78
C GLY A 22 0.17 -9.89 3.50
N CYS A 23 -0.53 -9.46 4.51
CA CYS A 23 -1.54 -8.37 4.35
C CYS A 23 -1.52 -7.40 5.55
N SER A 24 -1.95 -6.19 5.28
CA SER A 24 -2.00 -5.12 6.33
C SER A 24 -2.95 -4.00 5.91
N ALA A 25 -3.72 -3.51 6.86
CA ALA A 25 -4.70 -2.41 6.57
C ALA A 25 -4.00 -1.04 6.50
N ILE A 26 -4.47 -0.26 5.56
CA ILE A 26 -3.92 1.12 5.33
C ILE A 26 -5.04 2.14 5.58
N HIS A 27 -4.76 3.11 6.42
CA HIS A 27 -5.72 4.17 6.76
C HIS A 27 -5.06 5.55 6.51
N GLN A 28 -4.22 5.56 5.52
CA GLN A 28 -3.47 6.79 5.11
C GLN A 28 -3.96 7.21 3.73
N LYS A 29 -4.83 8.17 3.79
CA LYS A 29 -5.47 8.76 2.58
C LYS A 29 -4.68 9.96 2.03
N GLY A 30 -3.43 10.05 2.42
CA GLY A 30 -2.56 11.15 1.94
C GLY A 30 -1.77 10.83 0.69
N GLY A 31 -0.76 10.03 0.90
CA GLY A 31 0.13 9.60 -0.20
C GLY A 31 0.76 8.24 0.10
N TYR A 32 1.31 7.62 -0.91
CA TYR A 32 1.94 6.29 -0.71
C TYR A 32 2.92 5.84 -1.81
N ASP A 33 4.05 5.40 -1.35
CA ASP A 33 5.14 4.91 -2.24
C ASP A 33 5.14 3.38 -2.17
N PHE A 34 5.76 2.77 -3.14
CA PHE A 34 5.85 1.29 -3.20
C PHE A 34 7.24 0.98 -3.74
N SER A 35 7.73 -0.18 -3.38
CA SER A 35 9.07 -0.60 -3.84
C SER A 35 9.07 -2.10 -4.02
N TYR A 36 9.22 -2.45 -5.27
CA TYR A 36 9.25 -3.88 -5.69
C TYR A 36 10.68 -4.36 -5.39
N THR A 37 10.77 -5.23 -4.42
CA THR A 37 12.10 -5.78 -4.02
C THR A 37 11.98 -7.30 -3.93
N GLY A 38 11.19 -7.73 -2.97
CA GLY A 38 10.97 -9.19 -2.77
C GLY A 38 10.03 -9.67 -3.88
N GLN A 39 8.80 -9.24 -3.76
CA GLN A 39 7.74 -9.61 -4.75
C GLN A 39 6.81 -8.42 -5.05
N THR A 40 5.73 -8.72 -5.71
CA THR A 40 4.70 -7.71 -6.09
C THR A 40 3.83 -7.37 -4.86
N ALA A 41 2.74 -6.68 -5.13
CA ALA A 41 1.80 -6.28 -4.04
C ALA A 41 0.42 -5.95 -4.64
N ALA A 42 -0.60 -6.32 -3.93
CA ALA A 42 -2.01 -6.08 -4.38
C ALA A 42 -2.68 -5.12 -3.39
N LEU A 43 -3.60 -4.32 -3.88
CA LEU A 43 -4.32 -3.33 -3.03
C LEU A 43 -5.80 -3.67 -2.91
N TYR A 44 -6.15 -4.26 -1.80
CA TYR A 44 -7.57 -4.66 -1.54
C TYR A 44 -8.39 -3.54 -0.91
N ASN A 45 -9.64 -3.51 -1.31
CA ASN A 45 -10.60 -2.48 -0.80
C ASN A 45 -11.35 -3.01 0.44
N GLN A 46 -11.04 -4.22 0.83
CA GLN A 46 -11.69 -4.84 2.02
C GLN A 46 -10.66 -5.05 3.14
N ALA A 47 -11.15 -4.95 4.35
CA ALA A 47 -10.30 -5.12 5.56
C ALA A 47 -9.60 -6.49 5.56
N GLY A 48 -8.33 -6.44 5.87
CA GLY A 48 -7.49 -7.68 5.92
C GLY A 48 -7.44 -8.38 4.56
N CYS A 49 -7.52 -7.58 3.54
CA CYS A 49 -7.47 -8.07 2.12
C CYS A 49 -8.54 -9.14 1.83
N SER A 50 -9.64 -9.04 2.55
CA SER A 50 -10.77 -10.00 2.38
C SER A 50 -11.71 -9.47 1.29
N GLY A 51 -11.16 -9.32 0.11
CA GLY A 51 -11.96 -8.81 -1.05
C GLY A 51 -11.31 -9.23 -2.37
N VAL A 52 -11.07 -8.22 -3.18
CA VAL A 52 -10.44 -8.42 -4.53
C VAL A 52 -9.45 -7.25 -4.71
N ALA A 53 -8.36 -7.55 -5.35
CA ALA A 53 -7.31 -6.50 -5.58
C ALA A 53 -7.76 -5.50 -6.66
N HIS A 54 -7.80 -4.26 -6.25
CA HIS A 54 -8.20 -3.14 -7.14
C HIS A 54 -7.02 -2.74 -8.04
N THR A 55 -5.96 -2.35 -7.38
CA THR A 55 -4.71 -1.92 -8.07
C THR A 55 -3.54 -2.76 -7.54
N ARG A 56 -2.57 -3.00 -8.38
CA ARG A 56 -1.38 -3.83 -7.96
C ARG A 56 -0.07 -3.12 -8.33
N PHE A 57 1.02 -3.80 -8.04
CA PHE A 57 2.39 -3.26 -8.33
C PHE A 57 3.32 -4.39 -8.82
N GLY A 58 4.33 -3.96 -9.51
CA GLY A 58 5.37 -4.89 -10.06
C GLY A 58 6.73 -4.18 -10.09
N SER A 59 6.68 -2.89 -9.86
CA SER A 59 7.90 -2.02 -9.83
C SER A 59 7.60 -0.84 -8.88
N SER A 60 8.63 -0.37 -8.21
CA SER A 60 8.51 0.77 -7.26
C SER A 60 7.59 1.89 -7.79
N ALA A 61 6.52 2.13 -7.07
CA ALA A 61 5.53 3.19 -7.45
C ALA A 61 5.48 4.26 -6.36
N ARG A 62 6.18 5.34 -6.63
CA ARG A 62 6.25 6.49 -5.67
C ARG A 62 5.07 7.48 -5.81
N ALA A 63 3.89 7.05 -5.40
CA ALA A 63 2.69 7.94 -5.49
C ALA A 63 2.49 8.75 -4.20
N CYS A 64 1.67 9.78 -4.25
CA CYS A 64 1.41 10.60 -3.03
C CYS A 64 0.00 11.22 -3.03
N ASN A 65 -0.89 10.54 -3.71
CA ASN A 65 -2.30 10.96 -3.84
C ASN A 65 -3.13 10.18 -2.79
N PRO A 66 -4.37 10.55 -2.56
CA PRO A 66 -5.35 9.68 -1.85
C PRO A 66 -5.60 8.37 -2.65
N PHE A 67 -6.43 7.51 -2.11
CA PHE A 67 -6.74 6.22 -2.80
C PHE A 67 -8.13 5.65 -2.43
N GLY A 68 -8.25 4.34 -2.48
CA GLY A 68 -9.54 3.67 -2.15
C GLY A 68 -9.29 2.20 -1.78
N TRP A 69 -8.34 1.98 -0.92
CA TRP A 69 -8.00 0.59 -0.47
C TRP A 69 -8.03 0.52 1.06
N LYS A 70 -8.51 -0.58 1.59
CA LYS A 70 -8.61 -0.78 3.06
C LYS A 70 -7.36 -1.51 3.54
N SER A 71 -6.69 -2.17 2.62
CA SER A 71 -5.45 -2.94 2.94
C SER A 71 -4.63 -3.25 1.70
N ILE A 72 -3.51 -3.89 1.95
CA ILE A 72 -2.55 -4.29 0.87
C ILE A 72 -1.99 -5.69 1.15
N PHE A 73 -2.18 -6.54 0.19
CA PHE A 73 -1.70 -7.94 0.26
C PHE A 73 -0.28 -8.00 -0.35
N ILE A 74 0.70 -7.69 0.47
CA ILE A 74 2.13 -7.69 0.02
C ILE A 74 2.53 -9.14 -0.23
N GLN A 75 3.02 -9.41 -1.41
CA GLN A 75 3.45 -10.81 -1.74
C GLN A 75 4.73 -11.19 -1.01
N CYS A 76 4.70 -12.38 -0.50
CA CYS A 76 5.86 -12.95 0.25
C CYS A 76 6.85 -13.66 -0.69
N SER A 1 9.82 -6.35 -0.54
CA SER A 1 8.83 -5.35 -1.02
C SER A 1 8.20 -4.62 0.17
N ALA A 2 7.78 -3.40 -0.06
CA ALA A 2 7.15 -2.60 1.03
C ALA A 2 6.35 -1.40 0.52
N PHE A 3 5.18 -1.27 1.09
CA PHE A 3 4.25 -0.16 0.73
C PHE A 3 4.33 0.92 1.82
N THR A 4 4.94 2.03 1.48
CA THR A 4 5.10 3.15 2.45
C THR A 4 3.92 4.12 2.27
N VAL A 5 3.57 4.81 3.31
CA VAL A 5 2.42 5.79 3.26
C VAL A 5 2.59 6.88 4.31
N TRP A 6 2.02 8.02 4.01
CA TRP A 6 2.08 9.19 4.92
C TRP A 6 0.62 9.59 5.24
N SER A 7 0.43 10.20 6.39
CA SER A 7 -0.93 10.64 6.84
C SER A 7 -1.66 11.59 5.87
N GLY A 8 -0.99 12.62 5.44
CA GLY A 8 -1.60 13.61 4.49
C GLY A 8 -0.77 14.90 4.47
N PRO A 9 -0.81 15.65 3.38
CA PRO A 9 -1.78 15.51 2.25
C PRO A 9 -1.34 14.39 1.31
N GLY A 10 -0.13 14.51 0.85
CA GLY A 10 0.47 13.50 -0.07
C GLY A 10 1.50 12.71 0.73
N CYS A 11 2.62 12.49 0.10
CA CYS A 11 3.76 11.74 0.70
C CYS A 11 4.70 12.64 1.51
N ASN A 12 4.11 13.51 2.26
CA ASN A 12 4.88 14.47 3.11
C ASN A 12 4.59 14.06 4.55
N ASN A 13 4.31 15.01 5.42
CA ASN A 13 4.01 14.71 6.87
C ASN A 13 4.80 13.52 7.47
N ARG A 14 4.16 12.72 8.30
CA ARG A 14 4.88 11.54 8.92
C ARG A 14 4.72 10.32 8.01
N ALA A 15 5.63 9.37 8.14
CA ALA A 15 5.58 8.13 7.31
C ALA A 15 5.15 6.90 8.13
N GLU A 16 4.94 5.83 7.42
CA GLU A 16 4.50 4.53 8.04
C GLU A 16 4.55 3.45 6.94
N ARG A 17 5.27 2.40 7.20
CA ARG A 17 5.39 1.28 6.21
C ARG A 17 4.45 0.11 6.49
N TYR A 18 4.18 -0.59 5.41
CA TYR A 18 3.30 -1.79 5.43
C TYR A 18 3.99 -2.82 4.52
N SER A 19 4.76 -3.69 5.15
CA SER A 19 5.51 -4.76 4.41
C SER A 19 5.30 -6.16 5.03
N LYS A 20 4.33 -6.27 5.90
CA LYS A 20 4.01 -7.57 6.57
C LYS A 20 3.78 -8.69 5.54
N CYS A 21 4.48 -9.79 5.71
CA CYS A 21 4.33 -10.93 4.76
C CYS A 21 2.94 -11.56 4.95
N GLY A 22 2.06 -11.08 4.12
CA GLY A 22 0.64 -11.51 4.09
C GLY A 22 -0.06 -10.23 3.69
N CYS A 23 -0.72 -9.60 4.63
CA CYS A 23 -1.43 -8.32 4.32
C CYS A 23 -1.77 -7.56 5.59
N SER A 24 -2.09 -6.31 5.39
CA SER A 24 -2.45 -5.42 6.54
C SER A 24 -3.28 -4.23 6.06
N ALA A 25 -4.16 -3.78 6.93
CA ALA A 25 -5.03 -2.61 6.60
C ALA A 25 -4.24 -1.31 6.78
N ILE A 26 -4.25 -0.53 5.74
CA ILE A 26 -3.54 0.78 5.71
C ILE A 26 -4.40 1.82 6.48
N HIS A 27 -3.72 2.75 7.09
CA HIS A 27 -4.41 3.83 7.88
C HIS A 27 -4.00 5.22 7.39
N GLN A 28 -2.78 5.34 6.94
CA GLN A 28 -2.26 6.65 6.44
C GLN A 28 -2.90 7.01 5.11
N LYS A 29 -3.90 7.83 5.24
CA LYS A 29 -4.69 8.33 4.07
C LYS A 29 -4.06 9.64 3.54
N GLY A 30 -2.83 9.54 3.11
CA GLY A 30 -2.11 10.73 2.57
C GLY A 30 -1.34 10.38 1.31
N GLY A 31 -0.11 9.96 1.49
CA GLY A 31 0.75 9.58 0.32
C GLY A 31 0.81 8.07 0.24
N TYR A 32 1.11 7.54 -0.92
CA TYR A 32 1.20 6.06 -1.07
C TYR A 32 2.32 5.71 -2.05
N ASP A 33 3.28 5.00 -1.53
CA ASP A 33 4.46 4.57 -2.32
C ASP A 33 4.61 3.05 -2.15
N PHE A 34 5.19 2.44 -3.15
CA PHE A 34 5.43 0.98 -3.16
C PHE A 34 6.87 0.76 -3.60
N SER A 35 7.42 -0.36 -3.19
CA SER A 35 8.81 -0.73 -3.55
C SER A 35 8.81 -2.21 -3.92
N TYR A 36 9.43 -2.49 -5.04
CA TYR A 36 9.52 -3.88 -5.57
C TYR A 36 10.96 -4.39 -5.46
N THR A 37 11.07 -5.68 -5.26
CA THR A 37 12.39 -6.37 -5.14
C THR A 37 12.11 -7.88 -5.26
N GLY A 38 11.47 -8.20 -6.36
CA GLY A 38 11.10 -9.60 -6.67
C GLY A 38 9.72 -9.91 -6.06
N GLN A 39 9.47 -9.31 -4.93
CA GLN A 39 8.18 -9.51 -4.22
C GLN A 39 7.10 -8.61 -4.80
N THR A 40 6.07 -9.27 -5.27
CA THR A 40 4.90 -8.56 -5.89
C THR A 40 3.87 -8.29 -4.79
N ALA A 41 2.89 -7.47 -5.10
CA ALA A 41 1.82 -7.15 -4.11
C ALA A 41 0.51 -6.74 -4.77
N ALA A 42 -0.56 -7.08 -4.11
CA ALA A 42 -1.94 -6.75 -4.59
C ALA A 42 -2.49 -5.69 -3.64
N LEU A 43 -3.35 -4.84 -4.14
CA LEU A 43 -3.97 -3.77 -3.33
C LEU A 43 -5.49 -3.96 -3.35
N TYR A 44 -5.97 -4.36 -2.20
CA TYR A 44 -7.43 -4.62 -2.01
C TYR A 44 -8.20 -3.37 -1.57
N ASN A 45 -9.20 -3.07 -2.37
CA ASN A 45 -10.08 -1.90 -2.10
C ASN A 45 -10.79 -2.17 -0.77
N GLN A 46 -11.20 -3.41 -0.65
CA GLN A 46 -11.91 -3.89 0.56
C GLN A 46 -10.86 -4.15 1.65
N ALA A 47 -11.30 -4.13 2.88
CA ALA A 47 -10.39 -4.36 4.04
C ALA A 47 -9.85 -5.80 4.17
N GLY A 48 -8.94 -5.91 5.11
CA GLY A 48 -8.24 -7.19 5.46
C GLY A 48 -8.00 -8.11 4.26
N CYS A 49 -7.55 -7.49 3.20
CA CYS A 49 -7.24 -8.16 1.90
C CYS A 49 -8.19 -9.33 1.59
N SER A 50 -9.45 -8.98 1.47
CA SER A 50 -10.48 -10.02 1.16
C SER A 50 -10.42 -10.35 -0.33
N GLY A 51 -11.51 -10.81 -0.87
CA GLY A 51 -11.53 -11.17 -2.32
C GLY A 51 -11.66 -9.95 -3.25
N VAL A 52 -11.32 -10.20 -4.49
CA VAL A 52 -11.34 -9.18 -5.58
C VAL A 52 -10.38 -8.01 -5.32
N ALA A 53 -9.31 -7.99 -6.07
CA ALA A 53 -8.28 -6.91 -5.93
C ALA A 53 -8.79 -5.61 -6.59
N HIS A 54 -7.95 -4.61 -6.62
CA HIS A 54 -8.34 -3.30 -7.23
C HIS A 54 -7.17 -2.79 -8.09
N THR A 55 -6.02 -2.81 -7.47
CA THR A 55 -4.75 -2.36 -8.13
C THR A 55 -3.67 -3.37 -7.72
N ARG A 56 -2.58 -3.42 -8.45
CA ARG A 56 -1.49 -4.38 -8.11
C ARG A 56 -0.13 -3.77 -8.46
N PHE A 57 0.76 -3.76 -7.51
CA PHE A 57 2.12 -3.19 -7.73
C PHE A 57 3.14 -4.32 -7.95
N GLY A 58 4.10 -4.03 -8.79
CA GLY A 58 5.18 -5.01 -9.13
C GLY A 58 6.46 -4.24 -9.52
N SER A 59 6.48 -2.99 -9.15
CA SER A 59 7.63 -2.07 -9.44
C SER A 59 7.47 -0.82 -8.57
N SER A 60 8.52 -0.45 -7.88
CA SER A 60 8.52 0.76 -7.00
C SER A 60 7.71 1.94 -7.58
N ALA A 61 6.55 2.15 -7.00
CA ALA A 61 5.63 3.25 -7.46
C ALA A 61 5.43 4.32 -6.37
N ARG A 62 6.12 5.43 -6.51
CA ARG A 62 6.03 6.56 -5.53
C ARG A 62 4.84 7.50 -5.78
N ALA A 63 3.66 7.07 -5.39
CA ALA A 63 2.45 7.92 -5.58
C ALA A 63 2.19 8.81 -4.35
N CYS A 64 1.35 9.81 -4.52
CA CYS A 64 1.03 10.75 -3.38
C CYS A 64 -0.38 11.35 -3.60
N ASN A 65 -1.25 10.51 -4.12
CA ASN A 65 -2.67 10.88 -4.42
C ASN A 65 -3.50 11.06 -3.13
N PRO A 66 -4.81 11.14 -3.22
CA PRO A 66 -5.72 10.57 -2.18
C PRO A 66 -5.76 9.03 -2.24
N PHE A 67 -6.29 8.43 -1.20
CA PHE A 67 -6.38 6.93 -1.13
C PHE A 67 -7.58 6.41 -1.94
N GLY A 68 -7.63 5.11 -2.08
CA GLY A 68 -8.73 4.45 -2.84
C GLY A 68 -8.84 2.96 -2.46
N TRP A 69 -8.26 2.61 -1.34
CA TRP A 69 -8.29 1.20 -0.86
C TRP A 69 -8.45 1.11 0.67
N LYS A 70 -8.14 -0.04 1.22
CA LYS A 70 -8.23 -0.27 2.70
C LYS A 70 -7.10 -1.18 3.19
N SER A 71 -6.65 -2.07 2.34
CA SER A 71 -5.54 -3.00 2.73
C SER A 71 -4.69 -3.40 1.53
N ILE A 72 -3.53 -3.90 1.88
CA ILE A 72 -2.54 -4.36 0.85
C ILE A 72 -1.87 -5.68 1.24
N PHE A 73 -1.81 -6.53 0.25
CA PHE A 73 -1.19 -7.89 0.39
C PHE A 73 0.27 -7.86 -0.10
N ILE A 74 1.17 -7.93 0.84
CA ILE A 74 2.64 -7.91 0.54
C ILE A 74 3.17 -9.36 0.62
N GLN A 75 4.02 -9.69 -0.31
CA GLN A 75 4.64 -11.06 -0.36
C GLN A 75 6.10 -11.03 0.11
N CYS A 76 6.62 -12.19 0.44
CA CYS A 76 8.03 -12.29 0.92
C CYS A 76 8.62 -13.66 0.55
N SER A 1 9.12 -6.11 -1.70
CA SER A 1 7.83 -5.38 -1.58
C SER A 1 7.79 -4.51 -0.33
N ALA A 2 7.43 -3.27 -0.52
CA ALA A 2 7.34 -2.32 0.64
C ALA A 2 6.45 -1.13 0.30
N PHE A 3 5.20 -1.24 0.69
CA PHE A 3 4.22 -0.16 0.44
C PHE A 3 4.33 0.94 1.50
N THR A 4 5.02 1.99 1.16
CA THR A 4 5.19 3.13 2.10
C THR A 4 3.94 4.00 1.94
N VAL A 5 3.58 4.68 2.98
CA VAL A 5 2.38 5.56 2.95
C VAL A 5 2.35 6.56 4.09
N TRP A 6 1.80 7.69 3.73
CA TRP A 6 1.64 8.83 4.66
C TRP A 6 0.15 9.20 4.69
N SER A 7 -0.28 9.75 5.81
CA SER A 7 -1.72 10.14 5.97
C SER A 7 -2.14 11.35 5.09
N GLY A 8 -1.26 11.72 4.18
CA GLY A 8 -1.53 12.86 3.27
C GLY A 8 -1.13 14.20 3.90
N PRO A 9 -1.00 15.22 3.08
CA PRO A 9 -1.54 15.30 1.69
C PRO A 9 -0.68 14.49 0.72
N GLY A 10 0.60 14.78 0.74
CA GLY A 10 1.58 14.10 -0.15
C GLY A 10 2.35 13.04 0.66
N CYS A 11 3.61 12.91 0.32
CA CYS A 11 4.52 11.94 1.00
C CYS A 11 5.47 12.77 1.87
N ASN A 12 4.93 13.33 2.93
CA ASN A 12 5.78 14.17 3.84
C ASN A 12 5.41 13.98 5.30
N ASN A 13 4.12 14.07 5.52
CA ASN A 13 3.46 13.93 6.84
C ASN A 13 3.78 12.62 7.63
N ARG A 14 2.78 12.00 8.20
CA ARG A 14 2.99 10.74 8.99
C ARG A 14 3.73 9.67 8.18
N ALA A 15 4.76 9.12 8.76
CA ALA A 15 5.57 8.06 8.08
C ALA A 15 5.16 6.67 8.58
N GLU A 16 4.63 5.87 7.70
CA GLU A 16 4.21 4.48 8.07
C GLU A 16 4.40 3.59 6.84
N ARG A 17 4.90 2.40 7.04
CA ARG A 17 5.15 1.44 5.91
C ARG A 17 4.43 0.09 6.10
N TYR A 18 4.25 -0.58 4.99
CA TYR A 18 3.57 -1.91 4.95
C TYR A 18 4.41 -2.79 4.01
N SER A 19 5.46 -3.34 4.57
CA SER A 19 6.37 -4.23 3.80
C SER A 19 6.16 -5.70 4.20
N LYS A 20 5.48 -5.89 5.30
CA LYS A 20 5.19 -7.26 5.81
C LYS A 20 4.32 -8.02 4.80
N CYS A 21 4.61 -9.28 4.66
CA CYS A 21 3.85 -10.16 3.72
C CYS A 21 2.44 -10.44 4.23
N GLY A 22 1.66 -11.11 3.41
CA GLY A 22 0.25 -11.45 3.78
C GLY A 22 -0.66 -10.29 3.40
N CYS A 23 -1.20 -9.62 4.38
CA CYS A 23 -2.12 -8.46 4.13
C CYS A 23 -2.48 -7.72 5.42
N SER A 24 -2.67 -6.43 5.29
CA SER A 24 -3.03 -5.57 6.46
C SER A 24 -3.69 -4.26 6.01
N ALA A 25 -4.49 -3.71 6.89
CA ALA A 25 -5.21 -2.43 6.60
C ALA A 25 -4.33 -1.18 6.76
N ILE A 26 -4.53 -0.26 5.85
CA ILE A 26 -3.78 1.03 5.84
C ILE A 26 -4.65 2.10 6.51
N HIS A 27 -4.15 2.60 7.61
CA HIS A 27 -4.86 3.64 8.42
C HIS A 27 -4.67 5.03 7.78
N GLN A 28 -3.45 5.29 7.43
CA GLN A 28 -3.04 6.58 6.80
C GLN A 28 -3.35 6.51 5.30
N LYS A 29 -4.60 6.79 5.02
CA LYS A 29 -5.14 6.78 3.63
C LYS A 29 -4.84 8.09 2.86
N GLY A 30 -3.58 8.44 2.79
CA GLY A 30 -3.15 9.67 2.08
C GLY A 30 -2.27 9.35 0.87
N GLY A 31 -1.02 9.76 0.94
CA GLY A 31 -0.04 9.52 -0.17
C GLY A 31 0.65 8.17 0.03
N TYR A 32 1.20 7.58 -1.02
CA TYR A 32 1.89 6.25 -0.83
C TYR A 32 2.87 5.83 -1.94
N ASP A 33 4.01 5.35 -1.50
CA ASP A 33 5.10 4.87 -2.39
C ASP A 33 5.17 3.35 -2.24
N PHE A 34 5.89 2.71 -3.13
CA PHE A 34 6.04 1.23 -3.06
C PHE A 34 7.45 0.87 -3.52
N SER A 35 7.93 -0.27 -3.08
CA SER A 35 9.28 -0.72 -3.48
C SER A 35 9.29 -2.23 -3.63
N TYR A 36 9.39 -2.63 -4.87
CA TYR A 36 9.42 -4.07 -5.25
C TYR A 36 10.82 -4.67 -5.07
N THR A 37 10.84 -5.93 -4.73
CA THR A 37 12.12 -6.67 -4.53
C THR A 37 11.72 -8.15 -4.31
N GLY A 38 11.40 -8.75 -5.42
CA GLY A 38 10.98 -10.17 -5.47
C GLY A 38 9.50 -10.38 -5.11
N GLN A 39 8.97 -9.47 -4.33
CA GLN A 39 7.53 -9.56 -3.91
C GLN A 39 6.63 -8.51 -4.55
N THR A 40 5.48 -8.98 -4.96
CA THR A 40 4.45 -8.10 -5.62
C THR A 40 3.41 -7.68 -4.56
N ALA A 41 2.61 -6.70 -4.92
CA ALA A 41 1.55 -6.18 -4.00
C ALA A 41 0.20 -6.12 -4.73
N ALA A 42 -0.81 -5.78 -3.97
CA ALA A 42 -2.19 -5.68 -4.54
C ALA A 42 -3.05 -4.82 -3.60
N LEU A 43 -3.59 -3.76 -4.14
CA LEU A 43 -4.46 -2.84 -3.32
C LEU A 43 -5.94 -3.13 -3.53
N TYR A 44 -6.66 -3.14 -2.44
CA TYR A 44 -8.14 -3.41 -2.49
C TYR A 44 -8.82 -2.64 -1.36
N ASN A 45 -9.94 -2.08 -1.72
CA ASN A 45 -10.74 -1.28 -0.74
C ASN A 45 -11.44 -2.14 0.32
N GLN A 46 -11.46 -3.42 0.13
CA GLN A 46 -12.12 -4.34 1.10
C GLN A 46 -11.16 -4.73 2.25
N ALA A 47 -11.16 -3.95 3.30
CA ALA A 47 -10.27 -4.24 4.47
C ALA A 47 -10.32 -5.69 4.97
N GLY A 48 -9.34 -6.02 5.77
CA GLY A 48 -9.23 -7.39 6.34
C GLY A 48 -8.98 -8.46 5.28
N CYS A 49 -8.35 -8.08 4.19
CA CYS A 49 -8.05 -9.05 3.08
C CYS A 49 -9.36 -9.64 2.50
N SER A 50 -10.47 -8.99 2.76
CA SER A 50 -11.80 -9.48 2.25
C SER A 50 -12.26 -8.99 0.88
N GLY A 51 -11.35 -8.92 -0.06
CA GLY A 51 -11.74 -8.44 -1.42
C GLY A 51 -10.78 -8.79 -2.56
N VAL A 52 -11.07 -8.17 -3.67
CA VAL A 52 -10.28 -8.34 -4.93
C VAL A 52 -9.44 -7.07 -5.12
N ALA A 53 -8.28 -7.25 -5.67
CA ALA A 53 -7.33 -6.12 -5.93
C ALA A 53 -7.88 -5.03 -6.88
N HIS A 54 -7.05 -4.05 -7.10
CA HIS A 54 -7.41 -2.91 -7.99
C HIS A 54 -6.12 -2.32 -8.58
N THR A 55 -5.17 -2.09 -7.70
CA THR A 55 -3.85 -1.52 -8.10
C THR A 55 -2.69 -2.31 -7.47
N ARG A 56 -2.05 -3.08 -8.31
CA ARG A 56 -0.89 -3.93 -7.88
C ARG A 56 0.44 -3.23 -8.17
N PHE A 57 1.47 -3.63 -7.46
CA PHE A 57 2.83 -3.04 -7.66
C PHE A 57 3.86 -4.13 -7.95
N GLY A 58 4.26 -4.19 -9.19
CA GLY A 58 5.28 -5.19 -9.64
C GLY A 58 6.66 -4.53 -9.71
N SER A 59 6.68 -3.25 -9.46
CA SER A 59 7.93 -2.44 -9.48
C SER A 59 7.73 -1.21 -8.58
N SER A 60 8.77 -0.88 -7.85
CA SER A 60 8.78 0.29 -6.91
C SER A 60 7.98 1.52 -7.40
N ALA A 61 6.88 1.78 -6.74
CA ALA A 61 6.02 2.95 -7.10
C ALA A 61 6.46 4.13 -6.24
N ARG A 62 5.80 5.25 -6.39
CA ARG A 62 6.14 6.48 -5.60
C ARG A 62 5.04 7.54 -5.69
N ALA A 63 3.84 7.12 -5.41
CA ALA A 63 2.68 8.07 -5.46
C ALA A 63 2.51 8.82 -4.14
N CYS A 64 1.74 9.87 -4.18
CA CYS A 64 1.48 10.69 -2.95
C CYS A 64 0.06 11.26 -3.02
N ASN A 65 -0.68 10.75 -3.97
CA ASN A 65 -2.09 11.16 -4.21
C ASN A 65 -2.97 10.42 -3.17
N PRO A 66 -4.14 10.93 -2.87
CA PRO A 66 -5.05 10.31 -1.86
C PRO A 66 -5.26 8.81 -2.12
N PHE A 67 -5.36 8.08 -1.04
CA PHE A 67 -5.56 6.59 -1.12
C PHE A 67 -6.96 6.32 -1.68
N GLY A 68 -7.14 5.16 -2.24
CA GLY A 68 -8.45 4.76 -2.83
C GLY A 68 -8.82 3.32 -2.48
N TRP A 69 -8.23 2.83 -1.41
CA TRP A 69 -8.48 1.43 -0.96
C TRP A 69 -8.61 1.45 0.57
N LYS A 70 -8.46 0.32 1.22
CA LYS A 70 -8.58 0.27 2.71
C LYS A 70 -7.50 -0.65 3.27
N SER A 71 -6.99 -1.51 2.43
CA SER A 71 -5.92 -2.47 2.82
C SER A 71 -5.08 -2.88 1.61
N ILE A 72 -4.02 -3.56 1.93
CA ILE A 72 -3.05 -4.05 0.90
C ILE A 72 -2.61 -5.49 1.20
N PHE A 73 -2.31 -6.18 0.13
CA PHE A 73 -1.85 -7.60 0.19
C PHE A 73 -0.46 -7.61 -0.44
N ILE A 74 0.44 -8.32 0.19
CA ILE A 74 1.85 -8.41 -0.33
C ILE A 74 2.39 -9.84 -0.21
N GLN A 75 3.35 -10.15 -1.04
CA GLN A 75 3.99 -11.50 -1.04
C GLN A 75 5.17 -11.60 -0.06
N CYS A 76 5.67 -12.80 0.08
CA CYS A 76 6.82 -13.08 0.98
C CYS A 76 8.14 -13.23 0.19
N SER A 1 10.20 -6.18 -0.66
CA SER A 1 9.20 -5.18 -1.12
C SER A 1 8.44 -4.58 0.07
N ALA A 2 7.88 -3.43 -0.15
CA ALA A 2 7.12 -2.72 0.92
C ALA A 2 6.15 -1.69 0.34
N PHE A 3 5.36 -1.12 1.22
CA PHE A 3 4.35 -0.10 0.81
C PHE A 3 4.36 1.03 1.86
N THR A 4 5.07 2.09 1.54
CA THR A 4 5.16 3.25 2.48
C THR A 4 3.85 4.02 2.32
N VAL A 5 3.44 4.67 3.39
CA VAL A 5 2.16 5.45 3.37
C VAL A 5 2.26 6.66 4.31
N TRP A 6 1.49 7.68 4.01
CA TRP A 6 1.47 8.92 4.85
C TRP A 6 0.02 9.33 5.05
N SER A 7 -0.26 9.82 6.24
CA SER A 7 -1.65 10.27 6.59
C SER A 7 -2.17 11.50 5.82
N GLY A 8 -1.38 12.01 4.92
CA GLY A 8 -1.77 13.19 4.09
C GLY A 8 -1.10 14.50 4.53
N PRO A 9 -0.98 15.45 3.64
CA PRO A 9 -1.75 15.54 2.35
C PRO A 9 -1.30 14.51 1.31
N GLY A 10 -0.02 14.52 1.02
CA GLY A 10 0.57 13.58 0.03
C GLY A 10 1.43 12.54 0.76
N CYS A 11 2.64 12.42 0.25
CA CYS A 11 3.66 11.47 0.79
C CYS A 11 4.76 12.26 1.49
N ASN A 12 4.44 12.84 2.62
CA ASN A 12 5.48 13.64 3.36
C ASN A 12 5.34 13.50 4.88
N ASN A 13 4.16 13.82 5.32
CA ASN A 13 3.73 13.79 6.75
C ASN A 13 4.08 12.50 7.57
N ARG A 14 3.10 11.79 8.07
CA ARG A 14 3.37 10.55 8.86
C ARG A 14 4.06 9.47 8.02
N ALA A 15 5.35 9.37 8.20
CA ALA A 15 6.13 8.36 7.43
C ALA A 15 5.97 6.95 8.05
N GLU A 16 4.88 6.33 7.65
CA GLU A 16 4.51 4.95 8.10
C GLU A 16 4.88 3.97 6.97
N ARG A 17 4.99 2.70 7.30
CA ARG A 17 5.35 1.68 6.27
C ARG A 17 4.58 0.36 6.45
N TYR A 18 4.44 -0.33 5.34
CA TYR A 18 3.72 -1.65 5.29
C TYR A 18 4.52 -2.65 4.44
N SER A 19 5.49 -3.26 5.08
CA SER A 19 6.37 -4.27 4.42
C SER A 19 6.06 -5.69 4.95
N LYS A 20 5.29 -5.69 6.01
CA LYS A 20 4.84 -6.95 6.70
C LYS A 20 4.17 -7.98 5.77
N CYS A 21 4.46 -9.23 6.07
CA CYS A 21 3.93 -10.42 5.31
C CYS A 21 2.41 -10.51 5.30
N GLY A 22 1.86 -10.62 4.12
CA GLY A 22 0.38 -10.72 3.99
C GLY A 22 -0.21 -9.33 3.84
N CYS A 23 -1.48 -9.23 4.11
CA CYS A 23 -2.16 -7.90 4.00
C CYS A 23 -2.66 -7.33 5.33
N SER A 24 -2.91 -6.04 5.27
CA SER A 24 -3.42 -5.28 6.46
C SER A 24 -4.06 -3.97 5.99
N ALA A 25 -4.90 -3.42 6.82
CA ALA A 25 -5.59 -2.13 6.46
C ALA A 25 -4.66 -0.94 6.70
N ILE A 26 -4.87 0.09 5.92
CA ILE A 26 -4.03 1.33 6.04
C ILE A 26 -4.93 2.53 6.35
N HIS A 27 -4.52 3.27 7.34
CA HIS A 27 -5.28 4.49 7.80
C HIS A 27 -4.60 5.75 7.23
N GLN A 28 -3.46 5.52 6.62
CA GLN A 28 -2.66 6.62 6.00
C GLN A 28 -3.04 6.73 4.52
N LYS A 29 -4.27 7.11 4.37
CA LYS A 29 -4.91 7.30 3.05
C LYS A 29 -4.55 8.60 2.32
N GLY A 30 -3.58 9.31 2.85
CA GLY A 30 -3.13 10.60 2.23
C GLY A 30 -2.32 10.39 0.95
N GLY A 31 -1.20 9.73 1.12
CA GLY A 31 -0.28 9.42 -0.01
C GLY A 31 0.38 8.08 0.28
N TYR A 32 0.93 7.45 -0.74
CA TYR A 32 1.60 6.12 -0.51
C TYR A 32 2.57 5.67 -1.60
N ASP A 33 3.70 5.19 -1.17
CA ASP A 33 4.75 4.71 -2.11
C ASP A 33 4.83 3.19 -2.00
N PHE A 34 5.41 2.59 -3.01
CA PHE A 34 5.58 1.12 -3.06
C PHE A 34 7.03 0.88 -3.45
N SER A 35 7.52 -0.29 -3.12
CA SER A 35 8.92 -0.66 -3.44
C SER A 35 8.91 -2.12 -3.88
N TYR A 36 9.39 -2.31 -5.08
CA TYR A 36 9.47 -3.68 -5.66
C TYR A 36 10.95 -4.09 -5.58
N THR A 37 11.19 -5.06 -4.75
CA THR A 37 12.58 -5.59 -4.54
C THR A 37 12.45 -7.07 -4.20
N GLY A 38 11.57 -7.33 -3.26
CA GLY A 38 11.31 -8.72 -2.81
C GLY A 38 10.31 -9.34 -3.78
N GLN A 39 9.06 -9.02 -3.58
CA GLN A 39 7.97 -9.56 -4.45
C GLN A 39 6.90 -8.53 -4.87
N THR A 40 5.92 -9.02 -5.58
CA THR A 40 4.78 -8.18 -6.09
C THR A 40 3.80 -7.87 -4.95
N ALA A 41 2.87 -6.99 -5.22
CA ALA A 41 1.83 -6.59 -4.22
C ALA A 41 0.54 -6.19 -4.92
N ALA A 42 -0.50 -6.02 -4.14
CA ALA A 42 -1.83 -5.63 -4.68
C ALA A 42 -2.68 -4.87 -3.66
N LEU A 43 -3.70 -4.22 -4.15
CA LEU A 43 -4.64 -3.42 -3.30
C LEU A 43 -5.99 -4.10 -3.28
N TYR A 44 -6.61 -4.03 -2.13
CA TYR A 44 -7.95 -4.65 -1.91
C TYR A 44 -8.88 -3.60 -1.31
N ASN A 45 -9.95 -3.34 -2.02
CA ASN A 45 -10.95 -2.32 -1.55
C ASN A 45 -11.61 -2.73 -0.22
N GLN A 46 -11.29 -3.92 0.22
CA GLN A 46 -11.82 -4.46 1.50
C GLN A 46 -10.67 -4.89 2.40
N ALA A 47 -10.67 -4.31 3.57
CA ALA A 47 -9.62 -4.57 4.63
C ALA A 47 -9.16 -6.02 4.72
N GLY A 48 -7.91 -6.16 5.09
CA GLY A 48 -7.30 -7.53 5.23
C GLY A 48 -7.51 -8.37 3.97
N CYS A 49 -7.42 -7.70 2.85
CA CYS A 49 -7.60 -8.32 1.50
C CYS A 49 -8.66 -9.44 1.49
N SER A 50 -9.76 -9.11 2.12
CA SER A 50 -10.91 -10.07 2.22
C SER A 50 -11.82 -9.99 0.98
N GLY A 51 -11.20 -9.89 -0.17
CA GLY A 51 -11.94 -9.80 -1.45
C GLY A 51 -11.03 -10.17 -2.62
N VAL A 52 -10.87 -9.24 -3.52
CA VAL A 52 -10.00 -9.44 -4.73
C VAL A 52 -9.18 -8.17 -4.97
N ALA A 53 -8.07 -8.34 -5.63
CA ALA A 53 -7.17 -7.20 -5.94
C ALA A 53 -7.81 -6.20 -6.92
N HIS A 54 -7.21 -5.04 -6.99
CA HIS A 54 -7.68 -3.94 -7.90
C HIS A 54 -6.46 -3.40 -8.64
N THR A 55 -5.55 -2.86 -7.87
CA THR A 55 -4.28 -2.27 -8.40
C THR A 55 -3.14 -3.19 -7.96
N ARG A 56 -2.16 -3.37 -8.81
CA ARG A 56 -1.01 -4.26 -8.44
C ARG A 56 0.34 -3.60 -8.79
N PHE A 57 1.19 -3.54 -7.80
CA PHE A 57 2.54 -2.93 -7.99
C PHE A 57 3.59 -4.00 -8.33
N GLY A 58 4.36 -3.69 -9.35
CA GLY A 58 5.44 -4.61 -9.83
C GLY A 58 6.77 -3.83 -9.97
N SER A 59 6.73 -2.61 -9.49
CA SER A 59 7.91 -1.70 -9.54
C SER A 59 7.67 -0.55 -8.53
N SER A 60 8.68 -0.19 -7.76
CA SER A 60 8.56 0.90 -6.76
C SER A 60 7.77 2.09 -7.34
N ALA A 61 6.64 2.35 -6.74
CA ALA A 61 5.76 3.48 -7.21
C ALA A 61 5.50 4.54 -6.13
N ARG A 62 6.13 5.67 -6.31
CA ARG A 62 6.01 6.84 -5.38
C ARG A 62 4.69 7.62 -5.55
N ALA A 63 3.59 7.06 -5.11
CA ALA A 63 2.29 7.79 -5.26
C ALA A 63 2.07 8.66 -4.01
N CYS A 64 1.27 9.69 -4.17
CA CYS A 64 0.97 10.60 -3.03
C CYS A 64 -0.48 11.09 -3.14
N ASN A 65 -1.22 10.36 -3.94
CA ASN A 65 -2.66 10.64 -4.20
C ASN A 65 -3.51 10.07 -3.05
N PRO A 66 -4.75 10.51 -2.93
CA PRO A 66 -5.73 9.90 -1.97
C PRO A 66 -5.84 8.39 -2.22
N PHE A 67 -6.18 7.66 -1.18
CA PHE A 67 -6.32 6.17 -1.30
C PHE A 67 -7.55 5.82 -2.13
N GLY A 68 -7.61 4.58 -2.55
CA GLY A 68 -8.76 4.09 -3.37
C GLY A 68 -9.18 2.67 -2.98
N TRP A 69 -8.51 2.10 -2.02
CA TRP A 69 -8.86 0.71 -1.56
C TRP A 69 -9.06 0.71 -0.04
N LYS A 70 -8.63 -0.32 0.64
CA LYS A 70 -8.80 -0.39 2.12
C LYS A 70 -7.61 -1.13 2.77
N SER A 71 -6.97 -1.99 2.00
CA SER A 71 -5.80 -2.78 2.50
C SER A 71 -4.79 -3.04 1.39
N ILE A 72 -3.59 -3.32 1.85
CA ILE A 72 -2.43 -3.61 0.96
C ILE A 72 -1.94 -5.02 1.26
N PHE A 73 -1.84 -5.81 0.22
CA PHE A 73 -1.37 -7.21 0.32
C PHE A 73 0.07 -7.28 -0.19
N ILE A 74 0.92 -7.81 0.64
CA ILE A 74 2.37 -7.95 0.28
C ILE A 74 2.62 -9.45 0.20
N GLN A 75 3.31 -9.83 -0.86
CA GLN A 75 3.64 -11.28 -1.09
C GLN A 75 4.62 -11.77 -0.02
N CYS A 76 4.05 -12.24 1.08
CA CYS A 76 4.82 -12.77 2.24
C CYS A 76 6.15 -13.48 1.87
N SER A 1 9.88 -4.21 -1.75
CA SER A 1 8.67 -4.96 -1.28
C SER A 1 8.10 -4.29 -0.02
N ALA A 2 7.65 -3.07 -0.19
CA ALA A 2 7.08 -2.31 0.96
C ALA A 2 6.19 -1.15 0.48
N PHE A 3 4.94 -1.20 0.86
CA PHE A 3 3.96 -0.14 0.47
C PHE A 3 4.03 0.99 1.51
N THR A 4 4.87 1.94 1.21
CA THR A 4 5.04 3.11 2.12
C THR A 4 3.79 3.97 1.99
N VAL A 5 3.49 4.69 3.03
CA VAL A 5 2.28 5.57 3.06
C VAL A 5 2.49 6.72 4.06
N TRP A 6 1.82 7.83 3.83
CA TRP A 6 1.92 9.00 4.73
C TRP A 6 0.46 9.49 4.92
N SER A 7 0.17 10.06 6.04
CA SER A 7 -1.22 10.57 6.35
C SER A 7 -1.70 11.70 5.42
N GLY A 8 -0.80 12.22 4.64
CA GLY A 8 -1.15 13.33 3.69
C GLY A 8 -0.57 14.65 4.19
N PRO A 9 -0.40 15.62 3.31
CA PRO A 9 -1.16 15.78 2.04
C PRO A 9 -0.71 14.74 1.00
N GLY A 10 0.57 14.71 0.79
CA GLY A 10 1.18 13.76 -0.18
C GLY A 10 2.00 12.74 0.61
N CYS A 11 3.26 12.68 0.25
CA CYS A 11 4.22 11.73 0.91
C CYS A 11 5.08 12.50 1.92
N ASN A 12 4.47 13.43 2.61
CA ASN A 12 5.20 14.26 3.61
C ASN A 12 4.67 13.79 4.97
N ASN A 13 4.28 14.71 5.82
CA ASN A 13 3.74 14.37 7.17
C ASN A 13 4.43 13.17 7.87
N ARG A 14 3.66 12.36 8.55
CA ARG A 14 4.19 11.16 9.26
C ARG A 14 4.35 9.98 8.28
N ALA A 15 5.33 9.14 8.54
CA ALA A 15 5.59 7.96 7.65
C ALA A 15 5.17 6.63 8.31
N GLU A 16 4.84 5.69 7.45
CA GLU A 16 4.42 4.33 7.88
C GLU A 16 4.53 3.40 6.66
N ARG A 17 4.93 2.17 6.87
CA ARG A 17 5.08 1.19 5.77
C ARG A 17 4.28 -0.10 5.98
N TYR A 18 4.07 -0.77 4.87
CA TYR A 18 3.30 -2.06 4.86
C TYR A 18 4.07 -3.07 3.98
N SER A 19 5.00 -3.73 4.62
CA SER A 19 5.86 -4.76 3.95
C SER A 19 5.59 -6.16 4.52
N LYS A 20 4.82 -6.20 5.57
CA LYS A 20 4.45 -7.50 6.24
C LYS A 20 3.84 -8.49 5.25
N CYS A 21 4.48 -9.63 5.13
CA CYS A 21 3.99 -10.70 4.20
C CYS A 21 2.56 -11.11 4.57
N GLY A 22 1.61 -10.53 3.87
CA GLY A 22 0.17 -10.83 4.13
C GLY A 22 -0.70 -9.58 3.97
N CYS A 23 -1.96 -9.79 4.24
CA CYS A 23 -2.97 -8.68 4.14
C CYS A 23 -2.90 -7.80 5.39
N SER A 24 -3.05 -6.51 5.18
CA SER A 24 -3.01 -5.52 6.31
C SER A 24 -3.75 -4.24 5.92
N ALA A 25 -4.54 -3.73 6.84
CA ALA A 25 -5.32 -2.49 6.57
C ALA A 25 -4.47 -1.21 6.69
N ILE A 26 -4.57 -0.38 5.67
CA ILE A 26 -3.80 0.91 5.65
C ILE A 26 -4.64 1.99 6.35
N HIS A 27 -3.99 2.80 7.14
CA HIS A 27 -4.68 3.89 7.88
C HIS A 27 -4.41 5.29 7.29
N GLN A 28 -3.15 5.60 7.20
CA GLN A 28 -2.69 6.92 6.64
C GLN A 28 -2.77 6.93 5.11
N LYS A 29 -3.99 7.07 4.67
CA LYS A 29 -4.37 7.11 3.23
C LYS A 29 -3.97 8.40 2.46
N GLY A 30 -3.04 9.15 3.00
CA GLY A 30 -2.59 10.41 2.32
C GLY A 30 -1.87 10.15 0.99
N GLY A 31 -0.64 9.74 1.11
CA GLY A 31 0.22 9.42 -0.08
C GLY A 31 0.84 8.04 0.12
N TYR A 32 1.44 7.47 -0.91
CA TYR A 32 2.06 6.12 -0.74
C TYR A 32 3.10 5.71 -1.80
N ASP A 33 4.24 5.24 -1.34
CA ASP A 33 5.34 4.81 -2.26
C ASP A 33 5.60 3.32 -2.16
N PHE A 34 5.10 2.58 -3.11
CA PHE A 34 5.33 1.11 -3.09
C PHE A 34 6.74 0.85 -3.62
N SER A 35 7.31 -0.23 -3.14
CA SER A 35 8.67 -0.65 -3.54
C SER A 35 8.64 -2.15 -3.80
N TYR A 36 9.45 -2.58 -4.73
CA TYR A 36 9.54 -4.02 -5.10
C TYR A 36 11.02 -4.42 -5.16
N THR A 37 11.26 -5.70 -5.01
CA THR A 37 12.67 -6.22 -5.04
C THR A 37 12.62 -7.75 -5.25
N GLY A 38 11.52 -8.31 -4.86
CA GLY A 38 11.29 -9.78 -4.98
C GLY A 38 9.82 -10.09 -4.72
N GLN A 39 9.20 -9.21 -3.96
CA GLN A 39 7.76 -9.37 -3.59
C GLN A 39 6.88 -8.18 -3.97
N THR A 40 5.94 -8.50 -4.82
CA THR A 40 4.95 -7.50 -5.35
C THR A 40 3.80 -7.35 -4.35
N ALA A 41 2.97 -6.37 -4.59
CA ALA A 41 1.80 -6.11 -3.70
C ALA A 41 0.55 -5.77 -4.52
N ALA A 42 -0.58 -5.93 -3.88
CA ALA A 42 -1.91 -5.65 -4.51
C ALA A 42 -2.82 -5.05 -3.44
N LEU A 43 -3.49 -3.99 -3.79
CA LEU A 43 -4.42 -3.31 -2.83
C LEU A 43 -5.73 -4.07 -2.79
N TYR A 44 -6.51 -3.68 -1.83
CA TYR A 44 -7.84 -4.30 -1.61
C TYR A 44 -8.79 -3.30 -0.93
N ASN A 45 -9.92 -3.07 -1.55
CA ASN A 45 -10.91 -2.11 -0.95
C ASN A 45 -11.52 -2.79 0.28
N GLN A 46 -11.60 -4.10 0.25
CA GLN A 46 -12.16 -4.89 1.37
C GLN A 46 -11.01 -5.25 2.32
N ALA A 47 -11.03 -4.69 3.51
CA ALA A 47 -9.97 -4.96 4.53
C ALA A 47 -9.53 -6.44 4.61
N GLY A 48 -8.25 -6.64 4.84
CA GLY A 48 -7.68 -8.01 4.95
C GLY A 48 -7.94 -8.87 3.70
N CYS A 49 -7.80 -8.26 2.55
CA CYS A 49 -8.02 -8.96 1.24
C CYS A 49 -9.39 -9.66 1.18
N SER A 50 -10.38 -9.12 1.86
CA SER A 50 -11.74 -9.76 1.85
C SER A 50 -12.56 -9.41 0.59
N GLY A 51 -11.82 -9.21 -0.47
CA GLY A 51 -12.42 -8.86 -1.79
C GLY A 51 -11.40 -9.12 -2.90
N VAL A 52 -11.66 -8.52 -4.03
CA VAL A 52 -10.76 -8.66 -5.22
C VAL A 52 -9.82 -7.45 -5.18
N ALA A 53 -8.59 -7.63 -5.60
CA ALA A 53 -7.64 -6.47 -5.57
C ALA A 53 -8.02 -5.37 -6.56
N HIS A 54 -7.70 -4.18 -6.18
CA HIS A 54 -7.98 -2.96 -7.00
C HIS A 54 -6.75 -2.59 -7.85
N THR A 55 -5.72 -2.12 -7.19
CA THR A 55 -4.46 -1.70 -7.89
C THR A 55 -3.31 -2.65 -7.53
N ARG A 56 -2.80 -3.28 -8.56
CA ARG A 56 -1.67 -4.23 -8.41
C ARG A 56 -0.37 -3.51 -8.78
N PHE A 57 0.74 -4.13 -8.52
CA PHE A 57 2.07 -3.53 -8.85
C PHE A 57 2.97 -4.51 -9.60
N GLY A 58 4.20 -4.10 -9.77
CA GLY A 58 5.24 -4.90 -10.48
C GLY A 58 6.61 -4.36 -10.07
N SER A 59 6.64 -3.06 -9.92
CA SER A 59 7.87 -2.32 -9.53
C SER A 59 7.49 -1.12 -8.65
N SER A 60 8.45 -0.65 -7.89
CA SER A 60 8.24 0.52 -6.98
C SER A 60 7.42 1.67 -7.60
N ALA A 61 6.28 1.92 -6.99
CA ALA A 61 5.37 3.01 -7.47
C ALA A 61 5.31 4.11 -6.40
N ARG A 62 6.20 5.07 -6.54
CA ARG A 62 6.29 6.21 -5.58
C ARG A 62 5.17 7.27 -5.76
N ALA A 63 3.97 6.88 -5.41
CA ALA A 63 2.78 7.79 -5.54
C ALA A 63 2.53 8.60 -4.25
N CYS A 64 1.67 9.59 -4.32
CA CYS A 64 1.37 10.40 -3.09
C CYS A 64 -0.10 10.88 -3.07
N ASN A 65 -0.88 10.37 -3.98
CA ASN A 65 -2.32 10.76 -4.06
C ASN A 65 -3.09 10.04 -2.92
N PRO A 66 -4.22 10.56 -2.53
CA PRO A 66 -5.18 9.81 -1.65
C PRO A 66 -5.80 8.65 -2.43
N PHE A 67 -6.25 7.64 -1.73
CA PHE A 67 -6.86 6.46 -2.40
C PHE A 67 -8.13 5.95 -1.68
N GLY A 68 -8.53 4.74 -2.04
CA GLY A 68 -9.74 4.12 -1.43
C GLY A 68 -9.53 2.63 -1.10
N TRP A 69 -8.31 2.22 -0.84
CA TRP A 69 -8.05 0.79 -0.51
C TRP A 69 -8.06 0.66 1.02
N LYS A 70 -8.78 -0.31 1.52
CA LYS A 70 -8.84 -0.50 3.00
C LYS A 70 -7.67 -1.36 3.49
N SER A 71 -7.06 -2.08 2.57
CA SER A 71 -5.90 -2.95 2.93
C SER A 71 -4.97 -3.24 1.73
N ILE A 72 -3.96 -4.01 2.03
CA ILE A 72 -2.94 -4.39 1.01
C ILE A 72 -2.27 -5.73 1.36
N PHE A 73 -2.04 -6.49 0.32
CA PHE A 73 -1.39 -7.82 0.44
C PHE A 73 0.04 -7.69 -0.04
N ILE A 74 0.95 -8.27 0.70
CA ILE A 74 2.40 -8.21 0.34
C ILE A 74 2.87 -9.67 0.24
N GLN A 75 3.57 -9.96 -0.83
CA GLN A 75 4.10 -11.35 -1.03
C GLN A 75 5.32 -11.55 -0.12
N CYS A 76 5.82 -12.77 -0.08
CA CYS A 76 7.01 -13.09 0.78
C CYS A 76 8.13 -13.77 -0.05
N SER A 1 9.78 -5.22 -1.25
CA SER A 1 8.32 -5.15 -1.55
C SER A 1 7.63 -4.53 -0.34
N ALA A 2 8.05 -3.32 -0.05
CA ALA A 2 7.47 -2.55 1.11
C ALA A 2 6.48 -1.49 0.61
N PHE A 3 5.32 -1.49 1.19
CA PHE A 3 4.26 -0.51 0.80
C PHE A 3 4.25 0.67 1.78
N THR A 4 4.97 1.69 1.41
CA THR A 4 5.07 2.92 2.27
C THR A 4 3.78 3.74 2.10
N VAL A 5 3.48 4.51 3.11
CA VAL A 5 2.25 5.37 3.11
C VAL A 5 2.48 6.58 4.04
N TRP A 6 1.69 7.60 3.84
CA TRP A 6 1.78 8.84 4.65
C TRP A 6 0.32 9.24 4.89
N SER A 7 -0.01 9.62 6.10
CA SER A 7 -1.42 10.02 6.47
C SER A 7 -2.14 10.93 5.46
N GLY A 8 -1.42 11.91 4.97
CA GLY A 8 -1.98 12.88 3.98
C GLY A 8 -1.37 14.26 4.20
N PRO A 9 -1.26 15.06 3.15
CA PRO A 9 -2.01 14.92 1.87
C PRO A 9 -1.40 13.85 0.96
N GLY A 10 -0.18 14.10 0.57
CA GLY A 10 0.56 13.17 -0.32
C GLY A 10 1.56 12.34 0.49
N CYS A 11 2.72 12.18 -0.07
CA CYS A 11 3.82 11.41 0.55
C CYS A 11 4.72 12.29 1.42
N ASN A 12 4.09 13.00 2.32
CA ASN A 12 4.81 13.92 3.25
C ASN A 12 4.20 13.56 4.61
N ASN A 13 3.77 14.53 5.38
CA ASN A 13 3.15 14.26 6.72
C ASN A 13 3.76 13.07 7.53
N ARG A 14 2.91 12.37 8.23
CA ARG A 14 3.32 11.19 9.06
C ARG A 14 3.80 10.09 8.09
N ALA A 15 4.73 9.28 8.52
CA ALA A 15 5.26 8.18 7.66
C ALA A 15 5.11 6.80 8.31
N GLU A 16 4.92 5.80 7.48
CA GLU A 16 4.73 4.40 7.96
C GLU A 16 4.87 3.44 6.77
N ARG A 17 5.28 2.22 7.07
CA ARG A 17 5.44 1.17 6.01
C ARG A 17 4.59 -0.07 6.33
N TYR A 18 4.26 -0.75 5.26
CA TYR A 18 3.44 -1.99 5.34
C TYR A 18 4.10 -3.04 4.44
N SER A 19 5.13 -3.63 4.98
CA SER A 19 5.91 -4.68 4.24
C SER A 19 5.54 -6.08 4.79
N LYS A 20 4.51 -6.10 5.61
CA LYS A 20 4.02 -7.37 6.23
C LYS A 20 3.61 -8.37 5.13
N CYS A 21 3.97 -9.61 5.34
CA CYS A 21 3.62 -10.65 4.33
C CYS A 21 2.13 -11.00 4.43
N GLY A 22 1.61 -11.50 3.33
CA GLY A 22 0.18 -11.87 3.29
C GLY A 22 -0.54 -10.57 2.99
N CYS A 23 -0.94 -9.90 4.04
CA CYS A 23 -1.65 -8.59 3.87
C CYS A 23 -1.84 -7.87 5.21
N SER A 24 -2.17 -6.60 5.11
CA SER A 24 -2.41 -5.75 6.33
C SER A 24 -3.23 -4.49 5.99
N ALA A 25 -4.11 -4.12 6.89
CA ALA A 25 -4.98 -2.92 6.68
C ALA A 25 -4.22 -1.61 6.99
N ILE A 26 -4.39 -0.64 6.13
CA ILE A 26 -3.71 0.69 6.29
C ILE A 26 -4.75 1.71 6.81
N HIS A 27 -4.25 2.73 7.45
CA HIS A 27 -5.14 3.81 8.01
C HIS A 27 -4.76 5.16 7.40
N GLN A 28 -3.57 5.24 6.88
CA GLN A 28 -3.06 6.49 6.25
C GLN A 28 -3.76 6.72 4.91
N LYS A 29 -4.77 7.56 4.97
CA LYS A 29 -5.56 7.90 3.76
C LYS A 29 -4.89 9.13 3.12
N GLY A 30 -3.67 8.95 2.68
CA GLY A 30 -2.91 10.06 2.04
C GLY A 30 -2.10 9.56 0.86
N GLY A 31 -0.82 9.72 0.98
CA GLY A 31 0.14 9.28 -0.10
C GLY A 31 0.66 7.87 0.16
N TYR A 32 1.21 7.27 -0.87
CA TYR A 32 1.75 5.88 -0.72
C TYR A 32 2.73 5.44 -1.81
N ASP A 33 3.78 4.82 -1.38
CA ASP A 33 4.83 4.32 -2.31
C ASP A 33 4.96 2.81 -2.14
N PHE A 34 5.62 2.20 -3.08
CA PHE A 34 5.85 0.73 -3.06
C PHE A 34 7.33 0.55 -3.38
N SER A 35 7.90 -0.54 -2.96
CA SER A 35 9.36 -0.78 -3.25
C SER A 35 9.65 -2.25 -3.43
N TYR A 36 9.44 -2.67 -4.66
CA TYR A 36 9.66 -4.07 -5.12
C TYR A 36 11.03 -4.65 -4.70
N THR A 37 10.97 -5.86 -4.19
CA THR A 37 12.19 -6.58 -3.73
C THR A 37 11.86 -8.06 -3.88
N GLY A 38 12.04 -8.54 -5.09
CA GLY A 38 11.76 -9.96 -5.41
C GLY A 38 10.29 -10.34 -5.19
N GLN A 39 9.42 -9.36 -5.14
CA GLN A 39 7.98 -9.67 -4.92
C GLN A 39 7.04 -8.54 -5.37
N THR A 40 5.79 -8.89 -5.56
CA THR A 40 4.76 -7.92 -6.00
C THR A 40 3.72 -7.67 -4.90
N ALA A 41 2.80 -6.79 -5.20
CA ALA A 41 1.72 -6.44 -4.22
C ALA A 41 0.40 -6.12 -4.94
N ALA A 42 -0.62 -5.96 -4.14
CA ALA A 42 -2.00 -5.65 -4.63
C ALA A 42 -2.79 -4.93 -3.53
N LEU A 43 -3.71 -4.10 -3.94
CA LEU A 43 -4.55 -3.33 -2.96
C LEU A 43 -5.97 -3.87 -2.90
N TYR A 44 -6.36 -4.16 -1.69
CA TYR A 44 -7.70 -4.71 -1.40
C TYR A 44 -8.53 -3.62 -0.71
N ASN A 45 -9.39 -3.03 -1.50
CA ASN A 45 -10.29 -1.94 -1.01
C ASN A 45 -11.23 -2.43 0.11
N GLN A 46 -11.31 -3.73 0.25
CA GLN A 46 -12.18 -4.32 1.30
C GLN A 46 -11.34 -4.54 2.57
N ALA A 47 -11.87 -4.08 3.66
CA ALA A 47 -11.18 -4.21 4.98
C ALA A 47 -10.81 -5.66 5.30
N GLY A 48 -9.76 -5.79 6.06
CA GLY A 48 -9.27 -7.15 6.47
C GLY A 48 -8.81 -7.97 5.27
N CYS A 49 -8.45 -7.28 4.20
CA CYS A 49 -7.97 -7.95 2.95
C CYS A 49 -9.02 -8.91 2.35
N SER A 50 -10.23 -8.79 2.83
CA SER A 50 -11.35 -9.66 2.35
C SER A 50 -12.00 -9.01 1.11
N GLY A 51 -11.22 -8.90 0.08
CA GLY A 51 -11.69 -8.29 -1.20
C GLY A 51 -11.02 -8.90 -2.42
N VAL A 52 -10.67 -8.02 -3.32
CA VAL A 52 -9.99 -8.37 -4.60
C VAL A 52 -8.90 -7.30 -4.82
N ALA A 53 -8.10 -7.46 -5.84
CA ALA A 53 -7.03 -6.46 -6.12
C ALA A 53 -7.59 -5.34 -7.01
N HIS A 54 -7.12 -4.14 -6.76
CA HIS A 54 -7.56 -2.94 -7.54
C HIS A 54 -6.32 -2.32 -8.21
N THR A 55 -5.33 -2.11 -7.38
CA THR A 55 -4.03 -1.52 -7.82
C THR A 55 -2.93 -2.50 -7.44
N ARG A 56 -2.19 -2.94 -8.42
CA ARG A 56 -1.07 -3.91 -8.19
C ARG A 56 0.29 -3.25 -8.40
N PHE A 57 1.07 -3.24 -7.35
CA PHE A 57 2.43 -2.63 -7.41
C PHE A 57 3.46 -3.77 -7.52
N GLY A 58 3.81 -4.08 -8.74
CA GLY A 58 4.80 -5.16 -9.01
C GLY A 58 6.23 -4.60 -8.95
N SER A 59 6.32 -3.31 -9.16
CA SER A 59 7.62 -2.58 -9.15
C SER A 59 7.48 -1.28 -8.36
N SER A 60 8.51 -0.91 -7.64
CA SER A 60 8.54 0.33 -6.81
C SER A 60 7.75 1.48 -7.49
N ALA A 61 6.79 2.02 -6.78
CA ALA A 61 5.96 3.14 -7.35
C ALA A 61 5.73 4.24 -6.30
N ARG A 62 6.41 5.34 -6.47
CA ARG A 62 6.32 6.51 -5.54
C ARG A 62 5.04 7.34 -5.77
N ALA A 63 3.91 6.84 -5.31
CA ALA A 63 2.64 7.61 -5.50
C ALA A 63 2.40 8.53 -4.29
N CYS A 64 1.68 9.61 -4.53
CA CYS A 64 1.37 10.58 -3.42
C CYS A 64 -0.05 11.11 -3.61
N ASN A 65 -0.82 10.35 -4.37
CA ASN A 65 -2.24 10.71 -4.65
C ASN A 65 -3.06 10.29 -3.42
N PRO A 66 -4.29 10.75 -3.27
CA PRO A 66 -5.19 10.28 -2.18
C PRO A 66 -5.33 8.74 -2.24
N PHE A 67 -5.51 8.14 -1.08
CA PHE A 67 -5.66 6.65 -1.01
C PHE A 67 -6.99 6.24 -1.67
N GLY A 68 -7.19 4.95 -1.80
CA GLY A 68 -8.45 4.45 -2.44
C GLY A 68 -8.72 2.99 -2.08
N TRP A 69 -7.94 2.46 -1.18
CA TRP A 69 -8.12 1.02 -0.77
C TRP A 69 -8.21 0.92 0.76
N LYS A 70 -8.21 -0.28 1.29
CA LYS A 70 -8.28 -0.47 2.77
C LYS A 70 -7.14 -1.35 3.31
N SER A 71 -6.60 -2.19 2.44
CA SER A 71 -5.48 -3.10 2.85
C SER A 71 -4.52 -3.34 1.67
N ILE A 72 -3.36 -3.83 2.04
CA ILE A 72 -2.28 -4.14 1.06
C ILE A 72 -1.79 -5.60 1.21
N PHE A 73 -2.03 -6.35 0.18
CA PHE A 73 -1.64 -7.79 0.12
C PHE A 73 -0.26 -7.89 -0.56
N ILE A 74 0.71 -8.44 0.13
CA ILE A 74 2.10 -8.58 -0.44
C ILE A 74 2.56 -10.03 -0.25
N GLN A 75 3.00 -10.62 -1.33
CA GLN A 75 3.49 -12.04 -1.32
C GLN A 75 4.91 -12.22 -0.75
N CYS A 76 5.41 -11.16 -0.18
CA CYS A 76 6.78 -11.04 0.46
C CYS A 76 7.91 -11.96 -0.11
N SER A 1 9.84 -5.51 -1.33
CA SER A 1 8.36 -5.56 -1.46
C SER A 1 7.76 -4.88 -0.22
N ALA A 2 7.58 -3.59 -0.32
CA ALA A 2 7.02 -2.83 0.84
C ALA A 2 6.16 -1.63 0.40
N PHE A 3 4.93 -1.63 0.87
CA PHE A 3 3.99 -0.53 0.52
C PHE A 3 4.13 0.57 1.60
N THR A 4 4.79 1.64 1.23
CA THR A 4 5.02 2.77 2.20
C THR A 4 3.92 3.82 2.00
N VAL A 5 3.39 4.33 3.10
CA VAL A 5 2.30 5.36 2.98
C VAL A 5 2.49 6.47 4.01
N TRP A 6 1.82 7.58 3.77
CA TRP A 6 1.88 8.75 4.66
C TRP A 6 0.41 9.12 4.97
N SER A 7 0.14 9.49 6.20
CA SER A 7 -1.27 9.87 6.61
C SER A 7 -1.94 10.98 5.77
N GLY A 8 -1.14 11.90 5.28
CA GLY A 8 -1.66 13.03 4.45
C GLY A 8 -0.91 14.34 4.74
N PRO A 9 -0.76 15.21 3.77
CA PRO A 9 -1.58 15.31 2.52
C PRO A 9 -1.26 14.18 1.51
N GLY A 10 -0.06 14.21 1.03
CA GLY A 10 0.41 13.18 0.05
C GLY A 10 1.50 12.41 0.77
N CYS A 11 2.65 12.36 0.13
CA CYS A 11 3.83 11.64 0.68
C CYS A 11 4.75 12.69 1.32
N ASN A 12 4.34 13.21 2.45
CA ASN A 12 5.18 14.25 3.14
C ASN A 12 5.23 14.04 4.66
N ASN A 13 4.06 13.95 5.20
CA ASN A 13 3.79 13.75 6.66
C ASN A 13 4.43 12.49 7.31
N ARG A 14 3.67 11.79 8.12
CA ARG A 14 4.17 10.55 8.81
C ARG A 14 4.65 9.50 7.83
N ALA A 15 5.72 8.85 8.19
CA ALA A 15 6.32 7.80 7.33
C ALA A 15 5.90 6.39 7.81
N GLU A 16 4.72 6.00 7.39
CA GLU A 16 4.18 4.66 7.76
C GLU A 16 4.61 3.62 6.71
N ARG A 17 4.47 2.36 7.03
CA ARG A 17 4.88 1.29 6.08
C ARG A 17 4.08 -0.01 6.28
N TYR A 18 4.02 -0.77 5.21
CA TYR A 18 3.30 -2.08 5.18
C TYR A 18 4.18 -3.05 4.37
N SER A 19 5.29 -3.39 4.98
CA SER A 19 6.28 -4.32 4.37
C SER A 19 6.02 -5.78 4.74
N LYS A 20 5.26 -6.00 5.78
CA LYS A 20 4.95 -7.40 6.22
C LYS A 20 4.28 -8.20 5.10
N CYS A 21 4.84 -9.36 4.87
CA CYS A 21 4.33 -10.29 3.82
C CYS A 21 2.89 -10.75 4.12
N GLY A 22 2.00 -10.48 3.19
CA GLY A 22 0.58 -10.89 3.37
C GLY A 22 -0.41 -9.73 3.56
N CYS A 23 -1.59 -10.15 3.92
CA CYS A 23 -2.77 -9.26 4.18
C CYS A 23 -2.49 -8.21 5.27
N SER A 24 -2.80 -6.96 4.97
CA SER A 24 -2.57 -5.86 5.95
C SER A 24 -3.42 -4.62 5.60
N ALA A 25 -4.27 -4.22 6.51
CA ALA A 25 -5.16 -3.03 6.30
C ALA A 25 -4.45 -1.68 6.52
N ILE A 26 -4.55 -0.85 5.51
CA ILE A 26 -3.93 0.51 5.53
C ILE A 26 -4.96 1.46 6.15
N HIS A 27 -4.48 2.54 6.73
CA HIS A 27 -5.40 3.53 7.38
C HIS A 27 -4.96 4.97 7.05
N GLN A 28 -3.79 5.10 6.48
CA GLN A 28 -3.25 6.45 6.12
C GLN A 28 -3.95 6.99 4.87
N LYS A 29 -4.82 7.93 5.09
CA LYS A 29 -5.59 8.56 3.97
C LYS A 29 -4.79 9.77 3.44
N GLY A 30 -3.61 9.48 2.94
CA GLY A 30 -2.72 10.54 2.38
C GLY A 30 -1.98 10.08 1.14
N GLY A 31 -0.69 9.87 1.29
CA GLY A 31 0.17 9.41 0.15
C GLY A 31 0.38 7.90 0.25
N TYR A 32 0.87 7.32 -0.81
CA TYR A 32 1.12 5.83 -0.83
C TYR A 32 2.35 5.53 -1.67
N ASP A 33 2.86 4.34 -1.55
CA ASP A 33 4.07 3.97 -2.34
C ASP A 33 4.29 2.48 -2.21
N PHE A 34 5.09 1.98 -3.11
CA PHE A 34 5.43 0.53 -3.12
C PHE A 34 6.91 0.48 -3.44
N SER A 35 7.53 -0.60 -3.03
CA SER A 35 8.99 -0.76 -3.28
C SER A 35 9.29 -2.21 -3.62
N TYR A 36 9.32 -2.47 -4.90
CA TYR A 36 9.59 -3.83 -5.43
C TYR A 36 11.10 -4.09 -5.37
N THR A 37 11.45 -5.34 -5.23
CA THR A 37 12.89 -5.77 -5.16
C THR A 37 12.96 -7.30 -5.14
N GLY A 38 11.86 -7.89 -4.72
CA GLY A 38 11.76 -9.37 -4.63
C GLY A 38 10.33 -9.79 -4.94
N GLN A 39 9.41 -9.18 -4.22
CA GLN A 39 7.96 -9.50 -4.42
C GLN A 39 7.10 -8.30 -4.79
N THR A 40 5.96 -8.64 -5.36
CA THR A 40 4.94 -7.66 -5.82
C THR A 40 3.92 -7.38 -4.70
N ALA A 41 2.82 -6.80 -5.10
CA ALA A 41 1.71 -6.45 -4.15
C ALA A 41 0.37 -6.38 -4.88
N ALA A 42 -0.67 -6.16 -4.11
CA ALA A 42 -2.06 -6.07 -4.67
C ALA A 42 -2.91 -5.30 -3.66
N LEU A 43 -3.66 -4.32 -4.13
CA LEU A 43 -4.53 -3.52 -3.23
C LEU A 43 -5.91 -4.12 -3.19
N TYR A 44 -6.56 -3.84 -2.10
CA TYR A 44 -7.94 -4.36 -1.86
C TYR A 44 -8.79 -3.25 -1.23
N ASN A 45 -9.85 -2.90 -1.92
CA ASN A 45 -10.79 -1.84 -1.45
C ASN A 45 -11.50 -2.18 -0.13
N GLN A 46 -11.32 -3.39 0.34
CA GLN A 46 -11.97 -3.81 1.61
C GLN A 46 -10.90 -4.18 2.65
N ALA A 47 -10.96 -3.50 3.77
CA ALA A 47 -9.99 -3.73 4.90
C ALA A 47 -9.66 -5.21 5.13
N GLY A 48 -8.43 -5.43 5.54
CA GLY A 48 -7.95 -6.83 5.82
C GLY A 48 -8.08 -7.70 4.58
N CYS A 49 -7.72 -7.13 3.46
CA CYS A 49 -7.76 -7.82 2.13
C CYS A 49 -9.07 -8.62 1.90
N SER A 50 -10.12 -8.20 2.58
CA SER A 50 -11.44 -8.91 2.44
C SER A 50 -12.25 -8.34 1.27
N GLY A 51 -11.56 -8.15 0.18
CA GLY A 51 -12.20 -7.59 -1.06
C GLY A 51 -11.57 -8.23 -2.30
N VAL A 52 -11.66 -7.51 -3.39
CA VAL A 52 -11.11 -7.96 -4.70
C VAL A 52 -9.90 -7.07 -5.02
N ALA A 53 -8.93 -7.63 -5.73
CA ALA A 53 -7.73 -6.80 -6.07
C ALA A 53 -8.12 -5.66 -7.00
N HIS A 54 -7.31 -4.63 -7.00
CA HIS A 54 -7.59 -3.45 -7.88
C HIS A 54 -6.29 -2.88 -8.47
N THR A 55 -5.28 -2.73 -7.64
CA THR A 55 -3.98 -2.18 -8.13
C THR A 55 -2.79 -2.96 -7.57
N ARG A 56 -2.04 -3.54 -8.47
CA ARG A 56 -0.83 -4.34 -8.10
C ARG A 56 0.44 -3.54 -8.43
N PHE A 57 1.53 -3.95 -7.84
CA PHE A 57 2.85 -3.26 -8.09
C PHE A 57 3.97 -4.29 -8.21
N GLY A 58 4.79 -4.09 -9.21
CA GLY A 58 5.94 -5.00 -9.48
C GLY A 58 7.20 -4.16 -9.71
N SER A 59 7.11 -2.90 -9.34
CA SER A 59 8.23 -1.94 -9.49
C SER A 59 7.94 -0.72 -8.59
N SER A 60 8.87 -0.42 -7.70
CA SER A 60 8.75 0.73 -6.76
C SER A 60 8.02 1.95 -7.37
N ALA A 61 6.86 2.25 -6.85
CA ALA A 61 6.04 3.41 -7.35
C ALA A 61 5.69 4.36 -6.20
N ARG A 62 6.25 5.54 -6.22
CA ARG A 62 6.00 6.57 -5.16
C ARG A 62 4.77 7.47 -5.43
N ALA A 63 3.66 7.07 -4.85
CA ALA A 63 2.39 7.85 -5.00
C ALA A 63 2.23 8.91 -3.89
N CYS A 64 1.42 9.90 -4.14
CA CYS A 64 1.18 10.98 -3.12
C CYS A 64 -0.23 11.56 -3.33
N ASN A 65 -1.00 10.81 -4.08
CA ASN A 65 -2.41 11.16 -4.41
C ASN A 65 -3.34 10.60 -3.33
N PRO A 66 -4.59 11.02 -3.29
CA PRO A 66 -5.63 10.43 -2.39
C PRO A 66 -5.67 8.90 -2.49
N PHE A 67 -6.33 8.27 -1.53
CA PHE A 67 -6.44 6.78 -1.52
C PHE A 67 -7.34 6.27 -2.65
N GLY A 68 -7.46 4.98 -2.70
CA GLY A 68 -8.29 4.29 -3.73
C GLY A 68 -8.64 2.86 -3.27
N TRP A 69 -8.07 2.46 -2.15
CA TRP A 69 -8.33 1.09 -1.59
C TRP A 69 -8.48 1.20 -0.06
N LYS A 70 -8.24 0.12 0.66
CA LYS A 70 -8.36 0.14 2.15
C LYS A 70 -7.22 -0.69 2.76
N SER A 71 -6.95 -1.81 2.12
CA SER A 71 -5.87 -2.75 2.57
C SER A 71 -4.98 -3.16 1.41
N ILE A 72 -4.00 -3.96 1.73
CA ILE A 72 -3.02 -4.48 0.73
C ILE A 72 -2.48 -5.85 1.14
N PHE A 73 -2.21 -6.62 0.12
CA PHE A 73 -1.66 -8.00 0.31
C PHE A 73 -0.30 -8.05 -0.39
N ILE A 74 0.67 -8.55 0.35
CA ILE A 74 2.07 -8.67 -0.18
C ILE A 74 2.35 -10.18 -0.29
N GLN A 75 3.22 -10.56 -1.18
CA GLN A 75 3.56 -12.01 -1.33
C GLN A 75 4.44 -12.44 -0.14
N CYS A 76 5.17 -13.53 -0.29
CA CYS A 76 6.08 -14.09 0.78
C CYS A 76 5.40 -14.33 2.15
N SER A 1 9.58 -5.51 -0.91
CA SER A 1 8.12 -5.36 -1.15
C SER A 1 7.55 -4.51 0.00
N ALA A 2 8.05 -3.30 0.11
CA ALA A 2 7.59 -2.38 1.19
C ALA A 2 6.56 -1.36 0.69
N PHE A 3 5.51 -1.19 1.46
CA PHE A 3 4.43 -0.23 1.08
C PHE A 3 4.49 0.98 2.04
N THR A 4 5.22 1.99 1.64
CA THR A 4 5.37 3.23 2.48
C THR A 4 4.18 4.16 2.29
N VAL A 5 3.65 4.66 3.38
CA VAL A 5 2.47 5.58 3.32
C VAL A 5 2.62 6.75 4.31
N TRP A 6 2.12 7.89 3.89
CA TRP A 6 2.16 9.15 4.69
C TRP A 6 0.69 9.47 5.04
N SER A 7 0.43 9.99 6.21
CA SER A 7 -0.97 10.33 6.63
C SER A 7 -1.66 11.44 5.81
N GLY A 8 -0.90 12.11 4.98
CA GLY A 8 -1.47 13.21 4.13
C GLY A 8 -0.81 14.57 4.39
N PRO A 9 -0.84 15.45 3.41
CA PRO A 9 -1.67 15.35 2.16
C PRO A 9 -1.11 14.33 1.16
N GLY A 10 0.06 14.61 0.67
CA GLY A 10 0.72 13.71 -0.31
C GLY A 10 1.59 12.69 0.43
N CYS A 11 2.77 12.52 -0.11
CA CYS A 11 3.78 11.57 0.42
C CYS A 11 4.92 12.36 1.11
N ASN A 12 4.62 13.02 2.20
CA ASN A 12 5.69 13.82 2.89
C ASN A 12 5.60 13.76 4.42
N ASN A 13 4.48 14.22 4.92
CA ASN A 13 4.15 14.27 6.38
C ASN A 13 4.74 13.17 7.30
N ARG A 14 3.96 12.21 7.74
CA ARG A 14 4.49 11.12 8.63
C ARG A 14 5.39 10.16 7.84
N ALA A 15 5.65 9.00 8.40
CA ALA A 15 6.53 8.01 7.72
C ALA A 15 6.17 6.57 8.09
N GLU A 16 4.94 6.19 7.82
CA GLU A 16 4.49 4.81 8.15
C GLU A 16 4.97 3.88 7.03
N ARG A 17 5.20 2.63 7.37
CA ARG A 17 5.69 1.65 6.34
C ARG A 17 5.12 0.25 6.61
N TYR A 18 4.34 -0.21 5.65
CA TYR A 18 3.70 -1.55 5.71
C TYR A 18 4.56 -2.53 4.90
N SER A 19 5.69 -2.85 5.48
CA SER A 19 6.65 -3.80 4.83
C SER A 19 6.25 -5.26 5.05
N LYS A 20 5.34 -5.47 5.97
CA LYS A 20 4.85 -6.84 6.29
C LYS A 20 4.10 -7.45 5.09
N CYS A 21 4.44 -8.68 4.79
CA CYS A 21 3.83 -9.42 3.66
C CYS A 21 2.31 -9.64 3.83
N GLY A 22 1.73 -10.21 2.80
CA GLY A 22 0.27 -10.50 2.81
C GLY A 22 -0.56 -9.21 2.82
N CYS A 23 -1.80 -9.35 3.19
CA CYS A 23 -2.74 -8.19 3.25
C CYS A 23 -2.91 -7.59 4.64
N SER A 24 -2.67 -6.30 4.68
CA SER A 24 -2.78 -5.51 5.95
C SER A 24 -3.61 -4.25 5.70
N ALA A 25 -4.50 -3.96 6.62
CA ALA A 25 -5.37 -2.75 6.49
C ALA A 25 -4.58 -1.52 6.91
N ILE A 26 -4.41 -0.63 5.96
CA ILE A 26 -3.65 0.63 6.20
C ILE A 26 -4.53 1.70 6.85
N HIS A 27 -3.94 2.37 7.81
CA HIS A 27 -4.62 3.46 8.57
C HIS A 27 -3.79 4.70 8.28
N GLN A 28 -3.72 4.99 7.00
CA GLN A 28 -2.94 6.18 6.51
C GLN A 28 -3.68 6.82 5.32
N LYS A 29 -4.40 7.88 5.59
CA LYS A 29 -5.17 8.61 4.54
C LYS A 29 -4.37 9.77 3.89
N GLY A 30 -3.27 9.42 3.27
CA GLY A 30 -2.42 10.46 2.61
C GLY A 30 -1.78 9.97 1.32
N GLY A 31 -0.48 9.79 1.37
CA GLY A 31 0.29 9.30 0.18
C GLY A 31 0.53 7.80 0.31
N TYR A 32 0.96 7.17 -0.77
CA TYR A 32 1.22 5.69 -0.74
C TYR A 32 2.37 5.37 -1.69
N ASP A 33 3.15 4.39 -1.35
CA ASP A 33 4.30 4.00 -2.22
C ASP A 33 4.55 2.52 -2.04
N PHE A 34 5.12 1.93 -3.05
CA PHE A 34 5.45 0.47 -3.00
C PHE A 34 6.92 0.37 -3.38
N SER A 35 7.55 -0.70 -2.99
CA SER A 35 8.99 -0.88 -3.31
C SER A 35 9.29 -2.35 -3.58
N TYR A 36 9.22 -2.67 -4.85
CA TYR A 36 9.48 -4.06 -5.31
C TYR A 36 10.98 -4.38 -5.19
N THR A 37 11.25 -5.64 -5.00
CA THR A 37 12.65 -6.15 -4.86
C THR A 37 12.61 -7.69 -4.84
N GLY A 38 11.54 -8.20 -4.27
CA GLY A 38 11.33 -9.67 -4.17
C GLY A 38 10.01 -10.03 -4.86
N GLN A 39 8.94 -9.52 -4.29
CA GLN A 39 7.57 -9.79 -4.84
C GLN A 39 6.76 -8.52 -5.10
N THR A 40 5.69 -8.71 -5.83
CA THR A 40 4.77 -7.59 -6.19
C THR A 40 3.66 -7.52 -5.15
N ALA A 41 2.87 -6.48 -5.26
CA ALA A 41 1.74 -6.27 -4.32
C ALA A 41 0.44 -6.07 -5.12
N ALA A 42 -0.63 -5.91 -4.39
CA ALA A 42 -1.98 -5.70 -5.00
C ALA A 42 -2.87 -5.04 -3.95
N LEU A 43 -3.57 -3.98 -4.29
CA LEU A 43 -4.44 -3.32 -3.26
C LEU A 43 -5.74 -4.10 -3.20
N TYR A 44 -6.41 -3.87 -2.11
CA TYR A 44 -7.71 -4.52 -1.82
C TYR A 44 -8.64 -3.47 -1.23
N ASN A 45 -9.57 -3.07 -2.05
CA ASN A 45 -10.58 -2.03 -1.66
C ASN A 45 -11.33 -2.42 -0.37
N GLN A 46 -11.37 -3.70 -0.10
CA GLN A 46 -12.07 -4.22 1.11
C GLN A 46 -11.04 -4.42 2.24
N ALA A 47 -11.45 -3.99 3.42
CA ALA A 47 -10.60 -4.09 4.65
C ALA A 47 -9.90 -5.44 4.78
N GLY A 48 -8.59 -5.38 4.81
CA GLY A 48 -7.74 -6.61 4.94
C GLY A 48 -8.20 -7.77 4.05
N CYS A 49 -7.96 -7.64 2.77
CA CYS A 49 -8.35 -8.70 1.78
C CYS A 49 -9.76 -9.29 1.93
N SER A 50 -10.68 -8.55 2.53
CA SER A 50 -12.07 -9.09 2.69
C SER A 50 -12.92 -8.92 1.43
N GLY A 51 -12.24 -8.99 0.32
CA GLY A 51 -12.88 -8.85 -1.02
C GLY A 51 -11.96 -9.42 -2.11
N VAL A 52 -11.78 -8.60 -3.11
CA VAL A 52 -10.91 -8.93 -4.29
C VAL A 52 -9.91 -7.78 -4.45
N ALA A 53 -8.85 -8.02 -5.18
CA ALA A 53 -7.83 -6.94 -5.37
C ALA A 53 -8.38 -5.82 -6.27
N HIS A 54 -7.54 -4.85 -6.55
CA HIS A 54 -7.96 -3.70 -7.40
C HIS A 54 -6.74 -3.19 -8.19
N THR A 55 -5.73 -2.76 -7.47
CA THR A 55 -4.48 -2.24 -8.11
C THR A 55 -3.36 -3.30 -7.99
N ARG A 56 -2.30 -3.06 -8.73
CA ARG A 56 -1.12 -3.97 -8.75
C ARG A 56 0.18 -3.14 -8.85
N PHE A 57 1.21 -3.63 -8.20
CA PHE A 57 2.54 -2.93 -8.21
C PHE A 57 3.63 -3.92 -8.61
N GLY A 58 4.03 -3.85 -9.86
CA GLY A 58 5.09 -4.75 -10.38
C GLY A 58 6.49 -4.22 -10.04
N SER A 59 6.57 -2.93 -9.84
CA SER A 59 7.86 -2.26 -9.50
C SER A 59 7.64 -1.03 -8.62
N SER A 60 8.60 -0.75 -7.75
CA SER A 60 8.56 0.41 -6.82
C SER A 60 7.85 1.63 -7.43
N ALA A 61 6.74 2.01 -6.85
CA ALA A 61 5.95 3.18 -7.36
C ALA A 61 5.61 4.16 -6.23
N ARG A 62 6.26 5.30 -6.25
CA ARG A 62 6.04 6.36 -5.22
C ARG A 62 4.82 7.25 -5.52
N ALA A 63 3.68 6.80 -5.05
CA ALA A 63 2.42 7.57 -5.26
C ALA A 63 2.17 8.58 -4.11
N CYS A 64 1.31 9.54 -4.33
CA CYS A 64 1.02 10.54 -3.26
C CYS A 64 -0.45 11.01 -3.36
N ASN A 65 -1.20 10.30 -4.16
CA ASN A 65 -2.65 10.61 -4.38
C ASN A 65 -3.43 10.28 -3.09
N PRO A 66 -4.66 10.77 -2.96
CA PRO A 66 -5.60 10.31 -1.91
C PRO A 66 -5.75 8.77 -1.96
N PHE A 67 -6.30 8.19 -0.92
CA PHE A 67 -6.48 6.71 -0.90
C PHE A 67 -7.51 6.26 -1.96
N GLY A 68 -7.64 4.97 -2.07
CA GLY A 68 -8.58 4.36 -3.05
C GLY A 68 -8.89 2.91 -2.64
N TRP A 69 -8.23 2.46 -1.60
CA TRP A 69 -8.44 1.06 -1.11
C TRP A 69 -8.36 1.05 0.43
N LYS A 70 -8.45 -0.13 1.00
CA LYS A 70 -8.39 -0.31 2.48
C LYS A 70 -7.14 -1.07 2.94
N SER A 71 -6.76 -2.08 2.19
CA SER A 71 -5.55 -2.91 2.54
C SER A 71 -4.61 -3.15 1.37
N ILE A 72 -3.43 -3.60 1.71
CA ILE A 72 -2.37 -3.90 0.72
C ILE A 72 -1.85 -5.34 0.86
N PHE A 73 -2.15 -6.11 -0.15
CA PHE A 73 -1.73 -7.54 -0.19
C PHE A 73 -0.37 -7.66 -0.87
N ILE A 74 0.43 -8.57 -0.38
CA ILE A 74 1.81 -8.77 -0.96
C ILE A 74 2.00 -10.29 -1.09
N GLN A 75 2.47 -10.69 -2.25
CA GLN A 75 2.73 -12.13 -2.56
C GLN A 75 3.76 -12.77 -1.62
N CYS A 76 4.77 -12.01 -1.27
CA CYS A 76 5.88 -12.45 -0.36
C CYS A 76 6.79 -13.56 -0.93
N SER A 1 10.02 -4.95 -1.74
CA SER A 1 8.56 -5.16 -1.53
C SER A 1 8.14 -4.31 -0.32
N ALA A 2 7.66 -3.12 -0.59
CA ALA A 2 7.21 -2.23 0.54
C ALA A 2 6.30 -1.08 0.12
N PHE A 3 5.12 -1.05 0.68
CA PHE A 3 4.12 0.02 0.38
C PHE A 3 4.17 1.11 1.46
N THR A 4 5.08 2.04 1.30
CA THR A 4 5.21 3.15 2.29
C THR A 4 3.95 4.02 2.15
N VAL A 5 3.57 4.65 3.24
CA VAL A 5 2.35 5.52 3.24
C VAL A 5 2.57 6.66 4.25
N TRP A 6 1.90 7.77 4.06
CA TRP A 6 2.03 8.94 4.95
C TRP A 6 0.58 9.41 5.23
N SER A 7 0.31 9.80 6.45
CA SER A 7 -1.07 10.27 6.84
C SER A 7 -1.70 11.30 5.89
N GLY A 8 -0.90 12.26 5.49
CA GLY A 8 -1.37 13.34 4.56
C GLY A 8 -0.57 14.63 4.82
N PRO A 9 -0.50 15.51 3.85
CA PRO A 9 -1.37 15.53 2.63
C PRO A 9 -0.85 14.54 1.58
N GLY A 10 0.35 14.79 1.14
CA GLY A 10 1.00 13.94 0.12
C GLY A 10 1.77 12.82 0.83
N CYS A 11 3.02 12.73 0.46
CA CYS A 11 3.95 11.71 1.01
C CYS A 11 4.96 12.40 1.95
N ASN A 12 4.41 13.18 2.84
CA ASN A 12 5.24 13.94 3.83
C ASN A 12 4.80 13.47 5.22
N ASN A 13 4.47 14.37 6.11
CA ASN A 13 4.02 14.01 7.50
C ASN A 13 4.73 12.77 8.12
N ARG A 14 3.99 11.96 8.85
CA ARG A 14 4.57 10.74 9.49
C ARG A 14 4.76 9.62 8.45
N ALA A 15 5.85 8.91 8.55
CA ALA A 15 6.15 7.80 7.61
C ALA A 15 5.86 6.44 8.26
N GLU A 16 5.14 5.63 7.52
CA GLU A 16 4.76 4.26 7.99
C GLU A 16 4.96 3.34 6.79
N ARG A 17 5.85 2.39 6.96
CA ARG A 17 6.15 1.41 5.86
C ARG A 17 5.41 0.08 6.01
N TYR A 18 4.69 -0.29 4.97
CA TYR A 18 3.91 -1.57 4.97
C TYR A 18 4.69 -2.58 4.11
N SER A 19 5.67 -3.20 4.72
CA SER A 19 6.51 -4.22 4.00
C SER A 19 6.17 -5.64 4.47
N LYS A 20 5.57 -5.70 5.63
CA LYS A 20 5.14 -7.00 6.25
C LYS A 20 4.36 -7.91 5.28
N CYS A 21 4.66 -9.18 5.35
CA CYS A 21 3.99 -10.21 4.48
C CYS A 21 2.48 -10.28 4.79
N GLY A 22 1.75 -10.86 3.87
CA GLY A 22 0.26 -10.99 4.05
C GLY A 22 -0.34 -9.61 3.81
N CYS A 23 -1.45 -9.31 4.44
CA CYS A 23 -2.07 -7.96 4.23
C CYS A 23 -2.43 -7.25 5.53
N SER A 24 -2.45 -5.94 5.42
CA SER A 24 -2.76 -5.05 6.57
C SER A 24 -3.57 -3.85 6.07
N ALA A 25 -4.40 -3.33 6.93
CA ALA A 25 -5.25 -2.15 6.57
C ALA A 25 -4.46 -0.83 6.61
N ILE A 26 -4.47 -0.12 5.49
CA ILE A 26 -3.74 1.18 5.43
C ILE A 26 -4.61 2.24 6.08
N HIS A 27 -4.08 2.82 7.13
CA HIS A 27 -4.81 3.89 7.88
C HIS A 27 -4.42 5.27 7.36
N GLN A 28 -3.23 5.35 6.81
CA GLN A 28 -2.71 6.64 6.26
C GLN A 28 -3.35 6.86 4.89
N LYS A 29 -4.34 7.72 4.86
CA LYS A 29 -5.06 8.04 3.59
C LYS A 29 -4.39 9.21 2.82
N GLY A 30 -3.20 9.56 3.24
CA GLY A 30 -2.46 10.69 2.57
C GLY A 30 -1.82 10.29 1.25
N GLY A 31 -0.59 9.84 1.33
CA GLY A 31 0.17 9.43 0.12
C GLY A 31 0.79 8.05 0.32
N TYR A 32 1.31 7.47 -0.74
CA TYR A 32 1.94 6.12 -0.63
C TYR A 32 2.89 5.74 -1.77
N ASP A 33 4.01 5.17 -1.43
CA ASP A 33 5.02 4.75 -2.45
C ASP A 33 5.26 3.25 -2.34
N PHE A 34 5.24 2.53 -3.44
CA PHE A 34 5.48 1.06 -3.36
C PHE A 34 6.92 0.83 -3.79
N SER A 35 7.45 -0.30 -3.44
CA SER A 35 8.85 -0.62 -3.83
C SER A 35 8.98 -2.13 -4.04
N TYR A 36 8.73 -2.51 -5.27
CA TYR A 36 8.81 -3.95 -5.66
C TYR A 36 10.29 -4.34 -5.74
N THR A 37 10.64 -5.50 -5.24
CA THR A 37 12.07 -5.93 -5.29
C THR A 37 12.15 -7.45 -5.40
N GLY A 38 11.36 -8.09 -4.59
CA GLY A 38 11.30 -9.58 -4.55
C GLY A 38 9.83 -10.00 -4.55
N GLN A 39 9.05 -9.30 -3.77
CA GLN A 39 7.59 -9.61 -3.67
C GLN A 39 6.69 -8.49 -4.18
N THR A 40 5.72 -8.91 -4.96
CA THR A 40 4.73 -7.97 -5.57
C THR A 40 3.65 -7.68 -4.51
N ALA A 41 2.82 -6.72 -4.79
CA ALA A 41 1.74 -6.34 -3.83
C ALA A 41 0.46 -5.95 -4.57
N ALA A 42 -0.63 -6.51 -4.09
CA ALA A 42 -1.99 -6.25 -4.65
C ALA A 42 -2.66 -5.29 -3.67
N LEU A 43 -3.48 -4.40 -4.16
CA LEU A 43 -4.15 -3.42 -3.25
C LEU A 43 -5.65 -3.75 -3.14
N TYR A 44 -5.97 -4.42 -2.07
CA TYR A 44 -7.40 -4.82 -1.81
C TYR A 44 -8.28 -3.65 -1.33
N ASN A 45 -9.41 -3.54 -1.99
CA ASN A 45 -10.40 -2.47 -1.64
C ASN A 45 -11.44 -3.05 -0.66
N GLN A 46 -11.01 -4.03 0.09
CA GLN A 46 -11.87 -4.71 1.09
C GLN A 46 -11.01 -5.15 2.28
N ALA A 47 -11.61 -5.08 3.45
CA ALA A 47 -10.92 -5.47 4.71
C ALA A 47 -10.26 -6.86 4.67
N GLY A 48 -9.12 -6.90 5.31
CA GLY A 48 -8.31 -8.15 5.40
C GLY A 48 -8.10 -8.85 4.05
N CYS A 49 -8.00 -8.05 3.02
CA CYS A 49 -7.80 -8.55 1.62
C CYS A 49 -8.63 -9.80 1.29
N SER A 50 -9.87 -9.76 1.72
CA SER A 50 -10.82 -10.89 1.47
C SER A 50 -11.74 -10.65 0.27
N GLY A 51 -11.17 -10.21 -0.83
CA GLY A 51 -11.98 -9.95 -2.06
C GLY A 51 -11.09 -9.91 -3.31
N VAL A 52 -11.24 -8.85 -4.05
CA VAL A 52 -10.47 -8.64 -5.31
C VAL A 52 -9.62 -7.37 -5.21
N ALA A 53 -8.42 -7.44 -5.75
CA ALA A 53 -7.51 -6.26 -5.72
C ALA A 53 -7.85 -5.29 -6.85
N HIS A 54 -7.53 -4.05 -6.60
CA HIS A 54 -7.79 -2.95 -7.57
C HIS A 54 -6.49 -2.45 -8.23
N THR A 55 -5.42 -2.41 -7.48
CA THR A 55 -4.12 -1.93 -8.06
C THR A 55 -2.93 -2.79 -7.59
N ARG A 56 -2.21 -3.31 -8.54
CA ARG A 56 -1.02 -4.17 -8.23
C ARG A 56 0.25 -3.35 -8.43
N PHE A 57 1.34 -3.82 -7.88
CA PHE A 57 2.64 -3.08 -8.01
C PHE A 57 3.83 -4.02 -8.27
N GLY A 58 4.10 -4.20 -9.55
CA GLY A 58 5.22 -5.08 -9.98
C GLY A 58 6.48 -4.23 -10.22
N SER A 59 6.44 -3.02 -9.70
CA SER A 59 7.55 -2.05 -9.83
C SER A 59 7.23 -0.86 -8.90
N SER A 60 8.24 -0.38 -8.20
CA SER A 60 8.07 0.78 -7.27
C SER A 60 7.22 1.92 -7.87
N ALA A 61 6.24 2.35 -7.13
CA ALA A 61 5.33 3.45 -7.59
C ALA A 61 5.21 4.55 -6.52
N ARG A 62 6.01 5.57 -6.69
CA ARG A 62 6.05 6.74 -5.75
C ARG A 62 4.84 7.68 -5.80
N ALA A 63 3.72 7.20 -5.31
CA ALA A 63 2.48 8.04 -5.31
C ALA A 63 2.38 8.85 -4.00
N CYS A 64 1.56 9.88 -4.01
CA CYS A 64 1.39 10.73 -2.80
C CYS A 64 -0.06 11.19 -2.66
N ASN A 65 -0.84 10.98 -3.70
CA ASN A 65 -2.27 11.37 -3.70
C ASN A 65 -3.07 10.43 -2.76
N PRO A 66 -4.21 10.88 -2.26
CA PRO A 66 -5.14 10.03 -1.46
C PRO A 66 -5.66 8.82 -2.27
N PHE A 67 -6.43 8.00 -1.60
CA PHE A 67 -7.02 6.79 -2.24
C PHE A 67 -8.26 6.33 -1.45
N GLY A 68 -8.73 5.13 -1.75
CA GLY A 68 -9.93 4.58 -1.06
C GLY A 68 -9.87 3.05 -0.97
N TRP A 69 -8.80 2.56 -0.39
CA TRP A 69 -8.61 1.09 -0.24
C TRP A 69 -8.75 0.72 1.24
N LYS A 70 -8.93 -0.55 1.48
CA LYS A 70 -9.10 -1.07 2.87
C LYS A 70 -7.80 -1.69 3.38
N SER A 71 -7.19 -2.46 2.53
CA SER A 71 -5.90 -3.14 2.87
C SER A 71 -5.07 -3.49 1.64
N ILE A 72 -3.84 -3.78 1.93
CA ILE A 72 -2.84 -4.15 0.88
C ILE A 72 -2.18 -5.49 1.20
N PHE A 73 -2.19 -6.35 0.21
CA PHE A 73 -1.58 -7.69 0.35
C PHE A 73 -0.19 -7.63 -0.29
N ILE A 74 0.69 -8.41 0.28
CA ILE A 74 2.10 -8.49 -0.21
C ILE A 74 2.48 -9.97 -0.07
N GLN A 75 3.13 -10.50 -1.07
CA GLN A 75 3.55 -11.93 -1.04
C GLN A 75 4.47 -12.22 0.15
N CYS A 76 4.37 -13.43 0.63
CA CYS A 76 5.19 -13.89 1.79
C CYS A 76 6.30 -14.84 1.33
N SER A 1 6.62 -5.54 -1.96
CA SER A 1 7.60 -5.83 -0.87
C SER A 1 7.45 -4.79 0.26
N ALA A 2 7.19 -3.55 -0.11
CA ALA A 2 7.01 -2.49 0.93
C ALA A 2 6.20 -1.28 0.46
N PHE A 3 5.01 -1.21 0.97
CA PHE A 3 4.07 -0.09 0.63
C PHE A 3 4.15 1.01 1.70
N THR A 4 4.98 1.99 1.44
CA THR A 4 5.14 3.12 2.40
C THR A 4 3.90 4.01 2.22
N VAL A 5 3.48 4.65 3.29
CA VAL A 5 2.28 5.55 3.21
C VAL A 5 2.40 6.70 4.22
N TRP A 6 2.15 7.92 3.80
CA TRP A 6 2.24 9.08 4.71
C TRP A 6 0.77 9.45 5.02
N SER A 7 0.52 10.02 6.17
CA SER A 7 -0.89 10.40 6.54
C SER A 7 -1.48 11.49 5.62
N GLY A 8 -0.62 12.07 4.81
CA GLY A 8 -1.03 13.14 3.86
C GLY A 8 -0.51 14.52 4.27
N PRO A 9 -0.46 15.45 3.33
CA PRO A 9 -1.19 15.41 2.02
C PRO A 9 -0.53 14.43 1.04
N GLY A 10 0.71 14.69 0.76
CA GLY A 10 1.50 13.84 -0.18
C GLY A 10 2.46 12.97 0.63
N CYS A 11 3.70 12.96 0.18
CA CYS A 11 4.77 12.17 0.85
C CYS A 11 5.73 13.17 1.52
N ASN A 12 5.28 13.76 2.61
CA ASN A 12 6.13 14.75 3.34
C ASN A 12 5.97 14.59 4.85
N ASN A 13 4.72 14.57 5.22
CA ASN A 13 4.24 14.41 6.61
C ASN A 13 4.73 13.13 7.32
N ARG A 14 4.03 12.74 8.37
CA ARG A 14 4.41 11.51 9.13
C ARG A 14 4.11 10.26 8.29
N ALA A 15 4.51 9.09 8.74
CA ALA A 15 4.23 7.86 7.92
C ALA A 15 4.17 6.53 8.68
N GLU A 16 3.89 5.53 7.89
CA GLU A 16 3.76 4.11 8.31
C GLU A 16 4.20 3.29 7.09
N ARG A 17 4.90 2.20 7.32
CA ARG A 17 5.36 1.35 6.18
C ARG A 17 4.83 -0.08 6.33
N TYR A 18 4.27 -0.55 5.25
CA TYR A 18 3.69 -1.92 5.21
C TYR A 18 4.65 -2.83 4.44
N SER A 19 5.78 -3.06 5.06
CA SER A 19 6.85 -3.92 4.47
C SER A 19 6.60 -5.39 4.84
N LYS A 20 5.71 -5.56 5.79
CA LYS A 20 5.33 -6.92 6.27
C LYS A 20 4.78 -7.75 5.09
N CYS A 21 5.38 -8.89 4.89
CA CYS A 21 4.94 -9.78 3.78
C CYS A 21 3.55 -10.36 4.10
N GLY A 22 2.63 -10.13 3.19
CA GLY A 22 1.23 -10.62 3.35
C GLY A 22 0.24 -9.46 3.34
N CYS A 23 -0.98 -9.75 3.73
CA CYS A 23 -2.05 -8.71 3.77
C CYS A 23 -1.94 -7.80 5.00
N SER A 24 -2.29 -6.55 4.79
CA SER A 24 -2.25 -5.55 5.91
C SER A 24 -3.14 -4.34 5.58
N ALA A 25 -3.95 -3.96 6.53
CA ALA A 25 -4.87 -2.80 6.33
C ALA A 25 -4.15 -1.46 6.49
N ILE A 26 -4.47 -0.54 5.62
CA ILE A 26 -3.84 0.82 5.64
C ILE A 26 -4.86 1.78 6.27
N HIS A 27 -4.35 2.76 6.98
CA HIS A 27 -5.24 3.76 7.65
C HIS A 27 -4.82 5.18 7.24
N GLN A 28 -3.59 5.30 6.83
CA GLN A 28 -3.02 6.61 6.38
C GLN A 28 -3.58 6.99 5.01
N LYS A 29 -4.54 7.87 5.05
CA LYS A 29 -5.23 8.37 3.82
C LYS A 29 -4.50 9.63 3.30
N GLY A 30 -3.27 9.42 2.93
CA GLY A 30 -2.43 10.54 2.40
C GLY A 30 -1.77 10.14 1.08
N GLY A 31 -0.49 9.88 1.15
CA GLY A 31 0.31 9.46 -0.04
C GLY A 31 0.91 8.07 0.19
N TYR A 32 1.48 7.48 -0.83
CA TYR A 32 2.09 6.13 -0.66
C TYR A 32 3.10 5.72 -1.75
N ASP A 33 4.25 5.26 -1.30
CA ASP A 33 5.33 4.82 -2.23
C ASP A 33 5.60 3.32 -2.11
N PHE A 34 5.16 2.59 -3.09
CA PHE A 34 5.37 1.11 -3.08
C PHE A 34 6.78 0.80 -3.57
N SER A 35 7.24 -0.36 -3.18
CA SER A 35 8.61 -0.82 -3.56
C SER A 35 8.56 -2.32 -3.84
N TYR A 36 9.10 -2.66 -4.98
CA TYR A 36 9.16 -4.08 -5.45
C TYR A 36 10.64 -4.48 -5.45
N THR A 37 10.90 -5.74 -5.17
CA THR A 37 12.33 -6.21 -5.15
C THR A 37 12.37 -7.74 -5.21
N GLY A 38 11.37 -8.32 -4.59
CA GLY A 38 11.25 -9.80 -4.53
C GLY A 38 9.79 -10.18 -4.26
N GLN A 39 8.99 -9.19 -3.95
CA GLN A 39 7.54 -9.44 -3.67
C GLN A 39 6.59 -8.52 -4.42
N THR A 40 5.60 -9.13 -5.03
CA THR A 40 4.56 -8.38 -5.81
C THR A 40 3.53 -7.85 -4.80
N ALA A 41 2.59 -7.07 -5.27
CA ALA A 41 1.55 -6.51 -4.36
C ALA A 41 0.19 -6.39 -5.04
N ALA A 42 -0.81 -6.33 -4.20
CA ALA A 42 -2.23 -6.21 -4.65
C ALA A 42 -2.92 -5.26 -3.67
N LEU A 43 -3.85 -4.48 -4.16
CA LEU A 43 -4.57 -3.51 -3.29
C LEU A 43 -6.06 -3.83 -3.21
N TYR A 44 -6.40 -4.53 -2.15
CA TYR A 44 -7.82 -4.92 -1.92
C TYR A 44 -8.60 -3.83 -1.19
N ASN A 45 -9.79 -3.62 -1.69
CA ASN A 45 -10.71 -2.59 -1.12
C ASN A 45 -11.55 -3.18 0.02
N GLN A 46 -11.26 -4.42 0.36
CA GLN A 46 -12.01 -5.13 1.45
C GLN A 46 -11.08 -5.46 2.62
N ALA A 47 -11.68 -5.49 3.78
CA ALA A 47 -10.95 -5.79 5.04
C ALA A 47 -10.23 -7.14 4.98
N GLY A 48 -8.99 -7.13 5.38
CA GLY A 48 -8.16 -8.37 5.38
C GLY A 48 -8.01 -8.95 3.96
N CYS A 49 -8.03 -8.04 3.01
CA CYS A 49 -7.89 -8.38 1.56
C CYS A 49 -8.93 -9.41 1.07
N SER A 50 -10.09 -9.36 1.68
CA SER A 50 -11.22 -10.29 1.32
C SER A 50 -12.08 -9.62 0.23
N GLY A 51 -11.45 -9.33 -0.88
CA GLY A 51 -12.15 -8.68 -2.02
C GLY A 51 -11.38 -8.88 -3.33
N VAL A 52 -11.50 -7.88 -4.18
CA VAL A 52 -10.83 -7.87 -5.51
C VAL A 52 -9.74 -6.79 -5.48
N ALA A 53 -8.64 -7.07 -6.12
CA ALA A 53 -7.51 -6.09 -6.15
C ALA A 53 -7.78 -5.00 -7.21
N HIS A 54 -7.85 -3.78 -6.74
CA HIS A 54 -8.10 -2.62 -7.63
C HIS A 54 -6.81 -2.21 -8.36
N THR A 55 -5.71 -2.31 -7.66
CA THR A 55 -4.38 -1.96 -8.25
C THR A 55 -3.29 -2.88 -7.69
N ARG A 56 -2.47 -3.37 -8.60
CA ARG A 56 -1.35 -4.29 -8.22
C ARG A 56 -0.03 -3.64 -8.61
N PHE A 57 1.01 -3.95 -7.86
CA PHE A 57 2.37 -3.38 -8.16
C PHE A 57 3.40 -4.49 -8.37
N GLY A 58 4.13 -4.32 -9.43
CA GLY A 58 5.22 -5.28 -9.82
C GLY A 58 6.54 -4.51 -9.88
N SER A 59 6.45 -3.23 -9.63
CA SER A 59 7.63 -2.31 -9.64
C SER A 59 7.31 -1.12 -8.73
N SER A 60 8.29 -0.68 -7.96
CA SER A 60 8.14 0.48 -7.03
C SER A 60 7.27 1.60 -7.61
N ALA A 61 6.19 1.91 -6.92
CA ALA A 61 5.25 2.98 -7.37
C ALA A 61 5.22 4.12 -6.33
N ARG A 62 6.12 5.05 -6.50
CA ARG A 62 6.23 6.22 -5.58
C ARG A 62 5.12 7.28 -5.73
N ALA A 63 3.92 6.91 -5.35
CA ALA A 63 2.76 7.85 -5.44
C ALA A 63 2.55 8.68 -4.17
N CYS A 64 1.80 9.75 -4.27
CA CYS A 64 1.55 10.61 -3.07
C CYS A 64 0.15 11.24 -3.16
N ASN A 65 -0.75 10.44 -3.69
CA ASN A 65 -2.17 10.82 -3.88
C ASN A 65 -3.02 9.99 -2.88
N PRO A 66 -4.25 10.40 -2.62
CA PRO A 66 -5.21 9.58 -1.82
C PRO A 66 -5.57 8.27 -2.54
N PHE A 67 -6.34 7.45 -1.87
CA PHE A 67 -6.77 6.14 -2.44
C PHE A 67 -8.01 5.58 -1.70
N GLY A 68 -8.29 4.32 -1.91
CA GLY A 68 -9.46 3.67 -1.24
C GLY A 68 -9.27 2.14 -1.14
N TRP A 69 -8.17 1.76 -0.51
CA TRP A 69 -7.86 0.30 -0.33
C TRP A 69 -7.91 0.02 1.17
N LYS A 70 -8.66 -0.98 1.55
CA LYS A 70 -8.78 -1.33 2.99
C LYS A 70 -7.60 -2.20 3.42
N SER A 71 -6.82 -2.62 2.44
CA SER A 71 -5.62 -3.48 2.69
C SER A 71 -4.80 -3.72 1.44
N ILE A 72 -3.62 -4.20 1.69
CA ILE A 72 -2.64 -4.51 0.61
C ILE A 72 -2.00 -5.88 0.87
N PHE A 73 -2.16 -6.74 -0.11
CA PHE A 73 -1.61 -8.12 -0.03
C PHE A 73 -0.29 -8.20 -0.81
N ILE A 74 0.77 -8.30 -0.05
CA ILE A 74 2.14 -8.39 -0.64
C ILE A 74 2.62 -9.84 -0.53
N GLN A 75 3.40 -10.25 -1.49
CA GLN A 75 3.95 -11.65 -1.51
C GLN A 75 5.02 -11.77 -0.42
N CYS A 76 5.71 -12.89 -0.39
CA CYS A 76 6.77 -13.08 0.66
C CYS A 76 8.00 -13.76 0.04
N SER A 1 11.15 -4.82 -0.48
CA SER A 1 9.81 -4.57 -1.09
C SER A 1 8.84 -4.17 0.03
N ALA A 2 8.20 -3.04 -0.13
CA ALA A 2 7.23 -2.56 0.92
C ALA A 2 6.43 -1.33 0.47
N PHE A 3 5.19 -1.32 0.87
CA PHE A 3 4.25 -0.21 0.53
C PHE A 3 4.20 0.87 1.64
N THR A 4 4.84 1.98 1.38
CA THR A 4 4.86 3.11 2.37
C THR A 4 3.55 3.89 2.22
N VAL A 5 3.19 4.62 3.25
CA VAL A 5 1.94 5.43 3.25
C VAL A 5 2.03 6.64 4.19
N TRP A 6 1.83 7.82 3.68
CA TRP A 6 1.88 9.05 4.50
C TRP A 6 0.43 9.33 4.89
N SER A 7 0.19 9.87 6.06
CA SER A 7 -1.22 10.16 6.49
C SER A 7 -1.92 11.15 5.54
N GLY A 8 -1.13 11.83 4.75
CA GLY A 8 -1.66 12.82 3.77
C GLY A 8 -1.18 14.25 4.09
N PRO A 9 -1.29 15.14 3.12
CA PRO A 9 -2.02 14.95 1.83
C PRO A 9 -1.24 14.03 0.88
N GLY A 10 -0.04 14.46 0.55
CA GLY A 10 0.84 13.69 -0.35
C GLY A 10 1.77 12.80 0.47
N CYS A 11 2.94 12.62 -0.09
CA CYS A 11 4.02 11.79 0.52
C CYS A 11 5.03 12.75 1.15
N ASN A 12 4.60 13.43 2.18
CA ASN A 12 5.51 14.41 2.86
C ASN A 12 5.44 14.34 4.39
N ASN A 13 4.21 14.37 4.85
CA ASN A 13 3.84 14.31 6.29
C ASN A 13 4.38 13.07 7.04
N ARG A 14 3.67 12.66 8.07
CA ARG A 14 4.11 11.46 8.86
C ARG A 14 3.80 10.21 8.02
N ALA A 15 4.40 9.09 8.34
CA ALA A 15 4.12 7.86 7.53
C ALA A 15 4.32 6.54 8.29
N GLU A 16 3.99 5.49 7.59
CA GLU A 16 4.09 4.09 8.11
C GLU A 16 4.42 3.19 6.92
N ARG A 17 5.04 2.07 7.20
CA ARG A 17 5.42 1.10 6.11
C ARG A 17 4.67 -0.22 6.29
N TYR A 18 4.33 -0.80 5.16
CA TYR A 18 3.60 -2.11 5.13
C TYR A 18 4.37 -3.09 4.25
N SER A 19 5.18 -3.89 4.91
CA SER A 19 6.03 -4.91 4.21
C SER A 19 5.59 -6.33 4.63
N LYS A 20 4.69 -6.36 5.59
CA LYS A 20 4.13 -7.64 6.13
C LYS A 20 3.64 -8.60 5.01
N CYS A 21 4.19 -9.78 5.02
CA CYS A 21 3.82 -10.82 4.01
C CYS A 21 2.41 -11.35 4.31
N GLY A 22 1.44 -10.70 3.73
CA GLY A 22 0.02 -11.11 3.93
C GLY A 22 -0.92 -9.93 3.69
N CYS A 23 -2.15 -10.14 4.09
CA CYS A 23 -3.23 -9.12 3.94
C CYS A 23 -3.15 -8.17 5.16
N SER A 24 -2.80 -6.94 4.91
CA SER A 24 -2.68 -5.91 5.99
C SER A 24 -3.53 -4.66 5.75
N ALA A 25 -4.25 -4.25 6.77
CA ALA A 25 -5.13 -3.05 6.69
C ALA A 25 -4.34 -1.76 6.88
N ILE A 26 -4.33 -0.96 5.84
CA ILE A 26 -3.62 0.34 5.84
C ILE A 26 -4.47 1.39 6.57
N HIS A 27 -3.82 2.15 7.41
CA HIS A 27 -4.50 3.23 8.20
C HIS A 27 -4.15 4.63 7.67
N GLN A 28 -2.95 4.77 7.16
CA GLN A 28 -2.48 6.08 6.60
C GLN A 28 -3.09 6.24 5.20
N LYS A 29 -4.22 6.87 5.21
CA LYS A 29 -5.00 7.14 3.98
C LYS A 29 -4.64 8.50 3.36
N GLY A 30 -3.39 8.59 2.96
CA GLY A 30 -2.86 9.84 2.34
C GLY A 30 -2.04 9.51 1.11
N GLY A 31 -0.76 9.78 1.19
CA GLY A 31 0.16 9.50 0.04
C GLY A 31 0.68 8.06 0.16
N TYR A 32 1.26 7.53 -0.89
CA TYR A 32 1.78 6.12 -0.80
C TYR A 32 2.81 5.69 -1.85
N ASP A 33 3.87 5.15 -1.34
CA ASP A 33 5.00 4.67 -2.18
C ASP A 33 5.05 3.14 -2.08
N PHE A 34 5.84 2.57 -2.95
CA PHE A 34 6.00 1.09 -2.96
C PHE A 34 7.42 0.78 -3.44
N SER A 35 7.87 -0.38 -3.04
CA SER A 35 9.22 -0.87 -3.40
C SER A 35 9.06 -2.35 -3.76
N TYR A 36 9.86 -2.78 -4.68
CA TYR A 36 9.83 -4.20 -5.16
C TYR A 36 11.26 -4.76 -5.24
N THR A 37 11.41 -6.03 -4.94
CA THR A 37 12.78 -6.66 -5.01
C THR A 37 12.70 -8.18 -4.80
N GLY A 38 11.79 -8.60 -3.95
CA GLY A 38 11.62 -10.05 -3.66
C GLY A 38 10.14 -10.45 -3.68
N GLN A 39 9.27 -9.47 -3.68
CA GLN A 39 7.80 -9.76 -3.69
C GLN A 39 6.94 -8.62 -4.25
N THR A 40 5.89 -9.05 -4.91
CA THR A 40 4.91 -8.13 -5.55
C THR A 40 3.87 -7.70 -4.50
N ALA A 41 3.12 -6.69 -4.84
CA ALA A 41 2.06 -6.16 -3.93
C ALA A 41 0.78 -5.87 -4.72
N ALA A 42 -0.32 -5.83 -4.01
CA ALA A 42 -1.63 -5.55 -4.66
C ALA A 42 -2.64 -4.97 -3.67
N LEU A 43 -3.29 -3.90 -4.09
CA LEU A 43 -4.30 -3.22 -3.24
C LEU A 43 -5.70 -3.74 -3.53
N TYR A 44 -6.56 -3.42 -2.59
CA TYR A 44 -7.99 -3.80 -2.63
C TYR A 44 -8.73 -3.02 -1.54
N ASN A 45 -9.86 -2.50 -1.96
CA ASN A 45 -10.76 -1.69 -1.08
C ASN A 45 -11.41 -2.46 0.09
N GLN A 46 -10.98 -3.67 0.34
CA GLN A 46 -11.59 -4.45 1.47
C GLN A 46 -10.57 -5.08 2.41
N ALA A 47 -10.57 -4.59 3.63
CA ALA A 47 -9.65 -5.08 4.70
C ALA A 47 -9.49 -6.62 4.68
N GLY A 48 -8.31 -7.07 5.05
CA GLY A 48 -8.01 -8.53 5.08
C GLY A 48 -8.32 -9.23 3.74
N CYS A 49 -7.92 -8.59 2.68
CA CYS A 49 -8.13 -9.12 1.28
C CYS A 49 -9.53 -9.72 1.05
N SER A 50 -10.51 -9.11 1.65
CA SER A 50 -11.92 -9.59 1.51
C SER A 50 -12.64 -8.79 0.39
N GLY A 51 -11.91 -8.60 -0.68
CA GLY A 51 -12.46 -7.83 -1.86
C GLY A 51 -11.69 -8.12 -3.15
N VAL A 52 -11.94 -7.24 -4.11
CA VAL A 52 -11.28 -7.33 -5.46
C VAL A 52 -10.08 -6.38 -5.46
N ALA A 53 -9.10 -6.69 -6.28
CA ALA A 53 -7.88 -5.82 -6.34
C ALA A 53 -8.02 -4.69 -7.36
N HIS A 54 -7.45 -3.57 -7.00
CA HIS A 54 -7.48 -2.35 -7.86
C HIS A 54 -6.10 -1.95 -8.41
N THR A 55 -5.13 -1.81 -7.53
CA THR A 55 -3.75 -1.42 -7.99
C THR A 55 -2.65 -2.42 -7.60
N ARG A 56 -2.19 -3.14 -8.59
CA ARG A 56 -1.12 -4.16 -8.39
C ARG A 56 0.24 -3.54 -8.74
N PHE A 57 1.10 -3.45 -7.76
CA PHE A 57 2.46 -2.86 -7.99
C PHE A 57 3.47 -3.95 -8.37
N GLY A 58 3.85 -3.95 -9.61
CA GLY A 58 4.83 -4.95 -10.14
C GLY A 58 6.25 -4.53 -9.75
N SER A 59 6.44 -3.24 -9.64
CA SER A 59 7.76 -2.65 -9.27
C SER A 59 7.53 -1.37 -8.44
N SER A 60 8.54 -0.97 -7.71
CA SER A 60 8.49 0.25 -6.85
C SER A 60 7.67 1.40 -7.48
N ALA A 61 6.69 1.87 -6.74
CA ALA A 61 5.81 2.98 -7.22
C ALA A 61 5.63 4.03 -6.12
N ARG A 62 6.37 5.11 -6.27
CA ARG A 62 6.33 6.25 -5.29
C ARG A 62 5.19 7.26 -5.54
N ALA A 63 3.98 6.83 -5.32
CA ALA A 63 2.79 7.73 -5.53
C ALA A 63 2.52 8.61 -4.29
N CYS A 64 1.66 9.58 -4.45
CA CYS A 64 1.32 10.50 -3.32
C CYS A 64 -0.14 10.97 -3.43
N ASN A 65 -0.87 10.34 -4.33
CA ASN A 65 -2.31 10.69 -4.55
C ASN A 65 -3.10 10.29 -3.28
N PRO A 66 -4.31 10.77 -3.12
CA PRO A 66 -5.21 10.31 -2.02
C PRO A 66 -5.42 8.78 -2.09
N PHE A 67 -5.57 8.18 -0.95
CA PHE A 67 -5.79 6.69 -0.86
C PHE A 67 -7.07 6.32 -1.61
N GLY A 68 -7.17 5.05 -1.92
CA GLY A 68 -8.38 4.56 -2.65
C GLY A 68 -8.65 3.10 -2.34
N TRP A 69 -8.08 2.61 -1.26
CA TRP A 69 -8.29 1.17 -0.89
C TRP A 69 -8.57 1.04 0.61
N LYS A 70 -8.29 -0.12 1.16
CA LYS A 70 -8.51 -0.38 2.61
C LYS A 70 -7.35 -1.23 3.14
N SER A 71 -6.85 -2.07 2.27
CA SER A 71 -5.72 -2.99 2.63
C SER A 71 -4.89 -3.41 1.41
N ILE A 72 -3.71 -3.90 1.72
CA ILE A 72 -2.72 -4.37 0.71
C ILE A 72 -2.19 -5.77 1.04
N PHE A 73 -1.97 -6.53 0.00
CA PHE A 73 -1.45 -7.93 0.14
C PHE A 73 -0.04 -7.99 -0.46
N ILE A 74 0.86 -8.57 0.28
CA ILE A 74 2.28 -8.68 -0.21
C ILE A 74 2.80 -10.08 0.13
N GLN A 75 3.65 -10.59 -0.73
CA GLN A 75 4.26 -11.94 -0.53
C GLN A 75 5.55 -11.90 0.30
N CYS A 76 6.01 -13.05 0.70
CA CYS A 76 7.26 -13.15 1.50
C CYS A 76 8.53 -13.03 0.63
#